data_6DS5
#
_entry.id   6DS5
#
_cell.length_a   1
_cell.length_b   1
_cell.length_c   1
_cell.angle_alpha   90.00
_cell.angle_beta   90.00
_cell.angle_gamma   90.00
#
_symmetry.space_group_name_H-M   'P 1'
#
loop_
_entity.id
_entity.type
_entity.pdbx_description
1 polymer Seipin
2 branched 2-acetamido-2-deoxy-beta-D-glucopyranose-(1-4)-2-acetamido-2-deoxy-beta-D-glucopyranose
#
_entity_poly.entity_id   1
_entity_poly.type   'polypeptide(L)'
_entity_poly.pdbx_seq_one_letter_code
;MSGRWSHPQFEKVNDPPVPALLWAQEVGQVLAGRARRLLLQFGVLFCTILLLLWVSVFLYGSFYYSYMPTVSHLSPVHFY
YRTDCDSSTTSLCSFPVANVSLTKGGRDRVLMYGQPYRVTLELELPESPVNQDLGMFLVTISCYTRGGRIISTSSRSVML
HYRSDLLQMLDTLVFSSLLLFGFAEQKQLLEVELYADYRENSYVPTTGAIIEIHSKRIQLYGAYLRIHAHFTGLRYLLYN
FPMTCAFIGVASNFTFLSVIVLFSYMQWVWGGIWPRHRFSLQVNIRKRDNSRKEVQRRISAHQPGPEGQEESTPQSDVTE
DGESPEDPSGTEGQLSEEEKPDQQPLSGEEELEPEASDGSGSWEDAALLTEANLPAPAPASASAPVLETLGSSEPAGGAL
RQRPTCSSS
;
_entity_poly.pdbx_strand_id   A,B,C,D,E,F,G,H,I,J,K
#
loop_
_chem_comp.id
_chem_comp.type
_chem_comp.name
_chem_comp.formula
NAG D-saccharide, beta linking 2-acetamido-2-deoxy-beta-D-glucopyranose 'C8 H15 N O6'
#
# COMPACT_ATOMS: atom_id res chain seq x y z
N VAL A 71 -30.14 -4.11 55.81
CA VAL A 71 -29.21 -4.93 55.05
C VAL A 71 -29.53 -4.94 53.57
N SER A 72 -28.75 -5.70 52.80
CA SER A 72 -28.89 -5.70 51.34
C SER A 72 -28.28 -6.98 50.79
N HIS A 73 -29.11 -7.88 50.27
CA HIS A 73 -28.60 -9.09 49.67
C HIS A 73 -28.58 -8.96 48.15
N LEU A 74 -27.53 -9.47 47.55
CA LEU A 74 -27.41 -9.51 46.10
C LEU A 74 -27.87 -10.86 45.59
N SER A 75 -27.77 -11.04 44.27
CA SER A 75 -28.14 -12.29 43.63
C SER A 75 -27.45 -12.31 42.28
N PRO A 76 -26.86 -13.43 41.88
CA PRO A 76 -26.12 -13.45 40.63
C PRO A 76 -27.05 -13.46 39.43
N VAL A 77 -26.55 -12.93 38.33
CA VAL A 77 -27.30 -12.85 37.07
C VAL A 77 -26.57 -13.72 36.06
N HIS A 78 -27.30 -14.61 35.40
CA HIS A 78 -26.74 -15.49 34.39
C HIS A 78 -27.43 -15.22 33.07
N PHE A 79 -26.67 -14.74 32.10
CA PHE A 79 -27.22 -14.40 30.80
C PHE A 79 -27.38 -15.65 29.93
N TYR A 80 -28.20 -15.53 28.89
CA TYR A 80 -28.24 -16.50 27.81
C TYR A 80 -28.81 -15.83 26.57
N TYR A 81 -28.61 -16.49 25.42
CA TYR A 81 -28.96 -15.99 24.10
C TYR A 81 -28.82 -17.16 23.13
N ARG A 82 -29.53 -17.10 22.01
CA ARG A 82 -29.89 -18.36 21.35
C ARG A 82 -28.77 -18.96 20.50
N THR A 83 -28.10 -18.14 19.66
CA THR A 83 -27.14 -18.60 18.63
C THR A 83 -27.72 -19.69 17.74
N ASP A 84 -28.95 -19.50 17.29
CA ASP A 84 -29.51 -20.42 16.29
C ASP A 84 -28.96 -20.15 14.90
N CYS A 85 -28.57 -18.90 14.66
CA CYS A 85 -28.22 -18.44 13.33
C CYS A 85 -26.82 -18.91 12.94
N ASP A 86 -26.40 -18.52 11.75
CA ASP A 86 -25.18 -19.04 11.12
C ASP A 86 -23.93 -18.43 11.75
N SER A 87 -22.78 -18.75 11.18
CA SER A 87 -21.50 -18.34 11.75
C SER A 87 -21.26 -16.86 11.50
N SER A 88 -21.02 -16.12 12.57
CA SER A 88 -20.74 -14.70 12.51
C SER A 88 -19.23 -14.48 12.56
N THR A 89 -18.84 -13.21 12.61
CA THR A 89 -17.43 -12.86 12.81
C THR A 89 -17.09 -12.85 14.30
N THR A 90 -17.67 -11.91 15.04
CA THR A 90 -17.53 -11.83 16.49
C THR A 90 -18.84 -11.56 17.20
N SER A 91 -19.85 -11.04 16.52
CA SER A 91 -21.06 -10.60 17.18
C SER A 91 -21.90 -11.80 17.60
N LEU A 92 -22.88 -11.52 18.47
CA LEU A 92 -23.78 -12.55 18.96
C LEU A 92 -24.92 -12.71 17.96
N CYS A 93 -25.95 -13.44 18.36
CA CYS A 93 -27.09 -13.66 17.48
C CYS A 93 -28.35 -12.96 17.95
N SER A 94 -28.48 -12.68 19.24
CA SER A 94 -29.64 -11.94 19.72
C SER A 94 -29.22 -11.10 20.92
N PHE A 95 -30.17 -10.42 21.49
CA PHE A 95 -29.89 -9.55 22.62
C PHE A 95 -29.75 -10.40 23.88
N PRO A 96 -28.72 -10.21 24.68
CA PRO A 96 -28.57 -11.02 25.89
C PRO A 96 -29.59 -10.72 26.95
N VAL A 97 -30.55 -11.62 27.17
CA VAL A 97 -31.54 -11.44 28.21
C VAL A 97 -31.12 -12.28 29.41
N ALA A 98 -31.79 -12.06 30.54
CA ALA A 98 -31.56 -12.87 31.73
C ALA A 98 -32.76 -12.78 32.66
N ASN A 99 -33.40 -13.92 32.93
CA ASN A 99 -34.21 -14.07 34.13
C ASN A 99 -33.33 -14.10 35.36
N VAL A 100 -33.43 -13.12 36.17
CA VAL A 100 -32.93 -13.26 37.52
C VAL A 100 -34.10 -13.81 38.32
N SER A 101 -33.83 -14.40 39.48
CA SER A 101 -34.88 -14.93 40.32
C SER A 101 -34.74 -14.39 41.72
N LEU A 102 -35.86 -14.26 42.40
CA LEU A 102 -35.89 -13.71 43.75
C LEU A 102 -37.04 -14.41 44.46
N THR A 103 -37.35 -13.96 45.69
CA THR A 103 -38.33 -14.52 46.63
C THR A 103 -38.21 -16.05 46.77
N LYS A 104 -37.12 -16.44 47.41
CA LYS A 104 -36.79 -17.84 47.65
C LYS A 104 -37.73 -18.44 48.71
N GLY A 105 -37.40 -19.66 49.16
CA GLY A 105 -38.31 -20.46 49.98
C GLY A 105 -38.61 -19.84 51.35
N GLY A 106 -37.72 -19.00 51.86
CA GLY A 106 -38.03 -18.22 53.04
C GLY A 106 -38.54 -16.83 52.67
N ARG A 107 -39.37 -16.27 53.55
CA ARG A 107 -39.98 -14.96 53.31
C ARG A 107 -38.97 -13.85 53.58
N ASP A 108 -37.98 -13.76 52.70
CA ASP A 108 -36.95 -12.72 52.74
C ASP A 108 -36.84 -12.16 51.33
N ARG A 109 -37.68 -11.19 51.01
CA ARG A 109 -37.79 -10.65 49.66
C ARG A 109 -37.99 -9.15 49.78
N VAL A 110 -38.44 -8.53 48.69
CA VAL A 110 -38.79 -7.11 48.72
C VAL A 110 -39.99 -6.89 49.62
N LEU A 111 -39.85 -5.95 50.57
CA LEU A 111 -40.78 -5.81 51.68
C LEU A 111 -42.14 -5.30 51.21
N MET A 112 -43.13 -5.38 52.11
CA MET A 112 -44.51 -5.06 51.76
C MET A 112 -44.67 -3.57 51.50
N TYR A 113 -44.45 -2.75 52.51
CA TYR A 113 -44.16 -1.34 52.31
C TYR A 113 -42.94 -1.07 53.18
N GLY A 114 -41.77 -1.40 52.65
CA GLY A 114 -40.54 -1.22 53.37
C GLY A 114 -39.96 0.16 53.13
N GLN A 115 -38.81 0.38 53.74
CA GLN A 115 -38.01 1.54 53.38
C GLN A 115 -37.55 1.35 51.94
N PRO A 116 -37.71 2.37 51.09
CA PRO A 116 -37.69 2.14 49.64
C PRO A 116 -36.32 1.73 49.13
N TYR A 117 -36.34 1.06 47.98
CA TYR A 117 -35.21 0.32 47.46
C TYR A 117 -34.48 1.08 46.36
N ARG A 118 -33.21 0.73 46.20
CA ARG A 118 -32.31 1.35 45.22
C ARG A 118 -31.53 0.21 44.57
N VAL A 119 -32.03 -0.30 43.45
CA VAL A 119 -31.36 -1.41 42.80
C VAL A 119 -30.23 -0.86 41.94
N THR A 120 -29.13 -1.61 41.86
CA THR A 120 -28.04 -1.28 40.96
C THR A 120 -27.63 -2.58 40.28
N LEU A 121 -27.42 -2.53 38.98
CA LEU A 121 -26.98 -3.71 38.25
C LEU A 121 -25.48 -3.59 38.09
N GLU A 122 -24.73 -4.16 39.04
CA GLU A 122 -23.27 -4.09 39.00
C GLU A 122 -22.77 -5.00 37.90
N LEU A 123 -22.43 -4.40 36.77
CA LEU A 123 -22.07 -5.10 35.55
C LEU A 123 -20.55 -5.08 35.39
N GLU A 124 -20.03 -6.05 34.65
CA GLU A 124 -18.59 -6.30 34.61
C GLU A 124 -18.11 -6.25 33.18
N LEU A 125 -17.01 -5.55 32.90
CA LEU A 125 -16.58 -5.44 31.52
C LEU A 125 -15.06 -5.47 31.43
N PRO A 126 -14.50 -6.16 30.46
CA PRO A 126 -13.06 -6.05 30.21
C PRO A 126 -12.77 -5.02 29.13
N GLU A 127 -11.56 -4.49 29.11
CA GLU A 127 -11.20 -3.45 28.14
C GLU A 127 -10.68 -4.07 26.85
N SER A 128 -11.56 -4.74 26.13
CA SER A 128 -11.20 -5.27 24.84
C SER A 128 -11.12 -4.15 23.81
N PRO A 129 -10.48 -4.36 22.67
CA PRO A 129 -10.64 -3.27 21.74
C PRO A 129 -12.11 -3.24 21.29
N VAL A 130 -12.64 -4.43 21.08
CA VAL A 130 -14.02 -4.60 20.61
C VAL A 130 -14.98 -4.01 21.60
N ASN A 131 -14.73 -4.24 22.88
CA ASN A 131 -15.59 -3.68 23.90
C ASN A 131 -15.55 -2.17 23.89
N GLN A 132 -14.38 -1.61 23.67
CA GLN A 132 -14.21 -0.19 23.60
C GLN A 132 -14.96 0.47 22.45
N ASP A 133 -15.09 -0.16 21.29
CA ASP A 133 -15.78 0.59 20.20
C ASP A 133 -17.25 1.06 20.37
N LEU A 134 -18.10 0.17 20.85
CA LEU A 134 -19.52 0.38 21.14
C LEU A 134 -19.71 1.64 21.96
N GLY A 135 -20.56 2.53 21.47
CA GLY A 135 -20.66 3.80 22.15
C GLY A 135 -21.53 3.73 23.37
N MET A 136 -22.81 3.57 23.17
CA MET A 136 -23.74 3.50 24.28
C MET A 136 -24.57 2.25 24.13
N PHE A 137 -25.05 1.73 25.25
CA PHE A 137 -26.04 0.68 25.17
C PHE A 137 -26.98 0.82 26.34
N LEU A 138 -28.27 0.64 26.11
CA LEU A 138 -29.24 0.85 27.17
C LEU A 138 -29.59 -0.50 27.78
N VAL A 139 -29.40 -0.60 29.08
CA VAL A 139 -29.86 -1.75 29.85
C VAL A 139 -31.27 -1.44 30.36
N THR A 140 -32.21 -2.32 30.03
CA THR A 140 -33.58 -2.15 30.48
C THR A 140 -33.82 -3.11 31.63
N ILE A 141 -35.07 -3.15 32.10
CA ILE A 141 -35.46 -4.02 33.20
C ILE A 141 -36.97 -4.16 33.12
N SER A 142 -37.49 -5.24 33.69
CA SER A 142 -38.93 -5.40 33.82
C SER A 142 -39.15 -6.34 34.99
N CYS A 143 -39.98 -5.95 35.94
CA CYS A 143 -40.26 -6.79 37.08
C CYS A 143 -41.56 -7.56 36.85
N TYR A 144 -41.52 -8.87 37.08
CA TYR A 144 -42.69 -9.72 36.91
C TYR A 144 -43.16 -10.23 38.27
N THR A 145 -44.47 -10.49 38.38
CA THR A 145 -45.08 -10.78 39.66
C THR A 145 -45.58 -12.20 39.79
N ARG A 146 -46.52 -12.63 38.94
CA ARG A 146 -47.06 -13.97 39.01
C ARG A 146 -47.65 -14.26 37.63
N GLY A 147 -46.93 -15.03 36.82
CA GLY A 147 -47.24 -15.15 35.42
C GLY A 147 -46.40 -14.18 34.61
N GLY A 148 -46.78 -14.02 33.34
CA GLY A 148 -46.14 -13.05 32.49
C GLY A 148 -46.67 -11.64 32.74
N ARG A 149 -46.49 -11.15 33.95
CA ARG A 149 -47.20 -9.98 34.44
C ARG A 149 -46.19 -8.93 34.87
N ILE A 150 -45.90 -8.00 33.96
CA ILE A 150 -45.02 -6.89 34.27
C ILE A 150 -45.70 -5.94 35.24
N ILE A 151 -44.94 -5.43 36.20
CA ILE A 151 -45.43 -4.39 37.08
C ILE A 151 -44.71 -3.05 36.86
N SER A 152 -43.41 -3.08 36.55
CA SER A 152 -42.65 -1.86 36.37
C SER A 152 -41.52 -2.11 35.40
N THR A 153 -41.26 -1.11 34.55
CA THR A 153 -40.15 -1.12 33.60
C THR A 153 -39.30 0.12 33.82
N SER A 154 -38.12 0.11 33.23
CA SER A 154 -37.22 1.26 33.22
C SER A 154 -36.26 1.09 32.05
N SER A 155 -35.29 1.99 31.96
CA SER A 155 -34.23 1.95 30.97
C SER A 155 -33.16 2.93 31.39
N ARG A 156 -31.90 2.52 31.27
CA ARG A 156 -30.80 3.44 31.48
C ARG A 156 -29.78 3.21 30.40
N SER A 157 -29.42 4.25 29.67
CA SER A 157 -28.27 4.15 28.79
C SER A 157 -27.02 4.12 29.65
N VAL A 158 -25.98 3.45 29.16
CA VAL A 158 -24.73 3.43 29.89
C VAL A 158 -23.60 3.38 28.87
N MET A 159 -22.42 3.75 29.34
CA MET A 159 -21.26 4.11 28.54
C MET A 159 -20.06 3.44 29.18
N LEU A 160 -19.28 2.74 28.39
CA LEU A 160 -18.03 2.19 28.91
C LEU A 160 -17.05 3.34 29.14
N HIS A 161 -16.45 3.34 30.31
CA HIS A 161 -15.71 4.49 30.81
C HIS A 161 -14.40 4.64 30.06
N TYR A 162 -14.24 5.75 29.34
CA TYR A 162 -13.22 5.89 28.30
C TYR A 162 -11.84 6.14 28.89
N ARG A 163 -10.82 5.61 28.20
CA ARG A 163 -9.43 5.97 28.41
C ARG A 163 -8.73 6.10 27.06
N SER A 164 -7.70 6.92 27.01
CA SER A 164 -6.95 7.08 25.78
C SER A 164 -5.98 5.92 25.62
N ASP A 165 -5.29 5.89 24.47
CA ASP A 165 -4.38 4.79 24.21
C ASP A 165 -3.04 4.99 24.90
N LEU A 166 -2.54 6.21 24.92
CA LEU A 166 -1.29 6.50 25.63
C LEU A 166 -1.45 6.27 27.12
N LEU A 167 -2.62 6.57 27.66
CA LEU A 167 -2.83 6.32 29.08
C LEU A 167 -2.99 4.84 29.36
N GLN A 168 -3.48 4.06 28.40
CA GLN A 168 -3.48 2.61 28.61
C GLN A 168 -2.08 2.04 28.57
N MET A 169 -1.20 2.60 27.74
CA MET A 169 0.19 2.16 27.75
C MET A 169 0.86 2.50 29.07
N LEU A 170 0.62 3.72 29.57
CA LEU A 170 1.17 4.06 30.88
C LEU A 170 0.51 3.29 32.02
N ASP A 171 -0.74 2.85 31.84
CA ASP A 171 -1.39 2.08 32.89
C ASP A 171 -0.80 0.67 32.96
N THR A 172 -0.65 0.02 31.81
CA THR A 172 -0.09 -1.32 31.84
C THR A 172 1.43 -1.31 31.96
N LEU A 173 2.07 -0.14 31.95
CA LEU A 173 3.49 -0.08 32.28
C LEU A 173 3.77 0.30 33.72
N VAL A 174 3.02 1.25 34.29
CA VAL A 174 3.23 1.63 35.69
C VAL A 174 2.75 0.53 36.62
N PHE A 175 1.54 0.01 36.37
CA PHE A 175 1.01 -1.05 37.22
C PHE A 175 1.43 -2.42 36.68
N SER A 176 2.71 -2.60 36.40
CA SER A 176 3.15 -3.91 35.94
C SER A 176 3.48 -4.83 37.09
N SER A 177 3.59 -4.30 38.29
CA SER A 177 3.86 -5.13 39.45
C SER A 177 2.59 -5.78 39.99
N LEU A 178 1.43 -5.15 39.78
CA LEU A 178 0.20 -5.72 40.30
C LEU A 178 -0.45 -6.65 39.29
N LEU A 179 -0.36 -6.33 38.00
CA LEU A 179 -1.12 -7.06 36.99
C LEU A 179 -0.50 -8.41 36.66
N LEU A 180 0.81 -8.55 36.82
CA LEU A 180 1.50 -9.80 36.52
C LEU A 180 1.44 -10.80 37.65
N PHE A 181 0.66 -10.55 38.70
CA PHE A 181 0.61 -11.49 39.81
C PHE A 181 -0.81 -11.68 40.32
N GLY A 182 -1.82 -11.38 39.50
CA GLY A 182 -3.20 -11.67 39.80
C GLY A 182 -3.95 -10.55 40.47
N PHE A 183 -3.24 -9.62 41.12
CA PHE A 183 -3.88 -8.62 41.94
C PHE A 183 -4.47 -7.52 41.07
N ALA A 184 -5.80 -7.34 41.13
CA ALA A 184 -6.54 -6.24 40.51
C ALA A 184 -6.35 -6.19 39.00
N GLU A 185 -6.84 -7.23 38.33
CA GLU A 185 -6.67 -7.45 36.91
C GLU A 185 -7.49 -6.43 36.10
N GLN A 186 -7.26 -6.37 34.79
CA GLN A 186 -7.79 -5.31 33.93
C GLN A 186 -9.29 -5.38 33.70
N LYS A 187 -10.07 -5.17 34.74
CA LYS A 187 -11.52 -5.10 34.65
C LYS A 187 -11.96 -3.66 34.79
N GLN A 188 -13.19 -3.38 34.42
CA GLN A 188 -13.70 -2.03 34.48
C GLN A 188 -15.16 -2.03 34.94
N LEU A 189 -15.41 -2.60 36.12
CA LEU A 189 -16.78 -2.91 36.55
C LEU A 189 -17.65 -1.67 36.66
N LEU A 190 -18.76 -1.69 35.94
CA LEU A 190 -19.70 -0.58 35.93
C LEU A 190 -20.61 -0.65 37.14
N GLU A 191 -21.49 0.33 37.23
CA GLU A 191 -22.54 0.36 38.23
C GLU A 191 -23.60 1.33 37.73
N VAL A 192 -24.79 0.81 37.47
CA VAL A 192 -25.83 1.67 36.91
C VAL A 192 -27.15 1.52 37.66
N GLU A 193 -27.51 2.54 38.43
CA GLU A 193 -28.74 2.47 39.21
C GLU A 193 -29.92 2.73 38.31
N LEU A 194 -30.99 2.00 38.54
CA LEU A 194 -32.12 2.06 37.62
C LEU A 194 -33.48 1.99 38.29
N TYR A 195 -33.55 1.86 39.61
CA TYR A 195 -34.76 2.12 40.37
C TYR A 195 -34.43 2.88 41.64
N ALA A 196 -33.73 4.00 41.52
CA ALA A 196 -33.53 4.90 42.63
C ALA A 196 -34.86 5.29 43.26
N ASP A 197 -35.02 4.94 44.54
CA ASP A 197 -36.27 4.99 45.30
C ASP A 197 -37.36 4.14 44.63
N TYR A 198 -37.14 2.83 44.69
CA TYR A 198 -38.13 1.86 44.24
C TYR A 198 -39.15 1.57 45.31
N ARG A 199 -40.40 1.39 44.90
CA ARG A 199 -41.49 1.01 45.79
C ARG A 199 -42.19 -0.21 45.23
N GLU A 200 -42.98 -0.87 46.07
CA GLU A 200 -43.74 -2.06 45.67
C GLU A 200 -45.21 -1.85 46.03
N ASN A 201 -45.94 -1.22 45.13
CA ASN A 201 -47.29 -0.76 45.42
C ASN A 201 -48.32 -1.82 45.09
N SER A 202 -49.51 -1.64 45.68
CA SER A 202 -50.71 -2.48 45.59
C SER A 202 -50.51 -3.88 46.16
N TYR A 203 -49.36 -4.16 46.77
CA TYR A 203 -49.05 -5.37 47.53
C TYR A 203 -49.20 -6.64 46.70
N VAL A 204 -48.90 -6.55 45.41
CA VAL A 204 -48.67 -7.73 44.59
C VAL A 204 -47.18 -8.01 44.62
N PRO A 205 -46.76 -9.22 44.95
CA PRO A 205 -45.33 -9.47 45.22
C PRO A 205 -44.52 -9.51 43.94
N THR A 206 -43.32 -8.93 43.99
CA THR A 206 -42.40 -8.97 42.86
C THR A 206 -41.60 -10.26 42.93
N THR A 207 -41.78 -11.11 41.93
CA THR A 207 -41.09 -12.40 41.96
C THR A 207 -39.64 -12.26 41.52
N GLY A 208 -39.38 -11.54 40.44
CA GLY A 208 -38.02 -11.38 39.97
C GLY A 208 -37.89 -10.30 38.93
N ALA A 209 -36.91 -10.41 38.04
CA ALA A 209 -36.74 -9.41 37.01
C ALA A 209 -36.18 -10.05 35.75
N ILE A 210 -36.42 -9.39 34.63
CA ILE A 210 -35.93 -9.80 33.33
C ILE A 210 -35.05 -8.67 32.85
N ILE A 211 -33.74 -8.78 33.04
CA ILE A 211 -32.87 -7.70 32.65
C ILE A 211 -32.27 -8.02 31.30
N GLU A 212 -31.92 -7.00 30.54
CA GLU A 212 -31.70 -7.17 29.11
C GLU A 212 -30.89 -6.00 28.58
N ILE A 213 -29.75 -6.27 27.97
CA ILE A 213 -28.94 -5.22 27.35
C ILE A 213 -29.07 -5.32 25.84
N HIS A 214 -29.21 -4.19 25.19
CA HIS A 214 -29.52 -4.16 23.76
C HIS A 214 -28.27 -3.86 22.92
N SER A 215 -27.32 -4.79 22.92
CA SER A 215 -26.22 -4.71 21.95
C SER A 215 -25.71 -6.09 21.63
N LYS A 216 -25.72 -6.42 20.33
CA LYS A 216 -25.31 -7.74 19.90
C LYS A 216 -23.81 -7.96 20.00
N ARG A 217 -23.04 -6.91 20.27
CA ARG A 217 -21.59 -6.97 20.27
C ARG A 217 -21.11 -6.43 21.60
N ILE A 218 -21.00 -7.29 22.60
CA ILE A 218 -20.63 -6.89 23.95
C ILE A 218 -19.97 -8.09 24.62
N GLN A 219 -18.93 -7.83 25.39
CA GLN A 219 -18.17 -8.88 26.05
C GLN A 219 -18.20 -8.58 27.53
N LEU A 220 -18.79 -9.47 28.32
CA LEU A 220 -18.92 -9.19 29.74
C LEU A 220 -18.79 -10.49 30.52
N TYR A 221 -18.10 -10.42 31.66
CA TYR A 221 -17.89 -11.61 32.48
C TYR A 221 -19.16 -12.03 33.18
N GLY A 222 -19.65 -11.21 34.10
CA GLY A 222 -20.80 -11.58 34.90
C GLY A 222 -21.56 -10.36 35.36
N ALA A 223 -22.55 -10.54 36.24
CA ALA A 223 -23.38 -9.43 36.63
C ALA A 223 -24.00 -9.71 37.99
N TYR A 224 -23.92 -8.73 38.88
CA TYR A 224 -24.60 -8.79 40.17
C TYR A 224 -25.75 -7.80 40.18
N LEU A 225 -26.72 -8.03 41.04
CA LEU A 225 -27.89 -7.16 41.12
C LEU A 225 -28.10 -6.80 42.59
N ARG A 226 -27.57 -5.65 43.00
CA ARG A 226 -27.81 -5.17 44.35
C ARG A 226 -29.23 -4.67 44.47
N ILE A 227 -30.01 -5.24 45.36
CA ILE A 227 -31.16 -4.54 45.93
C ILE A 227 -30.72 -4.04 47.29
N HIS A 228 -31.09 -2.82 47.63
CA HIS A 228 -30.49 -2.17 48.77
C HIS A 228 -31.54 -1.33 49.49
N ALA A 229 -31.42 -1.23 50.80
CA ALA A 229 -32.40 -0.48 51.58
C ALA A 229 -31.90 0.93 51.84
N HIS A 230 -32.61 1.67 52.68
CA HIS A 230 -32.17 2.97 53.16
C HIS A 230 -32.52 3.17 54.63
N VAL B 71 -32.06 29.84 46.05
CA VAL B 71 -31.45 28.53 45.87
C VAL B 71 -31.69 27.97 44.47
N SER B 72 -31.19 26.76 44.22
CA SER B 72 -31.25 26.16 42.89
C SER B 72 -31.12 24.65 43.02
N HIS B 73 -32.19 23.93 42.75
CA HIS B 73 -32.12 22.47 42.77
C HIS B 73 -31.98 21.92 41.36
N LEU B 74 -31.15 20.90 41.23
CA LEU B 74 -30.99 20.21 39.96
C LEU B 74 -31.87 18.98 39.94
N SER B 75 -31.79 18.23 38.85
CA SER B 75 -32.54 17.01 38.69
C SER B 75 -31.86 16.19 37.62
N PRO B 76 -31.68 14.89 37.80
CA PRO B 76 -30.94 14.10 36.83
C PRO B 76 -31.76 13.85 35.58
N VAL B 77 -31.05 13.68 34.47
CA VAL B 77 -31.66 13.42 33.17
C VAL B 77 -31.25 12.02 32.74
N HIS B 78 -32.23 11.21 32.35
CA HIS B 78 -31.96 9.86 31.90
C HIS B 78 -32.45 9.71 30.47
N PHE B 79 -31.53 9.47 29.55
CA PHE B 79 -31.88 9.35 28.15
C PHE B 79 -32.42 7.96 27.83
N TYR B 80 -33.09 7.86 26.69
CA TYR B 80 -33.43 6.58 26.09
C TYR B 80 -33.67 6.78 24.60
N TYR B 81 -33.67 5.68 23.87
CA TYR B 81 -33.76 5.62 22.41
C TYR B 81 -33.99 4.16 22.04
N ARG B 82 -34.60 3.94 20.86
CA ARG B 82 -35.35 2.70 20.69
C ARG B 82 -34.46 1.48 20.38
N THR B 83 -33.52 1.60 19.44
CA THR B 83 -32.74 0.48 18.86
C THR B 83 -33.62 -0.66 18.37
N ASP B 84 -34.70 -0.33 17.66
CA ASP B 84 -35.50 -1.37 17.03
C ASP B 84 -34.82 -1.90 15.77
N CYS B 85 -34.01 -1.07 15.12
CA CYS B 85 -33.45 -1.36 13.82
C CYS B 85 -32.30 -2.35 13.93
N ASP B 86 -31.71 -2.66 12.79
CA ASP B 86 -30.73 -3.74 12.66
C ASP B 86 -29.38 -3.33 13.23
N SER B 87 -28.39 -4.20 13.06
CA SER B 87 -27.07 -3.98 13.65
C SER B 87 -26.31 -2.91 12.89
N SER B 88 -25.88 -1.89 13.62
CA SER B 88 -25.11 -0.79 13.06
C SER B 88 -23.63 -1.04 13.30
N THR B 89 -22.81 -0.05 12.92
CA THR B 89 -21.38 -0.10 13.23
C THR B 89 -21.12 0.46 14.64
N THR B 90 -21.36 1.76 14.81
CA THR B 90 -21.27 2.41 16.11
C THR B 90 -22.43 3.34 16.40
N SER B 91 -23.15 3.79 15.39
CA SER B 91 -24.17 4.81 15.58
C SER B 91 -25.39 4.23 16.26
N LEU B 92 -26.24 5.14 16.75
CA LEU B 92 -27.47 4.74 17.43
C LEU B 92 -28.55 4.51 16.38
N CYS B 93 -29.80 4.39 16.82
CA CYS B 93 -30.89 4.16 15.90
C CYS B 93 -31.84 5.34 15.80
N SER B 94 -31.93 6.18 16.83
CA SER B 94 -32.77 7.36 16.76
C SER B 94 -32.13 8.47 17.58
N PHE B 95 -32.80 9.58 17.65
CA PHE B 95 -32.28 10.72 18.38
C PHE B 95 -32.52 10.51 19.86
N PRO B 96 -31.52 10.70 20.71
CA PRO B 96 -31.71 10.49 22.15
C PRO B 96 -32.61 11.52 22.78
N VAL B 97 -33.83 11.15 23.16
CA VAL B 97 -34.74 12.04 23.83
C VAL B 97 -34.70 11.73 25.32
N ALA B 98 -35.29 12.61 26.12
CA ALA B 98 -35.43 12.36 27.56
C ALA B 98 -36.56 13.20 28.12
N ASN B 99 -37.56 12.54 28.70
CA ASN B 99 -38.43 13.19 29.68
C ASN B 99 -37.67 13.43 30.96
N VAL B 100 -37.45 14.65 31.29
CA VAL B 100 -37.10 14.97 32.66
C VAL B 100 -38.41 15.20 33.37
N SER B 101 -38.43 15.11 34.69
CA SER B 101 -39.64 15.34 35.45
C SER B 101 -39.37 16.38 36.53
N LEU B 102 -40.41 17.12 36.88
CA LEU B 102 -40.30 18.17 37.87
C LEU B 102 -41.65 18.24 38.57
N THR B 103 -41.84 19.24 39.43
CA THR B 103 -43.00 19.48 40.32
C THR B 103 -43.43 18.20 41.06
N LYS B 104 -42.57 17.82 42.00
CA LYS B 104 -42.77 16.63 42.83
C LYS B 104 -43.90 16.87 43.83
N GLY B 105 -44.05 15.93 44.78
CA GLY B 105 -45.22 15.88 45.66
C GLY B 105 -45.34 17.08 46.59
N GLY B 106 -44.24 17.76 46.89
CA GLY B 106 -44.29 19.02 47.60
C GLY B 106 -44.28 20.20 46.62
N ARG B 107 -44.89 21.31 47.03
CA ARG B 107 -44.99 22.49 46.18
C ARG B 107 -43.66 23.26 46.18
N ASP B 108 -42.66 22.65 45.55
CA ASP B 108 -41.34 23.25 45.37
C ASP B 108 -40.97 23.07 43.90
N ARG B 109 -41.41 24.01 43.07
CA ARG B 109 -41.26 23.91 41.62
C ARG B 109 -40.92 25.30 41.10
N VAL B 110 -41.06 25.49 39.80
CA VAL B 110 -40.89 26.81 39.19
C VAL B 110 -41.98 27.76 39.69
N LEU B 111 -41.56 28.91 40.20
CA LEU B 111 -42.42 29.80 40.97
C LEU B 111 -43.49 30.44 40.08
N MET B 112 -44.48 31.06 40.74
CA MET B 112 -45.64 31.59 40.04
C MET B 112 -45.26 32.79 39.18
N TYR B 113 -44.81 33.86 39.82
CA TYR B 113 -44.03 34.89 39.14
C TYR B 113 -42.83 35.13 40.03
N GLY B 114 -41.83 34.26 39.91
CA GLY B 114 -40.65 34.36 40.74
C GLY B 114 -39.60 35.24 40.09
N GLN B 115 -38.48 35.36 40.77
CA GLN B 115 -37.31 35.94 40.14
C GLN B 115 -36.90 35.02 39.00
N PRO B 116 -36.64 35.55 37.81
CA PRO B 116 -36.63 34.73 36.60
C PRO B 116 -35.48 33.74 36.56
N TYR B 117 -35.68 32.69 35.79
CA TYR B 117 -34.86 31.49 35.83
C TYR B 117 -33.87 31.44 34.68
N ARG B 118 -32.79 30.69 34.91
CA ARG B 118 -31.69 30.52 33.96
C ARG B 118 -31.34 29.04 33.98
N VAL B 119 -31.93 28.27 33.08
CA VAL B 119 -31.67 26.85 33.04
C VAL B 119 -30.38 26.59 32.28
N THR B 120 -29.62 25.60 32.71
CA THR B 120 -28.44 25.15 31.98
C THR B 120 -28.49 23.64 31.96
N LEU B 121 -28.22 23.05 30.81
CA LEU B 121 -28.20 21.60 30.71
C LEU B 121 -26.74 21.18 30.80
N GLU B 122 -26.28 20.87 32.01
CA GLU B 122 -24.89 20.49 32.23
C GLU B 122 -24.69 19.08 31.69
N LEU B 123 -24.11 19.00 30.51
CA LEU B 123 -23.97 17.77 29.75
C LEU B 123 -22.54 17.26 29.90
N GLU B 124 -22.36 15.96 29.71
CA GLU B 124 -21.11 15.29 30.05
C GLU B 124 -20.58 14.56 28.83
N LEU B 125 -19.30 14.71 28.52
CA LEU B 125 -18.78 14.08 27.32
C LEU B 125 -17.37 13.56 27.54
N PRO B 126 -17.06 12.38 27.04
CA PRO B 126 -15.66 11.93 27.04
C PRO B 126 -14.98 12.25 25.73
N GLU B 127 -13.65 12.32 25.72
CA GLU B 127 -12.91 12.68 24.52
C GLU B 127 -12.58 11.43 23.70
N SER B 128 -13.62 10.81 23.16
CA SER B 128 -13.40 9.69 22.27
C SER B 128 -12.90 10.18 20.91
N PRO B 129 -12.31 9.30 20.11
CA PRO B 129 -12.04 9.89 18.80
C PRO B 129 -13.38 10.13 18.10
N VAL B 130 -14.29 9.17 18.27
CA VAL B 130 -15.60 9.21 17.64
C VAL B 130 -16.35 10.43 18.11
N ASN B 131 -16.29 10.70 19.40
CA ASN B 131 -16.95 11.87 19.94
C ASN B 131 -16.39 13.14 19.36
N GLN B 132 -15.08 13.19 19.19
CA GLN B 132 -14.41 14.33 18.61
C GLN B 132 -14.82 14.64 17.18
N ASP B 133 -15.09 13.64 16.35
CA ASP B 133 -15.41 14.02 14.94
C ASP B 133 -16.60 14.94 14.62
N LEU B 134 -17.75 14.66 15.21
CA LEU B 134 -19.02 15.38 15.14
C LEU B 134 -18.78 16.87 15.34
N GLY B 135 -19.24 17.68 14.38
CA GLY B 135 -18.92 19.08 14.47
C GLY B 135 -19.80 19.80 15.44
N MET B 136 -21.05 19.97 15.08
CA MET B 136 -22.00 20.67 15.92
C MET B 136 -23.21 19.79 16.12
N PHE B 137 -23.89 19.99 17.24
CA PHE B 137 -25.19 19.35 17.38
C PHE B 137 -26.06 20.27 18.21
N LEU B 138 -27.32 20.40 17.83
CA LEU B 138 -28.20 21.33 18.51
C LEU B 138 -29.03 20.55 19.52
N VAL B 139 -28.95 20.98 20.78
CA VAL B 139 -29.82 20.48 21.82
C VAL B 139 -31.04 21.38 21.89
N THR B 140 -32.22 20.79 21.76
CA THR B 140 -33.46 21.53 21.84
C THR B 140 -34.08 21.29 23.21
N ILE B 141 -35.28 21.84 23.40
CA ILE B 141 -35.99 21.68 24.66
C ILE B 141 -37.45 22.00 24.36
N SER B 142 -38.35 21.49 25.18
CA SER B 142 -39.77 21.83 25.10
C SER B 142 -40.35 21.60 26.47
N CYS B 143 -41.03 22.60 27.01
CA CYS B 143 -41.63 22.47 28.33
C CYS B 143 -43.10 22.10 28.17
N TYR B 144 -43.56 21.08 28.89
CA TYR B 144 -44.94 20.65 28.85
C TYR B 144 -45.62 20.94 30.18
N THR B 145 -46.93 21.15 30.13
CA THR B 145 -47.67 21.65 31.28
C THR B 145 -48.65 20.65 31.87
N ARG B 146 -49.63 20.20 31.08
CA ARG B 146 -50.62 19.25 31.57
C ARG B 146 -51.21 18.58 30.33
N GLY B 147 -50.78 17.37 30.05
CA GLY B 147 -51.04 16.76 28.77
C GLY B 147 -49.88 16.96 27.82
N GLY B 148 -50.12 16.66 26.55
CA GLY B 148 -49.14 16.93 25.52
C GLY B 148 -49.15 18.39 25.09
N ARG B 149 -48.86 19.28 26.02
CA ARG B 149 -49.13 20.70 25.87
C ARG B 149 -47.84 21.48 26.04
N ILE B 150 -47.19 21.78 24.90
CA ILE B 150 -45.99 22.59 24.92
C ILE B 150 -46.33 24.03 25.28
N ILE B 151 -45.48 24.65 26.10
CA ILE B 151 -45.61 26.06 26.38
C ILE B 151 -44.46 26.88 25.81
N SER B 152 -43.25 26.34 25.78
CA SER B 152 -42.09 27.08 25.29
C SER B 152 -41.09 26.09 24.72
N THR B 153 -40.45 26.50 23.63
CA THR B 153 -39.38 25.74 22.99
C THR B 153 -38.15 26.63 22.86
N SER B 154 -37.02 26.01 22.56
CA SER B 154 -35.78 26.71 22.26
C SER B 154 -34.89 25.77 21.46
N SER B 155 -33.66 26.20 21.23
CA SER B 155 -32.64 25.42 20.54
C SER B 155 -31.31 26.11 20.74
N ARG B 156 -30.28 25.34 21.03
CA ARG B 156 -28.93 25.88 21.06
C ARG B 156 -28.00 24.90 20.39
N SER B 157 -27.27 25.36 19.39
CA SER B 157 -26.19 24.55 18.87
C SER B 157 -25.07 24.52 19.88
N VAL B 158 -24.33 23.43 19.91
CA VAL B 158 -23.20 23.34 20.80
C VAL B 158 -22.12 22.52 20.13
N MET B 159 -20.90 22.69 20.63
CA MET B 159 -19.65 22.29 19.99
C MET B 159 -18.80 21.65 21.06
N LEU B 160 -18.28 20.46 20.77
CA LEU B 160 -17.33 19.86 21.70
C LEU B 160 -16.03 20.63 21.64
N HIS B 161 -15.51 20.98 22.81
CA HIS B 161 -14.43 21.94 22.95
C HIS B 161 -13.12 21.34 22.46
N TYR B 162 -12.55 21.93 21.41
CA TYR B 162 -11.50 21.29 20.62
C TYR B 162 -10.14 21.33 21.30
N ARG B 163 -9.36 20.28 21.10
CA ARG B 163 -7.93 20.27 21.40
C ARG B 163 -7.18 19.57 20.27
N SER B 164 -5.92 19.95 20.10
CA SER B 164 -5.10 19.32 19.08
C SER B 164 -4.61 17.96 19.57
N ASP B 165 -3.91 17.25 18.68
CA ASP B 165 -3.44 15.91 19.06
C ASP B 165 -2.16 15.97 19.86
N LEU B 166 -1.25 16.88 19.49
CA LEU B 166 -0.02 17.05 20.25
C LEU B 166 -0.31 17.56 21.66
N LEU B 167 -1.33 18.39 21.80
CA LEU B 167 -1.67 18.86 23.13
C LEU B 167 -2.36 17.77 23.93
N GLN B 168 -3.05 16.85 23.29
CA GLN B 168 -3.58 15.71 24.04
C GLN B 168 -2.47 14.78 24.50
N MET B 169 -1.41 14.63 23.69
CA MET B 169 -0.27 13.84 24.15
C MET B 169 0.43 14.50 25.32
N LEU B 170 0.61 15.83 25.27
CA LEU B 170 1.18 16.52 26.41
C LEU B 170 0.24 16.55 27.61
N ASP B 171 -1.06 16.49 27.38
CA ASP B 171 -2.00 16.48 28.50
C ASP B 171 -1.95 15.15 29.22
N THR B 172 -1.98 14.05 28.49
CA THR B 172 -1.93 12.76 29.15
C THR B 172 -0.53 12.36 29.53
N LEU B 173 0.48 13.15 29.19
CA LEU B 173 1.82 12.91 29.73
C LEU B 173 2.15 13.79 30.94
N VAL B 174 1.78 15.07 30.93
CA VAL B 174 2.03 15.93 32.08
C VAL B 174 1.15 15.55 33.25
N PHE B 175 -0.14 15.36 33.00
CA PHE B 175 -1.05 14.98 34.08
C PHE B 175 -1.12 13.47 34.22
N SER B 176 0.02 12.80 34.28
CA SER B 176 -0.01 11.36 34.46
C SER B 176 -0.08 10.98 35.92
N SER B 177 0.16 11.93 36.82
CA SER B 177 0.06 11.63 38.24
C SER B 177 -1.38 11.70 38.73
N LEU B 178 -2.22 12.50 38.07
CA LEU B 178 -3.60 12.60 38.52
C LEU B 178 -4.49 11.56 37.86
N LEU B 179 -4.24 11.26 36.59
CA LEU B 179 -5.16 10.43 35.83
C LEU B 179 -5.05 8.96 36.18
N LEU B 180 -3.88 8.51 36.63
CA LEU B 180 -3.66 7.11 36.98
C LEU B 180 -4.13 6.76 38.37
N PHE B 181 -4.80 7.67 39.08
CA PHE B 181 -5.24 7.37 40.43
C PHE B 181 -6.65 7.85 40.69
N GLY B 182 -7.45 8.06 39.65
CA GLY B 182 -8.86 8.36 39.77
C GLY B 182 -9.20 9.84 39.79
N PHE B 183 -8.23 10.69 40.13
CA PHE B 183 -8.52 12.09 40.37
C PHE B 183 -8.64 12.81 39.04
N ALA B 184 -9.81 13.40 38.78
CA ALA B 184 -10.09 14.28 37.63
C ALA B 184 -9.83 13.60 36.29
N GLU B 185 -10.63 12.59 36.01
CA GLU B 185 -10.48 11.73 34.85
C GLU B 185 -10.85 12.49 33.57
N GLN B 186 -10.55 11.91 32.40
CA GLN B 186 -10.63 12.59 31.11
C GLN B 186 -12.06 12.88 30.65
N LYS B 187 -12.75 13.75 31.36
CA LYS B 187 -14.07 14.20 30.97
C LYS B 187 -13.98 15.62 30.44
N GLN B 188 -15.02 16.06 29.75
CA GLN B 188 -15.02 17.39 29.19
C GLN B 188 -16.40 18.03 29.33
N LEU B 189 -16.91 18.13 30.56
CA LEU B 189 -18.31 18.47 30.81
C LEU B 189 -18.68 19.84 30.25
N LEU B 190 -19.69 19.84 29.40
CA LEU B 190 -20.18 21.06 28.78
C LEU B 190 -21.10 21.80 29.72
N GLU B 191 -21.59 22.93 29.24
CA GLU B 191 -22.60 23.72 29.93
C GLU B 191 -23.23 24.62 28.90
N VAL B 192 -24.52 24.44 28.64
CA VAL B 192 -25.15 25.24 27.60
C VAL B 192 -26.47 25.84 28.08
N GLU B 193 -26.48 27.14 28.30
CA GLU B 193 -27.68 27.79 28.80
C GLU B 193 -28.67 27.99 27.66
N LEU B 194 -29.94 27.77 27.95
CA LEU B 194 -30.92 27.76 26.89
C LEU B 194 -32.24 28.41 27.25
N TYR B 195 -32.42 28.89 28.48
CA TYR B 195 -33.48 29.81 28.83
C TYR B 195 -32.97 30.90 29.75
N ALA B 196 -31.91 31.59 29.32
CA ALA B 196 -31.45 32.78 30.01
C ALA B 196 -32.59 33.78 30.17
N ASP B 197 -32.92 34.09 31.43
CA ASP B 197 -34.11 34.84 31.85
C ASP B 197 -35.39 34.16 31.38
N TYR B 198 -35.65 33.00 31.98
CA TYR B 198 -36.90 32.28 31.77
C TYR B 198 -38.01 32.81 32.66
N ARG B 199 -39.23 32.85 32.11
CA ARG B 199 -40.41 33.24 32.86
C ARG B 199 -41.48 32.18 32.70
N GLU B 200 -42.48 32.21 33.56
CA GLU B 200 -43.59 31.26 33.53
C GLU B 200 -44.91 32.04 33.49
N ASN B 201 -45.33 32.41 32.29
CA ASN B 201 -46.44 33.33 32.11
C ASN B 201 -47.77 32.60 32.02
N SER B 202 -48.84 33.36 32.25
CA SER B 202 -50.25 32.97 32.28
C SER B 202 -50.60 31.97 33.38
N TYR B 203 -49.63 31.64 34.26
CA TYR B 203 -49.81 30.86 35.48
C TYR B 203 -50.37 29.46 35.20
N VAL B 204 -49.99 28.89 34.07
CA VAL B 204 -50.17 27.46 33.84
C VAL B 204 -48.86 26.79 34.25
N PRO B 205 -48.92 25.78 35.12
CA PRO B 205 -47.68 25.26 35.72
C PRO B 205 -46.89 24.42 34.73
N THR B 206 -45.56 24.57 34.78
CA THR B 206 -44.66 23.78 33.96
C THR B 206 -44.37 22.47 34.68
N THR B 207 -44.80 21.36 34.08
CA THR B 207 -44.61 20.07 34.74
C THR B 207 -43.19 19.57 34.58
N GLY B 208 -42.65 19.63 33.37
CA GLY B 208 -41.30 19.15 33.14
C GLY B 208 -40.74 19.59 31.81
N ALA B 209 -39.83 18.80 31.25
CA ALA B 209 -39.27 19.15 29.95
C ALA B 209 -38.93 17.89 29.18
N ILE B 210 -38.87 18.05 27.87
CA ILE B 210 -38.50 16.97 26.95
C ILE B 210 -37.25 17.46 26.25
N ILE B 211 -36.08 17.06 26.71
CA ILE B 211 -34.86 17.56 26.10
C ILE B 211 -34.36 16.51 25.13
N GLU B 212 -33.62 16.95 24.11
CA GLU B 212 -33.42 16.11 22.94
C GLU B 212 -32.23 16.63 22.16
N ILE B 213 -31.23 15.79 21.92
CA ILE B 213 -30.08 16.16 21.12
C ILE B 213 -30.16 15.46 19.77
N HIS B 214 -29.86 16.18 18.70
CA HIS B 214 -30.08 15.69 17.35
C HIS B 214 -28.78 15.19 16.72
N SER B 215 -28.21 14.12 17.26
CA SER B 215 -27.11 13.45 16.58
C SER B 215 -27.11 11.98 16.91
N LYS B 216 -27.18 11.13 15.89
CA LYS B 216 -27.24 9.70 16.09
C LYS B 216 -25.92 9.11 16.55
N ARG B 217 -24.85 9.88 16.53
CA ARG B 217 -23.51 9.39 16.83
C ARG B 217 -22.94 10.30 17.92
N ILE B 218 -23.18 9.96 19.17
CA ILE B 218 -22.75 10.77 20.30
C ILE B 218 -22.59 9.86 21.50
N GLN B 219 -21.55 10.09 22.29
CA GLN B 219 -21.25 9.26 23.43
C GLN B 219 -21.23 10.15 24.65
N LEU B 220 -22.14 9.93 25.60
CA LEU B 220 -22.22 10.81 26.75
C LEU B 220 -22.60 10.02 27.98
N TYR B 221 -21.98 10.37 29.11
CA TYR B 221 -22.23 9.65 30.34
C TYR B 221 -23.61 9.97 30.91
N GLY B 222 -23.82 11.22 31.30
CA GLY B 222 -25.05 11.60 31.96
C GLY B 222 -25.35 13.06 31.75
N ALA B 223 -26.38 13.58 32.42
CA ALA B 223 -26.78 14.96 32.18
C ALA B 223 -27.52 15.50 33.39
N TYR B 224 -27.15 16.69 33.82
CA TYR B 224 -27.84 17.40 34.88
C TYR B 224 -28.56 18.58 34.27
N LEU B 225 -29.60 19.07 34.96
CA LEU B 225 -30.38 20.19 34.46
C LEU B 225 -30.52 21.20 35.59
N ARG B 226 -29.64 22.19 35.63
CA ARG B 226 -29.75 23.25 36.61
C ARG B 226 -30.91 24.16 36.24
N ILE B 227 -31.88 24.29 37.13
CA ILE B 227 -32.73 25.47 37.14
C ILE B 227 -32.20 26.36 38.25
N HIS B 228 -32.13 27.66 38.00
CA HIS B 228 -31.38 28.53 38.90
C HIS B 228 -32.10 29.86 39.00
N ALA B 229 -32.03 30.48 40.16
CA ALA B 229 -32.70 31.75 40.38
C ALA B 229 -31.74 32.92 40.16
N HIS B 230 -32.19 34.13 40.50
CA HIS B 230 -31.33 35.30 40.51
C HIS B 230 -31.65 36.23 41.67
N VAL C 71 -21.46 54.99 23.56
CA VAL C 71 -21.35 53.62 24.02
C VAL C 71 -21.70 52.61 22.94
N SER C 72 -21.65 51.32 23.30
CA SER C 72 -21.87 50.26 22.32
C SER C 72 -22.28 49.00 23.05
N HIS C 73 -23.52 48.57 22.88
CA HIS C 73 -23.96 47.33 23.49
C HIS C 73 -23.97 46.21 22.47
N LEU C 74 -23.55 45.03 22.90
CA LEU C 74 -23.59 43.85 22.06
C LEU C 74 -24.85 43.06 22.37
N SER C 75 -24.99 41.93 21.69
CA SER C 75 -26.12 41.04 21.89
C SER C 75 -25.71 39.67 21.37
N PRO C 76 -26.01 38.60 22.09
CA PRO C 76 -25.56 37.28 21.66
C PRO C 76 -26.36 36.77 20.47
N VAL C 77 -25.71 35.93 19.68
CA VAL C 77 -26.32 35.33 18.50
C VAL C 77 -26.41 33.84 18.74
N HIS C 78 -27.59 33.27 18.52
CA HIS C 78 -27.80 31.84 18.71
C HIS C 78 -28.24 31.25 17.38
N PHE C 79 -27.43 30.36 16.82
CA PHE C 79 -27.73 29.75 15.54
C PHE C 79 -28.71 28.61 15.69
N TYR C 80 -29.33 28.23 14.58
CA TYR C 80 -30.07 26.97 14.48
C TYR C 80 -30.15 26.57 13.01
N TYR C 81 -30.51 25.32 12.79
CA TYR C 81 -30.56 24.66 11.48
C TYR C 81 -31.27 23.34 11.67
N ARG C 82 -31.87 22.82 10.59
CA ARG C 82 -32.99 21.91 10.78
C ARG C 82 -32.58 20.48 11.14
N THR C 83 -31.61 19.89 10.44
CA THR C 83 -31.26 18.46 10.50
C THR C 83 -32.46 17.54 10.35
N ASP C 84 -33.32 17.83 9.36
CA ASP C 84 -34.41 16.91 9.05
C ASP C 84 -33.91 15.71 8.26
N CYS C 85 -32.83 15.90 7.51
CA CYS C 85 -32.35 14.91 6.56
C CYS C 85 -31.63 13.77 7.26
N ASP C 86 -31.13 12.83 6.46
CA ASP C 86 -30.60 11.56 6.97
C ASP C 86 -29.21 11.75 7.57
N SER C 87 -28.58 10.65 7.96
CA SER C 87 -27.31 10.70 8.66
C SER C 87 -26.18 11.05 7.70
N SER C 88 -25.45 12.10 8.03
CA SER C 88 -24.32 12.55 7.24
C SER C 88 -23.03 12.01 7.84
N THR C 89 -21.91 12.44 7.27
CA THR C 89 -20.60 12.10 7.84
C THR C 89 -20.22 13.10 8.93
N THR C 90 -20.00 14.36 8.54
CA THR C 90 -19.73 15.45 9.47
C THR C 90 -20.50 16.71 9.14
N SER C 91 -20.99 16.88 7.91
CA SER C 91 -21.57 18.13 7.49
C SER C 91 -22.95 18.30 8.10
N LEU C 92 -23.45 19.54 8.02
CA LEU C 92 -24.76 19.86 8.54
C LEU C 92 -25.81 19.54 7.49
N CYS C 93 -27.04 20.00 7.70
CA CYS C 93 -28.09 19.73 6.75
C CYS C 93 -28.57 20.98 6.01
N SER C 94 -28.40 22.16 6.59
CA SER C 94 -28.77 23.39 5.90
C SER C 94 -27.81 24.48 6.33
N PHE C 95 -28.05 25.67 5.83
CA PHE C 95 -27.19 26.79 6.13
C PHE C 95 -27.55 27.34 7.51
N PRO C 96 -26.59 27.56 8.38
CA PRO C 96 -26.90 28.06 9.73
C PRO C 96 -27.41 29.49 9.72
N VAL C 97 -28.69 29.69 9.97
CA VAL C 97 -29.26 31.03 10.05
C VAL C 97 -29.40 31.40 11.52
N ALA C 98 -29.68 32.67 11.78
CA ALA C 98 -29.96 33.12 13.14
C ALA C 98 -30.74 34.42 13.11
N ASN C 99 -31.94 34.41 13.69
CA ASN C 99 -32.56 35.66 14.15
C ASN C 99 -31.83 36.19 15.36
N VAL C 100 -31.21 37.30 15.21
CA VAL C 100 -30.82 38.05 16.40
C VAL C 100 -32.01 38.96 16.69
N SER C 101 -32.10 39.46 17.91
CA SER C 101 -33.19 40.35 18.27
C SER C 101 -32.62 41.62 18.88
N LEU C 102 -33.34 42.71 18.70
CA LEU C 102 -32.91 44.00 19.20
C LEU C 102 -34.19 44.77 19.55
N THR C 103 -34.04 46.06 19.90
CA THR C 103 -35.08 46.99 20.39
C THR C 103 -35.97 46.35 21.46
N LYS C 104 -35.34 46.18 22.63
CA LYS C 104 -35.99 45.60 23.79
C LYS C 104 -37.02 46.56 24.40
N GLY C 105 -37.51 46.23 25.59
CA GLY C 105 -38.67 46.92 26.18
C GLY C 105 -38.40 48.38 26.52
N GLY C 106 -37.14 48.76 26.73
CA GLY C 106 -36.78 50.16 26.85
C GLY C 106 -36.30 50.72 25.52
N ARG C 107 -36.50 52.03 25.34
CA ARG C 107 -36.13 52.70 24.09
C ARG C 107 -34.62 52.95 24.04
N ASP C 108 -33.87 51.85 23.90
CA ASP C 108 -32.43 51.88 23.76
C ASP C 108 -32.08 50.98 22.57
N ARG C 109 -32.12 51.55 21.37
CA ARG C 109 -31.95 50.80 20.14
C ARG C 109 -31.11 51.64 19.19
N VAL C 110 -31.12 51.28 17.91
CA VAL C 110 -30.47 52.09 16.89
C VAL C 110 -31.18 53.43 16.76
N LEU C 111 -30.39 54.51 16.85
CA LEU C 111 -30.93 55.86 17.02
C LEU C 111 -31.65 56.34 15.77
N MET C 112 -32.40 57.45 15.93
CA MET C 112 -33.26 57.94 14.86
C MET C 112 -32.44 58.48 13.70
N TYR C 113 -31.67 59.52 13.93
CA TYR C 113 -30.55 59.87 13.07
C TYR C 113 -29.38 60.10 14.01
N GLY C 114 -28.75 59.01 14.43
CA GLY C 114 -27.65 59.10 15.35
C GLY C 114 -26.33 59.26 14.63
N GLN C 115 -25.27 59.31 15.42
CA GLN C 115 -23.95 59.18 14.84
C GLN C 115 -23.82 57.78 14.26
N PRO C 116 -23.34 57.64 13.03
CA PRO C 116 -23.58 56.41 12.27
C PRO C 116 -22.84 55.20 12.84
N TYR C 117 -23.38 54.04 12.52
CA TYR C 117 -23.04 52.79 13.18
C TYR C 117 -22.07 51.95 12.36
N ARG C 118 -21.34 51.10 13.07
CA ARG C 118 -20.33 50.20 12.49
C ARG C 118 -20.53 48.85 13.16
N VAL C 119 -21.31 47.98 12.53
CA VAL C 119 -21.56 46.68 13.11
C VAL C 119 -20.42 45.74 12.77
N THR C 120 -20.08 44.86 13.69
CA THR C 120 -19.11 43.81 13.44
C THR C 120 -19.69 42.53 14.00
N LEU C 121 -19.59 41.44 13.25
CA LEU C 121 -20.08 40.16 13.73
C LEU C 121 -18.87 39.40 14.26
N GLU C 122 -18.60 39.54 15.55
CA GLU C 122 -17.45 38.90 16.17
C GLU C 122 -17.74 37.40 16.28
N LEU C 123 -17.17 36.64 15.36
CA LEU C 123 -17.44 35.22 15.19
C LEU C 123 -16.30 34.43 15.79
N GLU C 124 -16.57 33.19 16.17
CA GLU C 124 -15.65 32.40 16.98
C GLU C 124 -15.35 31.09 16.27
N LEU C 125 -14.09 30.69 16.17
CA LEU C 125 -13.79 29.47 15.44
C LEU C 125 -12.66 28.71 16.12
N PRO C 126 -12.76 27.40 16.18
CA PRO C 126 -11.62 26.60 16.63
C PRO C 126 -10.81 26.09 15.46
N GLU C 127 -9.54 25.75 15.68
CA GLU C 127 -8.67 25.31 14.60
C GLU C 127 -8.77 23.80 14.41
N SER C 128 -9.93 23.34 13.97
CA SER C 128 -10.08 21.94 13.65
C SER C 128 -9.38 21.61 12.34
N PRO C 129 -9.11 20.35 12.07
CA PRO C 129 -8.59 20.17 10.71
C PRO C 129 -9.73 20.48 9.73
N VAL C 130 -10.91 20.00 10.10
CA VAL C 130 -12.10 20.15 9.27
C VAL C 130 -12.40 21.60 9.05
N ASN C 131 -12.31 22.37 10.12
CA ASN C 131 -12.55 23.80 10.02
C ASN C 131 -11.55 24.47 9.13
N GLN C 132 -10.29 24.05 9.20
CA GLN C 132 -9.24 24.56 8.37
C GLN C 132 -9.44 24.34 6.87
N ASP C 133 -10.02 23.22 6.45
CA ASP C 133 -10.10 23.03 4.97
C ASP C 133 -10.88 24.04 4.09
N LEU C 134 -12.08 24.41 4.52
CA LEU C 134 -13.01 25.36 3.92
C LEU C 134 -12.27 26.65 3.56
N GLY C 135 -12.36 27.04 2.31
CA GLY C 135 -11.57 28.17 1.89
C GLY C 135 -12.19 29.48 2.31
N MET C 136 -13.29 29.85 1.68
CA MET C 136 -13.96 31.08 1.99
C MET C 136 -15.41 30.79 2.27
N PHE C 137 -16.02 31.65 3.07
CA PHE C 137 -17.46 31.57 3.21
C PHE C 137 -17.99 32.96 3.42
N LEU C 138 -19.11 33.29 2.79
CA LEU C 138 -19.64 34.64 2.87
C LEU C 138 -20.73 34.67 3.92
N VAL C 139 -20.56 35.55 4.90
CA VAL C 139 -21.59 35.84 5.87
C VAL C 139 -22.42 37.00 5.34
N THR C 140 -23.72 36.80 5.24
CA THR C 140 -24.63 37.83 4.78
C THR C 140 -25.35 38.40 5.98
N ILE C 141 -26.29 39.32 5.72
CA ILE C 141 -27.07 39.96 6.77
C ILE C 141 -28.30 40.52 6.09
N SER C 142 -29.36 40.72 6.86
CA SER C 142 -30.55 41.40 6.37
C SER C 142 -31.25 41.97 7.59
N CYS C 143 -31.55 43.26 7.56
CA CYS C 143 -32.23 43.90 8.68
C CYS C 143 -33.72 43.97 8.40
N TYR C 144 -34.52 43.55 9.37
CA TYR C 144 -35.97 43.57 9.24
C TYR C 144 -36.56 44.61 10.19
N THR C 145 -37.71 45.17 9.81
CA THR C 145 -38.27 46.32 10.51
C THR C 145 -39.57 46.01 11.24
N ARG C 146 -40.61 45.59 10.52
CA ARG C 146 -41.90 45.29 11.14
C ARG C 146 -42.63 44.36 10.18
N GLY C 147 -42.64 43.07 10.48
CA GLY C 147 -43.05 42.07 9.52
C GLY C 147 -41.84 41.49 8.81
N GLY C 148 -42.13 40.76 7.74
CA GLY C 148 -41.05 40.24 6.90
C GLY C 148 -40.54 41.29 5.93
N ARG C 149 -40.00 42.37 6.47
CA ARG C 149 -39.74 43.60 5.74
C ARG C 149 -38.26 43.93 5.81
N ILE C 150 -37.50 43.51 4.81
CA ILE C 150 -36.09 43.84 4.73
C ILE C 150 -35.93 45.31 4.43
N ILE C 151 -34.95 45.95 5.08
CA ILE C 151 -34.58 47.31 4.76
C ILE C 151 -33.19 47.40 4.14
N SER C 152 -32.24 46.57 4.57
CA SER C 152 -30.89 46.64 4.05
C SER C 152 -30.27 45.25 4.12
N THR C 153 -29.48 44.93 3.10
CA THR C 153 -28.73 43.69 3.02
C THR C 153 -27.25 44.02 2.79
N SER C 154 -26.40 43.02 2.99
CA SER C 154 -24.98 43.10 2.68
C SER C 154 -24.44 41.70 2.50
N SER C 155 -23.13 41.59 2.35
CA SER C 155 -22.43 40.33 2.24
C SER C 155 -20.95 40.60 2.40
N ARG C 156 -20.27 39.76 3.16
CA ARG C 156 -18.83 39.83 3.24
C ARG C 156 -18.27 38.43 3.19
N SER C 157 -17.38 38.16 2.25
CA SER C 157 -16.63 36.92 2.30
C SER C 157 -15.65 37.00 3.45
N VAL C 158 -15.33 35.86 4.04
CA VAL C 158 -14.34 35.84 5.10
C VAL C 158 -13.59 34.52 5.01
N MET C 159 -12.42 34.52 5.63
CA MET C 159 -11.38 33.52 5.46
C MET C 159 -10.84 33.18 6.83
N LEU C 160 -10.77 31.91 7.14
CA LEU C 160 -10.13 31.50 8.39
C LEU C 160 -8.64 31.75 8.28
N HIS C 161 -8.09 32.39 9.30
CA HIS C 161 -6.74 32.94 9.25
C HIS C 161 -5.71 31.83 9.30
N TYR C 162 -4.92 31.70 8.23
CA TYR C 162 -4.13 30.51 7.97
C TYR C 162 -2.88 30.43 8.83
N ARG C 163 -2.51 29.20 9.21
CA ARG C 163 -1.19 28.90 9.77
C ARG C 163 -0.69 27.59 9.16
N SER C 164 0.63 27.46 9.10
CA SER C 164 1.21 26.23 8.59
C SER C 164 1.18 25.15 9.65
N ASP C 165 1.61 23.94 9.28
CA ASP C 165 1.56 22.84 10.22
C ASP C 165 2.75 22.85 11.17
N LEU C 166 3.93 23.19 10.65
CA LEU C 166 5.11 23.29 11.51
C LEU C 166 4.96 24.42 12.52
N LEU C 167 4.29 25.50 12.13
CA LEU C 167 4.08 26.58 13.07
C LEU C 167 3.01 26.21 14.08
N GLN C 168 2.07 25.34 13.73
CA GLN C 168 1.14 24.86 14.76
C GLN C 168 1.84 23.95 15.75
N MET C 169 2.81 23.15 15.29
CA MET C 169 3.57 22.33 16.22
C MET C 169 4.40 23.20 17.15
N LEU C 170 5.05 24.24 16.62
CA LEU C 170 5.77 25.16 17.48
C LEU C 170 4.85 25.99 18.37
N ASP C 171 3.62 26.23 17.94
CA ASP C 171 2.69 26.98 18.77
C ASP C 171 2.23 26.16 19.95
N THR C 172 1.84 24.91 19.71
CA THR C 172 1.41 24.08 20.82
C THR C 172 2.57 23.49 21.60
N LEU C 173 3.81 23.72 21.17
CA LEU C 173 4.95 23.34 22.00
C LEU C 173 5.51 24.51 22.81
N VAL C 174 5.61 25.71 22.23
CA VAL C 174 6.11 26.86 22.97
C VAL C 174 5.09 27.31 24.01
N PHE C 175 3.83 27.44 23.61
CA PHE C 175 2.80 27.85 24.55
C PHE C 175 2.19 26.65 25.26
N SER C 176 3.03 25.77 25.80
CA SER C 176 2.48 24.63 26.52
C SER C 176 2.22 24.96 27.97
N SER C 177 2.73 26.08 28.46
CA SER C 177 2.47 26.49 29.83
C SER C 177 1.13 27.18 29.97
N LEU C 178 0.65 27.83 28.91
CA LEU C 178 -0.62 28.53 29.00
C LEU C 178 -1.79 27.64 28.64
N LEU C 179 -1.61 26.74 27.67
CA LEU C 179 -2.73 25.99 27.14
C LEU C 179 -3.15 24.85 28.05
N LEU C 180 -2.24 24.32 28.85
CA LEU C 180 -2.55 23.22 29.76
C LEU C 180 -3.17 23.67 31.06
N PHE C 181 -3.50 24.95 31.21
CA PHE C 181 -4.08 25.41 32.46
C PHE C 181 -5.25 26.37 32.24
N GLY C 182 -5.87 26.32 31.06
CA GLY C 182 -7.09 27.06 30.78
C GLY C 182 -6.88 28.42 30.16
N PHE C 183 -5.70 29.00 30.33
CA PHE C 183 -5.47 30.37 29.92
C PHE C 183 -5.27 30.44 28.41
N ALA C 184 -6.16 31.18 27.73
CA ALA C 184 -6.05 31.52 26.30
C ALA C 184 -5.98 30.28 25.41
N GLU C 185 -7.08 29.53 25.40
CA GLU C 185 -7.19 28.26 24.72
C GLU C 185 -7.21 28.46 23.20
N GLN C 186 -7.09 27.37 22.44
CA GLN C 186 -6.87 27.42 21.00
C GLN C 186 -8.07 27.88 20.19
N LYS C 187 -8.44 29.14 20.36
CA LYS C 187 -9.51 29.75 19.58
C LYS C 187 -8.89 30.70 18.56
N GLN C 188 -9.68 31.09 17.57
CA GLN C 188 -9.19 31.97 16.54
C GLN C 188 -10.26 32.99 16.15
N LEU C 189 -10.75 33.76 17.12
CA LEU C 189 -11.95 34.58 16.94
C LEU C 189 -11.79 35.61 15.84
N LEU C 190 -12.69 35.55 14.88
CA LEU C 190 -12.69 36.45 13.75
C LEU C 190 -13.33 37.77 14.12
N GLU C 191 -13.37 38.67 13.16
CA GLU C 191 -14.07 39.94 13.28
C GLU C 191 -14.29 40.46 11.87
N VAL C 192 -15.54 40.57 11.46
CA VAL C 192 -15.81 40.99 10.09
C VAL C 192 -16.85 42.11 10.04
N GLU C 193 -16.41 43.32 9.72
CA GLU C 193 -17.32 44.45 9.69
C GLU C 193 -18.12 44.40 8.40
N LEU C 194 -19.40 44.73 8.50
CA LEU C 194 -20.27 44.56 7.35
C LEU C 194 -21.30 45.66 7.17
N TYR C 195 -21.35 46.65 8.06
CA TYR C 195 -22.04 47.91 7.81
C TYR C 195 -21.21 49.08 8.31
N ALA C 196 -19.96 49.15 7.86
CA ALA C 196 -19.14 50.34 8.09
C ALA C 196 -19.85 51.59 7.62
N ASP C 197 -20.10 52.49 8.57
CA ASP C 197 -20.97 53.68 8.43
C ASP C 197 -22.39 53.29 8.02
N TYR C 198 -23.06 52.64 8.98
CA TYR C 198 -24.48 52.30 8.82
C TYR C 198 -25.37 53.48 9.21
N ARG C 199 -26.47 53.64 8.48
CA ARG C 199 -27.47 54.65 8.75
C ARG C 199 -28.84 54.00 8.83
N GLU C 200 -29.80 54.72 9.40
CA GLU C 200 -31.17 54.21 9.54
C GLU C 200 -32.13 55.26 8.94
N ASN C 201 -32.33 55.18 7.63
CA ASN C 201 -33.03 56.21 6.90
C ASN C 201 -34.54 55.96 6.86
N SER C 202 -35.28 57.03 6.55
CA SER C 202 -36.74 57.12 6.47
C SER C 202 -37.46 56.86 7.78
N TYR C 203 -36.71 56.68 8.88
CA TYR C 203 -37.21 56.59 10.26
C TYR C 203 -38.21 55.45 10.45
N VAL C 204 -38.01 54.36 9.72
CA VAL C 204 -38.66 53.10 10.04
C VAL C 204 -37.71 52.32 10.94
N PRO C 205 -38.16 51.86 12.09
CA PRO C 205 -37.21 51.30 13.08
C PRO C 205 -36.72 49.92 12.67
N THR C 206 -35.44 49.69 12.91
CA THR C 206 -34.83 48.38 12.66
C THR C 206 -35.06 47.49 13.87
N THR C 207 -35.82 46.42 13.68
CA THR C 207 -36.14 45.56 14.82
C THR C 207 -34.98 44.62 15.15
N GLY C 208 -34.39 44.00 14.14
CA GLY C 208 -33.29 43.08 14.39
C GLY C 208 -32.56 42.70 13.11
N ALA C 209 -31.95 41.52 13.10
CA ALA C 209 -31.25 41.09 11.90
C ALA C 209 -31.34 39.58 11.77
N ILE C 210 -31.18 39.12 10.54
CA ILE C 210 -31.16 37.70 10.20
C ILE C 210 -29.80 37.43 9.61
N ILE C 211 -28.87 36.94 10.42
CA ILE C 211 -27.53 36.73 9.90
C ILE C 211 -27.38 35.26 9.54
N GLU C 212 -26.50 34.98 8.59
CA GLU C 212 -26.55 33.70 7.89
C GLU C 212 -25.22 33.45 7.22
N ILE C 213 -24.57 32.33 7.54
CA ILE C 213 -23.32 31.95 6.89
C ILE C 213 -23.59 30.79 5.93
N HIS C 214 -23.02 30.86 4.74
CA HIS C 214 -23.34 29.91 3.68
C HIS C 214 -22.27 28.82 3.56
N SER C 215 -22.14 27.97 4.57
CA SER C 215 -21.31 26.77 4.44
C SER C 215 -21.85 25.67 5.32
N LYS C 216 -22.16 24.54 4.70
CA LYS C 216 -22.74 23.43 5.44
C LYS C 216 -21.74 22.73 6.34
N ARG C 217 -20.46 23.05 6.22
CA ARG C 217 -19.40 22.37 6.94
C ARG C 217 -18.59 23.43 7.67
N ILE C 218 -18.99 23.76 8.89
CA ILE C 218 -18.36 24.81 9.67
C ILE C 218 -18.58 24.50 11.14
N GLN C 219 -17.56 24.74 11.96
CA GLN C 219 -17.62 24.44 13.37
C GLN C 219 -17.34 25.73 14.11
N LEU C 220 -18.31 26.21 14.88
CA LEU C 220 -18.12 27.49 15.55
C LEU C 220 -18.81 27.46 16.90
N TYR C 221 -18.17 28.06 17.89
CA TYR C 221 -18.71 28.07 19.24
C TYR C 221 -19.91 29.00 19.36
N GLY C 222 -19.68 30.29 19.18
CA GLY C 222 -20.72 31.27 19.39
C GLY C 222 -20.48 32.52 18.57
N ALA C 223 -21.28 33.56 18.77
CA ALA C 223 -21.16 34.74 17.93
C ALA C 223 -21.71 35.94 18.68
N TYR C 224 -20.97 37.03 18.66
CA TYR C 224 -21.42 38.30 19.20
C TYR C 224 -21.65 39.27 18.06
N LEU C 225 -22.47 40.28 18.28
CA LEU C 225 -22.79 41.26 17.25
C LEU C 225 -22.61 42.65 17.84
N ARG C 226 -21.44 43.24 17.65
CA ARG C 226 -21.21 44.61 18.10
C ARG C 226 -21.95 45.56 17.19
N ILE C 227 -22.84 46.35 17.75
CA ILE C 227 -23.22 47.61 17.12
C ILE C 227 -22.47 48.69 17.88
N HIS C 228 -21.93 49.67 17.16
CA HIS C 228 -20.97 50.57 17.77
C HIS C 228 -21.18 51.96 17.20
N ALA C 229 -20.93 52.97 18.02
CA ALA C 229 -21.13 54.35 17.60
C ALA C 229 -19.82 54.95 17.12
N HIS C 230 -19.82 56.25 16.86
CA HIS C 230 -18.60 57.00 16.57
C HIS C 230 -18.63 58.39 17.19
N VAL D 71 -1.66 63.36 -4.53
CA VAL D 71 -2.06 62.37 -3.55
C VAL D 71 -2.69 61.16 -4.19
N SER D 72 -3.13 60.21 -3.37
CA SER D 72 -3.65 58.94 -3.86
C SER D 72 -4.52 58.30 -2.79
N HIS D 73 -5.82 58.25 -3.00
CA HIS D 73 -6.70 57.60 -2.05
C HIS D 73 -7.06 56.20 -2.54
N LEU D 74 -7.10 55.26 -1.61
CA LEU D 74 -7.52 53.90 -1.89
C LEU D 74 -8.99 53.74 -1.57
N SER D 75 -9.49 52.53 -1.75
CA SER D 75 -10.87 52.21 -1.44
C SER D 75 -10.95 50.70 -1.29
N PRO D 76 -11.64 50.19 -0.28
CA PRO D 76 -11.66 48.74 -0.07
C PRO D 76 -12.54 48.04 -1.08
N VAL D 77 -12.20 46.78 -1.34
CA VAL D 77 -12.92 45.94 -2.28
C VAL D 77 -13.55 44.81 -1.50
N HIS D 78 -14.85 44.58 -1.69
CA HIS D 78 -15.55 43.52 -1.01
C HIS D 78 -16.12 42.57 -2.05
N PHE D 79 -15.65 41.33 -2.05
CA PHE D 79 -16.08 40.34 -3.03
C PHE D 79 -17.42 39.73 -2.62
N TYR D 80 -18.08 39.11 -3.59
CA TYR D 80 -19.21 38.23 -3.33
C TYR D 80 -19.35 37.28 -4.51
N TYR D 81 -20.13 36.22 -4.28
CA TYR D 81 -20.35 35.11 -5.21
C TYR D 81 -21.49 34.28 -4.65
N ARG D 82 -22.18 33.54 -5.54
CA ARG D 82 -23.57 33.20 -5.23
C ARG D 82 -23.70 32.02 -4.26
N THR D 83 -22.97 30.92 -4.48
CA THR D 83 -23.15 29.63 -3.79
C THR D 83 -24.60 29.14 -3.79
N ASP D 84 -25.24 29.23 -4.96
CA ASP D 84 -26.58 28.63 -5.08
C ASP D 84 -26.50 27.12 -5.23
N CYS D 85 -25.40 26.62 -5.76
CA CYS D 85 -25.25 25.23 -6.15
C CYS D 85 -25.01 24.35 -4.93
N ASP D 86 -24.85 23.05 -5.18
CA ASP D 86 -24.82 22.04 -4.13
C ASP D 86 -23.48 22.05 -3.40
N SER D 87 -23.30 21.08 -2.49
CA SER D 87 -22.13 21.05 -1.64
C SER D 87 -20.91 20.59 -2.42
N SER D 88 -19.86 21.40 -2.40
CA SER D 88 -18.61 21.10 -3.07
C SER D 88 -17.63 20.52 -2.07
N THR D 89 -16.40 20.30 -2.53
CA THR D 89 -15.32 19.87 -1.64
C THR D 89 -14.67 21.08 -0.98
N THR D 90 -13.99 21.90 -1.78
CA THR D 90 -13.41 23.16 -1.32
C THR D 90 -13.66 24.32 -2.26
N SER D 91 -14.00 24.06 -3.53
CA SER D 91 -14.08 25.12 -4.51
C SER D 91 -15.34 25.96 -4.30
N LEU D 92 -15.36 27.11 -4.95
CA LEU D 92 -16.51 28.02 -4.85
C LEU D 92 -17.55 27.60 -5.88
N CYS D 93 -18.54 28.45 -6.10
CA CYS D 93 -19.58 28.13 -7.06
C CYS D 93 -19.55 29.01 -8.30
N SER D 94 -19.00 30.20 -8.21
CA SER D 94 -18.88 31.05 -9.38
C SER D 94 -17.62 31.90 -9.25
N PHE D 95 -17.40 32.75 -10.21
CA PHE D 95 -16.21 33.58 -10.21
C PHE D 95 -16.42 34.75 -9.26
N PRO D 96 -15.47 35.04 -8.38
CA PRO D 96 -15.65 36.13 -7.43
C PRO D 96 -15.62 37.50 -8.09
N VAL D 97 -16.76 38.17 -8.20
CA VAL D 97 -16.82 39.50 -8.75
C VAL D 97 -16.89 40.49 -7.60
N ALA D 98 -16.71 41.78 -7.92
CA ALA D 98 -16.87 42.83 -6.92
C ALA D 98 -17.13 44.16 -7.62
N ASN D 99 -18.29 44.76 -7.32
CA ASN D 99 -18.45 46.21 -7.51
C ASN D 99 -17.63 46.95 -6.49
N VAL D 100 -16.65 47.66 -6.95
CA VAL D 100 -16.08 48.69 -6.11
C VAL D 100 -16.88 49.94 -6.43
N SER D 101 -16.84 50.93 -5.54
CA SER D 101 -17.56 52.18 -5.78
C SER D 101 -16.61 53.34 -5.61
N LEU D 102 -16.89 54.41 -6.34
CA LEU D 102 -16.05 55.59 -6.32
C LEU D 102 -16.99 56.78 -6.55
N THR D 103 -16.42 57.97 -6.72
CA THR D 103 -17.08 59.29 -6.85
C THR D 103 -18.18 59.49 -5.80
N LYS D 104 -17.70 59.67 -4.56
CA LYS D 104 -18.57 59.87 -3.40
C LYS D 104 -19.21 61.26 -3.45
N GLY D 105 -19.85 61.65 -2.33
CA GLY D 105 -20.71 62.83 -2.29
C GLY D 105 -19.95 64.14 -2.52
N GLY D 106 -18.66 64.18 -2.22
CA GLY D 106 -17.83 65.31 -2.60
C GLY D 106 -17.12 65.06 -3.92
N ARG D 107 -16.83 66.15 -4.64
CA ARG D 107 -16.21 66.06 -5.96
C ARG D 107 -14.70 65.81 -5.81
N ASP D 108 -14.39 64.60 -5.37
CA ASP D 108 -13.01 64.11 -5.23
C ASP D 108 -12.96 62.73 -5.87
N ARG D 109 -12.74 62.71 -7.18
CA ARG D 109 -12.79 61.47 -7.96
C ARG D 109 -11.67 61.54 -8.99
N VAL D 110 -11.75 60.68 -10.00
CA VAL D 110 -10.81 60.71 -11.11
C VAL D 110 -10.99 62.01 -11.89
N LEU D 111 -9.89 62.74 -12.09
CA LEU D 111 -9.90 64.11 -12.56
C LEU D 111 -10.36 64.19 -14.03
N MET D 112 -10.67 65.43 -14.45
CA MET D 112 -11.25 65.64 -15.77
C MET D 112 -10.25 65.35 -16.87
N TYR D 113 -9.17 66.10 -16.92
CA TYR D 113 -7.96 65.67 -17.62
C TYR D 113 -6.84 65.94 -16.64
N GLY D 114 -6.65 65.01 -15.72
CA GLY D 114 -5.62 65.15 -14.70
C GLY D 114 -4.31 64.58 -15.17
N GLN D 115 -3.33 64.64 -14.28
CA GLN D 115 -2.11 63.89 -14.50
C GLN D 115 -2.47 62.41 -14.44
N PRO D 116 -2.02 61.60 -15.41
CA PRO D 116 -2.64 60.29 -15.65
C PRO D 116 -2.40 59.31 -14.53
N TYR D 117 -3.30 58.33 -14.45
CA TYR D 117 -3.45 57.47 -13.29
C TYR D 117 -2.81 56.11 -13.53
N ARG D 118 -2.46 55.46 -12.41
CA ARG D 118 -1.81 54.16 -12.39
C ARG D 118 -2.50 53.35 -11.29
N VAL D 119 -3.51 52.58 -11.67
CA VAL D 119 -4.24 51.81 -10.68
C VAL D 119 -3.48 50.52 -10.40
N THR D 120 -3.51 50.06 -9.16
CA THR D 120 -2.97 48.77 -8.78
C THR D 120 -3.98 48.10 -7.89
N LEU D 121 -4.25 46.83 -8.11
CA LEU D 121 -5.18 46.10 -7.27
C LEU D 121 -4.34 45.32 -6.27
N GLU D 122 -4.09 45.92 -5.10
CA GLU D 122 -3.27 45.28 -4.08
C GLU D 122 -4.08 44.16 -3.45
N LEU D 123 -3.78 42.94 -3.87
CA LEU D 123 -4.53 41.75 -3.51
C LEU D 123 -3.76 40.99 -2.44
N GLU D 124 -4.48 40.18 -1.67
CA GLU D 124 -3.93 39.59 -0.46
C GLU D 124 -4.09 38.08 -0.53
N LEU D 125 -3.04 37.32 -0.21
CA LEU D 125 -3.15 35.88 -0.34
C LEU D 125 -2.40 35.18 0.79
N PRO D 126 -2.96 34.13 1.35
CA PRO D 126 -2.19 33.30 2.28
C PRO D 126 -1.56 32.11 1.58
N GLU D 127 -0.51 31.55 2.15
CA GLU D 127 0.19 30.44 1.52
C GLU D 127 -0.42 29.10 1.93
N SER D 128 -1.65 28.88 1.49
CA SER D 128 -2.27 27.59 1.73
C SER D 128 -1.67 26.53 0.81
N PRO D 129 -1.85 25.25 1.11
CA PRO D 129 -1.36 24.37 0.06
C PRO D 129 -2.27 24.54 -1.17
N VAL D 130 -3.57 24.66 -0.89
CA VAL D 130 -4.57 24.79 -1.95
C VAL D 130 -4.32 26.02 -2.75
N ASN D 131 -3.99 27.11 -2.09
CA ASN D 131 -3.69 28.34 -2.77
C ASN D 131 -2.47 28.20 -3.65
N GLN D 132 -1.47 27.48 -3.19
CA GLN D 132 -0.27 27.23 -3.93
C GLN D 132 -0.49 26.45 -5.22
N ASP D 133 -1.42 25.49 -5.27
CA ASP D 133 -1.52 24.72 -6.54
C ASP D 133 -1.87 25.45 -7.86
N LEU D 134 -2.86 26.32 -7.84
CA LEU D 134 -3.36 27.14 -8.93
C LEU D 134 -2.21 27.85 -9.62
N GLY D 135 -2.10 27.67 -10.92
CA GLY D 135 -0.94 28.22 -11.58
C GLY D 135 -1.07 29.69 -11.85
N MET D 136 -1.94 30.06 -12.76
CA MET D 136 -2.15 31.44 -13.11
C MET D 136 -3.62 31.76 -13.01
N PHE D 137 -3.92 33.01 -12.75
CA PHE D 137 -5.31 33.43 -12.86
C PHE D 137 -5.32 34.87 -13.32
N LEU D 138 -6.22 35.20 -14.24
CA LEU D 138 -6.24 36.54 -14.79
C LEU D 138 -7.30 37.36 -14.06
N VAL D 139 -6.87 38.47 -13.50
CA VAL D 139 -7.78 39.45 -12.94
C VAL D 139 -8.11 40.47 -14.02
N THR D 140 -9.40 40.64 -14.29
CA THR D 140 -9.85 41.59 -15.28
C THR D 140 -10.38 42.82 -14.56
N ILE D 141 -10.92 43.76 -15.34
CA ILE D 141 -11.48 44.98 -14.80
C ILE D 141 -12.39 45.55 -15.87
N SER D 142 -13.36 46.37 -15.45
CA SER D 142 -14.20 47.09 -16.38
C SER D 142 -14.70 48.33 -15.64
N CYS D 143 -14.52 49.49 -16.24
CA CYS D 143 -14.98 50.72 -15.61
C CYS D 143 -16.33 51.10 -16.18
N TYR D 144 -17.29 51.42 -15.30
CA TYR D 144 -18.62 51.81 -15.70
C TYR D 144 -18.85 53.28 -15.37
N THR D 145 -19.72 53.93 -16.14
CA THR D 145 -19.86 55.38 -16.07
C THR D 145 -21.22 55.83 -15.54
N ARG D 146 -22.30 55.47 -16.23
CA ARG D 146 -23.64 55.87 -15.79
C ARG D 146 -24.61 54.89 -16.44
N GLY D 147 -25.08 53.93 -15.66
CA GLY D 147 -25.78 52.78 -16.20
C GLY D 147 -24.82 51.62 -16.38
N GLY D 148 -25.30 50.61 -17.12
CA GLY D 148 -24.45 49.50 -17.47
C GLY D 148 -23.55 49.81 -18.65
N ARG D 149 -22.68 50.79 -18.48
CA ARG D 149 -21.98 51.44 -19.58
C ARG D 149 -20.48 51.32 -19.36
N ILE D 150 -19.89 50.29 -19.95
CA ILE D 150 -18.44 50.11 -19.88
C ILE D 150 -17.75 51.19 -20.70
N ILE D 151 -16.64 51.71 -20.17
CA ILE D 151 -15.81 52.61 -20.93
C ILE D 151 -14.44 52.01 -21.25
N SER D 152 -13.88 51.20 -20.37
CA SER D 152 -12.56 50.62 -20.60
C SER D 152 -12.47 49.30 -19.87
N THR D 153 -11.81 48.34 -20.51
CA THR D 153 -11.53 47.03 -19.95
C THR D 153 -10.04 46.77 -20.00
N SER D 154 -9.60 45.74 -19.28
CA SER D 154 -8.22 45.25 -19.31
C SER D 154 -8.22 43.83 -18.82
N SER D 155 -7.03 43.28 -18.66
CA SER D 155 -6.81 41.94 -18.13
C SER D 155 -5.34 41.79 -17.81
N ARG D 156 -5.04 41.22 -16.66
CA ARG D 156 -3.65 40.87 -16.33
C ARG D 156 -3.64 39.49 -15.73
N SER D 157 -2.85 38.59 -16.30
CA SER D 157 -2.60 37.34 -15.62
C SER D 157 -1.69 37.61 -14.44
N VAL D 158 -1.83 36.80 -13.39
CA VAL D 158 -0.96 36.95 -12.25
C VAL D 158 -0.73 35.57 -11.66
N MET D 159 0.35 35.48 -10.88
CA MET D 159 0.97 34.25 -10.44
C MET D 159 1.29 34.40 -8.97
N LEU D 160 0.89 33.42 -8.18
CA LEU D 160 1.29 33.42 -6.78
C LEU D 160 2.78 33.15 -6.68
N HIS D 161 3.48 33.97 -5.91
CA HIS D 161 4.92 34.01 -5.93
C HIS D 161 5.50 32.77 -5.24
N TYR D 162 6.24 31.97 -5.99
CA TYR D 162 6.56 30.60 -5.61
C TYR D 162 7.67 30.54 -4.56
N ARG D 163 7.57 29.55 -3.68
CA ARG D 163 8.66 29.13 -2.81
C ARG D 163 8.70 27.61 -2.73
N SER D 164 9.88 27.08 -2.49
CA SER D 164 10.02 25.63 -2.36
C SER D 164 9.56 25.19 -0.97
N ASP D 165 9.55 23.88 -0.76
CA ASP D 165 9.08 23.35 0.52
C ASP D 165 10.15 23.43 1.59
N LEU D 166 11.39 23.13 1.22
CA LEU D 166 12.49 23.24 2.17
C LEU D 166 12.70 24.68 2.61
N LEU D 167 12.48 25.63 1.70
CA LEU D 167 12.63 27.01 2.09
C LEU D 167 11.46 27.47 2.94
N GLN D 168 10.28 26.86 2.79
CA GLN D 168 9.20 27.17 3.72
C GLN D 168 9.48 26.63 5.11
N MET D 169 10.13 25.46 5.19
CA MET D 169 10.51 24.94 6.50
C MET D 169 11.56 25.82 7.15
N LEU D 170 12.55 26.29 6.39
CA LEU D 170 13.52 27.22 6.94
C LEU D 170 12.91 28.59 7.23
N ASP D 171 11.85 28.97 6.52
CA ASP D 171 11.22 30.26 6.80
C ASP D 171 10.45 30.21 8.09
N THR D 172 9.65 29.17 8.29
CA THR D 172 8.90 29.07 9.53
C THR D 172 9.74 28.56 10.69
N LEU D 173 11.00 28.20 10.45
CA LEU D 173 11.90 27.90 11.55
C LEU D 173 12.80 29.07 11.94
N VAL D 174 13.35 29.80 10.96
CA VAL D 174 14.19 30.95 11.27
C VAL D 174 13.35 32.10 11.84
N PHE D 175 12.23 32.41 11.19
CA PHE D 175 11.37 33.48 11.68
C PHE D 175 10.35 32.95 12.67
N SER D 176 10.79 32.18 13.66
CA SER D 176 9.85 31.70 14.64
C SER D 176 9.66 32.69 15.77
N SER D 177 10.51 33.69 15.87
CA SER D 177 10.35 34.71 16.89
C SER D 177 9.34 35.77 16.48
N LEU D 178 9.17 36.00 15.18
CA LEU D 178 8.22 37.02 14.75
C LEU D 178 6.83 36.44 14.56
N LEU D 179 6.73 35.22 14.07
CA LEU D 179 5.43 34.68 13.67
C LEU D 179 4.59 34.24 14.86
N LEU D 180 5.22 33.86 15.96
CA LEU D 180 4.50 33.42 17.15
C LEU D 180 4.03 34.55 18.03
N PHE D 181 4.15 35.81 17.59
CA PHE D 181 3.73 36.91 18.43
C PHE D 181 2.99 37.97 17.62
N GLY D 182 2.43 37.62 16.47
CA GLY D 182 1.57 38.48 15.70
C GLY D 182 2.28 39.30 14.65
N PHE D 183 3.58 39.51 14.78
CA PHE D 183 4.29 40.44 13.93
C PHE D 183 4.58 39.79 12.58
N ALA D 184 4.04 40.38 11.51
CA ALA D 184 4.32 40.01 10.11
C ALA D 184 3.99 38.55 9.81
N GLU D 185 2.70 38.24 9.88
CA GLU D 185 2.17 36.90 9.76
C GLU D 185 2.29 36.42 8.30
N GLN D 186 2.05 35.12 8.07
CA GLN D 186 2.35 34.47 6.79
C GLN D 186 1.42 34.88 5.65
N LYS D 187 1.50 36.13 5.23
CA LYS D 187 0.76 36.63 4.10
C LYS D 187 1.72 36.80 2.93
N GLN D 188 1.16 36.95 1.73
CA GLN D 188 1.99 37.09 0.55
C GLN D 188 1.37 38.11 -0.40
N LEU D 189 1.13 39.34 0.08
CA LEU D 189 0.31 40.31 -0.63
C LEU D 189 0.87 40.66 -2.00
N LEU D 190 0.04 40.46 -3.03
CA LEU D 190 0.42 40.74 -4.39
C LEU D 190 0.26 42.21 -4.69
N GLU D 191 0.59 42.57 -5.92
CA GLU D 191 0.39 43.91 -6.45
C GLU D 191 0.42 43.79 -7.96
N VAL D 192 -0.70 44.09 -8.61
CA VAL D 192 -0.74 43.93 -10.06
C VAL D 192 -1.31 45.16 -10.74
N GLU D 193 -0.45 45.92 -11.42
CA GLU D 193 -0.91 47.15 -12.07
C GLU D 193 -1.61 46.78 -13.36
N LEU D 194 -2.69 47.49 -13.65
CA LEU D 194 -3.52 47.11 -14.77
C LEU D 194 -4.08 48.28 -15.58
N TYR D 195 -3.82 49.51 -15.16
CA TYR D 195 -4.00 50.69 -16.02
C TYR D 195 -2.84 51.64 -15.88
N ALA D 196 -1.63 51.14 -16.08
CA ALA D 196 -0.45 52.00 -16.17
C ALA D 196 -0.66 53.07 -17.22
N ASP D 197 -0.61 54.32 -16.77
CA ASP D 197 -1.00 55.53 -17.53
C ASP D 197 -2.45 55.45 -18.01
N TYR D 198 -3.35 55.52 -17.03
CA TYR D 198 -4.78 55.59 -17.30
C TYR D 198 -5.22 57.02 -17.59
N ARG D 199 -6.15 57.17 -18.53
CA ARG D 199 -6.73 58.46 -18.87
C ARG D 199 -8.26 58.34 -18.80
N GLU D 200 -8.93 59.49 -18.75
CA GLU D 200 -10.38 59.53 -18.70
C GLU D 200 -10.88 60.44 -19.82
N ASN D 201 -11.05 59.87 -21.01
CA ASN D 201 -11.31 60.64 -22.21
C ASN D 201 -12.80 60.86 -22.43
N SER D 202 -13.10 61.85 -23.26
CA SER D 202 -14.43 62.34 -23.67
C SER D 202 -15.25 62.90 -22.51
N TYR D 203 -14.67 63.00 -21.31
CA TYR D 203 -15.22 63.68 -20.14
C TYR D 203 -16.57 63.10 -19.71
N VAL D 204 -16.73 61.79 -19.90
CA VAL D 204 -17.81 61.06 -19.24
C VAL D 204 -17.23 60.50 -17.94
N PRO D 205 -17.86 60.74 -16.80
CA PRO D 205 -17.22 60.41 -15.52
C PRO D 205 -17.23 58.92 -15.25
N THR D 206 -16.13 58.43 -14.69
CA THR D 206 -16.01 57.03 -14.30
C THR D 206 -16.59 56.88 -12.90
N THR D 207 -17.68 56.12 -12.79
CA THR D 207 -18.32 55.97 -11.49
C THR D 207 -17.58 54.98 -10.61
N GLY D 208 -17.21 53.82 -11.16
CA GLY D 208 -16.51 52.83 -10.36
C GLY D 208 -15.91 51.74 -11.22
N ALA D 209 -15.77 50.54 -10.65
CA ALA D 209 -15.22 49.44 -11.42
C ALA D 209 -15.82 48.13 -10.97
N ILE D 210 -15.77 47.15 -11.86
CA ILE D 210 -16.25 45.81 -11.61
C ILE D 210 -15.04 44.91 -11.76
N ILE D 211 -14.38 44.56 -10.67
CA ILE D 211 -13.18 43.75 -10.79
C ILE D 211 -13.56 42.31 -10.52
N GLU D 212 -12.78 41.39 -11.09
CA GLU D 212 -13.25 40.01 -11.22
C GLU D 212 -12.06 39.11 -11.47
N ILE D 213 -11.87 38.10 -10.63
CA ILE D 213 -10.81 37.12 -10.83
C ILE D 213 -11.44 35.81 -11.28
N HIS D 214 -10.81 35.17 -12.26
CA HIS D 214 -11.39 34.00 -12.91
C HIS D 214 -10.78 32.70 -12.39
N SER D 215 -11.00 32.38 -11.12
CA SER D 215 -10.65 31.07 -10.61
C SER D 215 -11.58 30.66 -9.48
N LYS D 216 -12.25 29.53 -9.65
CA LYS D 216 -13.21 29.08 -8.66
C LYS D 216 -12.56 28.58 -7.39
N ARG D 217 -11.25 28.42 -7.37
CA ARG D 217 -10.53 27.83 -6.26
C ARG D 217 -9.43 28.81 -5.86
N ILE D 218 -9.75 29.74 -4.97
CA ILE D 218 -8.81 30.78 -4.56
C ILE D 218 -9.19 31.23 -3.17
N GLN D 219 -8.19 31.47 -2.33
CA GLN D 219 -8.42 31.85 -0.95
C GLN D 219 -7.74 33.18 -0.74
N LEU D 220 -8.51 34.23 -0.43
CA LEU D 220 -7.91 35.54 -0.29
C LEU D 220 -8.63 36.31 0.81
N TYR D 221 -7.85 37.07 1.59
CA TYR D 221 -8.42 37.82 2.69
C TYR D 221 -9.21 39.02 2.21
N GLY D 222 -8.53 39.97 1.59
CA GLY D 222 -9.17 41.20 1.18
C GLY D 222 -8.47 41.84 0.00
N ALA D 223 -8.86 43.04 -0.38
CA ALA D 223 -8.29 43.65 -1.57
C ALA D 223 -8.42 45.16 -1.49
N TYR D 224 -7.33 45.86 -1.78
CA TYR D 224 -7.32 47.30 -1.88
C TYR D 224 -7.15 47.69 -3.33
N LEU D 225 -7.57 48.90 -3.69
CA LEU D 225 -7.47 49.37 -5.06
C LEU D 225 -6.85 50.75 -5.03
N ARG D 226 -5.53 50.82 -5.22
CA ARG D 226 -4.86 52.10 -5.31
C ARG D 226 -5.17 52.74 -6.65
N ILE D 227 -5.76 53.93 -6.64
CA ILE D 227 -5.63 54.85 -7.75
C ILE D 227 -4.58 55.86 -7.35
N HIS D 228 -3.71 56.21 -8.28
CA HIS D 228 -2.51 56.95 -7.91
C HIS D 228 -2.18 57.96 -9.00
N ALA D 229 -1.64 59.09 -8.62
CA ALA D 229 -1.32 60.13 -9.58
C ALA D 229 0.15 60.04 -9.99
N HIS D 230 0.62 61.04 -10.74
CA HIS D 230 2.04 61.18 -11.06
C HIS D 230 2.47 62.63 -11.06
N VAL E 71 21.05 52.33 -29.29
CA VAL E 71 20.28 52.02 -28.11
C VAL E 71 19.28 50.91 -28.32
N SER E 72 18.51 50.59 -27.28
CA SER E 72 17.58 49.46 -27.34
C SER E 72 16.51 49.65 -26.29
N HIS E 73 15.28 49.90 -26.72
CA HIS E 73 14.18 50.01 -25.76
C HIS E 73 13.37 48.73 -25.73
N LEU E 74 12.96 48.35 -24.53
CA LEU E 74 12.11 47.19 -24.33
C LEU E 74 10.66 47.64 -24.25
N SER E 75 9.77 46.69 -24.04
CA SER E 75 8.35 46.96 -23.89
C SER E 75 7.75 45.77 -23.18
N PRO E 76 6.87 45.97 -22.21
CA PRO E 76 6.34 44.86 -21.45
C PRO E 76 5.31 44.08 -22.25
N VAL E 77 5.19 42.80 -21.93
CA VAL E 77 4.27 41.89 -22.59
C VAL E 77 3.24 41.45 -21.55
N HIS E 78 1.97 41.57 -21.88
CA HIS E 78 0.89 41.16 -20.99
C HIS E 78 0.08 40.08 -21.67
N PHE E 79 0.08 38.89 -21.08
CA PHE E 79 -0.62 37.76 -21.66
C PHE E 79 -2.11 37.82 -21.31
N TYR E 80 -2.91 37.07 -22.07
CA TYR E 80 -4.28 36.77 -21.70
C TYR E 80 -4.71 35.49 -22.41
N TYR E 81 -5.81 34.93 -21.94
CA TYR E 81 -6.37 33.64 -22.38
C TYR E 81 -7.76 33.52 -21.78
N ARG E 82 -8.61 32.72 -22.41
CA ARG E 82 -10.04 32.98 -22.27
C ARG E 82 -10.64 32.44 -20.95
N THR E 83 -10.33 31.19 -20.59
CA THR E 83 -10.98 30.45 -19.48
C THR E 83 -12.50 30.47 -19.58
N ASP E 84 -13.04 30.22 -20.79
CA ASP E 84 -14.48 30.07 -20.91
C ASP E 84 -14.94 28.70 -20.44
N CYS E 85 -14.05 27.71 -20.51
CA CYS E 85 -14.40 26.32 -20.28
C CYS E 85 -14.54 26.04 -18.79
N ASP E 86 -14.84 24.78 -18.48
CA ASP E 86 -15.20 24.36 -17.14
C ASP E 86 -13.99 24.28 -16.22
N SER E 87 -14.20 23.81 -15.00
CA SER E 87 -13.15 23.79 -13.99
C SER E 87 -12.14 22.70 -14.28
N SER E 88 -10.88 23.09 -14.38
CA SER E 88 -9.78 22.17 -14.62
C SER E 88 -9.12 21.81 -13.31
N THR E 89 -8.03 21.05 -13.40
CA THR E 89 -7.20 20.75 -12.22
C THR E 89 -6.20 21.86 -11.97
N THR E 90 -5.25 22.02 -12.89
CA THR E 90 -4.27 23.10 -12.86
C THR E 90 -4.05 23.76 -14.21
N SER E 91 -4.40 23.10 -15.31
CA SER E 91 -4.06 23.59 -16.63
C SER E 91 -4.96 24.77 -17.00
N LEU E 92 -4.55 25.48 -18.05
CA LEU E 92 -5.30 26.63 -18.54
C LEU E 92 -6.37 26.14 -19.50
N CYS E 93 -6.99 27.06 -20.23
CA CYS E 93 -8.03 26.69 -21.15
C CYS E 93 -7.64 26.88 -22.61
N SER E 94 -6.70 27.78 -22.90
CA SER E 94 -6.23 27.94 -24.26
C SER E 94 -4.77 28.34 -24.23
N PHE E 95 -4.22 28.58 -25.39
CA PHE E 95 -2.81 28.93 -25.49
C PHE E 95 -2.64 30.40 -25.13
N PRO E 96 -1.69 30.74 -24.27
CA PRO E 96 -1.52 32.14 -23.89
C PRO E 96 -0.98 33.01 -25.00
N VAL E 97 -1.80 33.86 -25.57
CA VAL E 97 -1.36 34.78 -26.61
C VAL E 97 -1.13 36.14 -25.99
N ALA E 98 -0.49 37.04 -26.74
CA ALA E 98 -0.31 38.41 -26.29
C ALA E 98 -0.06 39.31 -27.49
N ASN E 99 -0.93 40.31 -27.68
CA ASN E 99 -0.58 41.50 -28.45
C ASN E 99 0.41 42.33 -27.68
N VAL E 100 1.59 42.44 -28.17
CA VAL E 100 2.46 43.51 -27.71
C VAL E 100 2.17 44.67 -28.64
N SER E 101 2.51 45.88 -28.23
CA SER E 101 2.29 47.04 -29.07
C SER E 101 3.58 47.83 -29.19
N LEU E 102 3.73 48.50 -30.32
CA LEU E 102 4.93 49.27 -30.61
C LEU E 102 4.48 50.45 -31.46
N THR E 103 5.45 51.22 -31.98
CA THR E 103 5.30 52.48 -32.74
C THR E 103 4.29 53.44 -32.07
N LYS E 104 4.74 53.98 -30.95
CA LYS E 104 3.96 54.91 -30.14
C LYS E 104 3.86 56.28 -30.85
N GLY E 105 3.34 57.28 -30.13
CA GLY E 105 2.96 58.56 -30.72
C GLY E 105 4.14 59.35 -31.29
N GLY E 106 5.34 59.11 -30.80
CA GLY E 106 6.54 59.66 -31.42
C GLY E 106 7.16 58.67 -32.38
N ARG E 107 7.85 59.19 -33.40
CA ARG E 107 8.47 58.36 -34.43
C ARG E 107 9.77 57.76 -33.91
N ASP E 108 9.62 56.82 -32.97
CA ASP E 108 10.73 56.06 -32.39
C ASP E 108 10.33 54.60 -32.42
N ARG E 109 10.58 53.94 -33.54
CA ARG E 109 10.13 52.57 -33.77
C ARG E 109 11.24 51.84 -34.50
N VAL E 110 10.91 50.69 -35.09
CA VAL E 110 11.85 49.96 -35.93
C VAL E 110 12.18 50.77 -37.18
N LEU E 111 13.47 50.97 -37.42
CA LEU E 111 13.96 51.94 -38.39
C LEU E 111 13.63 51.51 -39.82
N MET E 112 13.80 52.45 -40.75
CA MET E 112 13.38 52.25 -42.13
C MET E 112 14.27 51.21 -42.82
N TYR E 113 15.55 51.51 -42.95
CA TYR E 113 16.56 50.48 -43.18
C TYR E 113 17.65 50.79 -42.19
N GLY E 114 17.47 50.35 -40.95
CA GLY E 114 18.43 50.61 -39.91
C GLY E 114 19.47 49.52 -39.85
N GLN E 115 20.37 49.66 -38.89
CA GLN E 115 21.25 48.57 -38.55
C GLN E 115 20.39 47.44 -37.99
N PRO E 116 20.58 46.20 -38.45
CA PRO E 116 19.54 45.18 -38.28
C PRO E 116 19.37 44.75 -36.83
N TYR E 117 18.18 44.23 -36.56
CA TYR E 117 17.68 44.04 -35.21
C TYR E 117 17.81 42.60 -34.75
N ARG E 118 17.86 42.43 -33.44
CA ARG E 118 18.00 41.14 -32.77
C ARG E 118 17.02 41.13 -31.61
N VAL E 119 15.83 40.62 -31.83
CA VAL E 119 14.83 40.61 -30.78
C VAL E 119 15.06 39.41 -29.88
N THR E 120 14.82 39.57 -28.59
CA THR E 120 14.86 38.47 -27.64
C THR E 120 13.64 38.60 -26.76
N LEU E 121 12.95 37.50 -26.51
CA LEU E 121 11.77 37.52 -25.65
C LEU E 121 12.25 37.05 -24.28
N GLU E 122 12.63 38.00 -23.43
CA GLU E 122 13.13 37.66 -22.09
C GLU E 122 11.96 37.21 -21.24
N LEU E 123 11.83 35.90 -21.08
CA LEU E 123 10.69 35.27 -20.44
C LEU E 123 11.09 34.86 -19.03
N GLU E 124 10.10 34.73 -18.15
CA GLU E 124 10.34 34.58 -16.72
C GLU E 124 9.66 33.32 -16.22
N LEU E 125 10.36 32.50 -15.43
CA LEU E 125 9.76 31.26 -15.00
C LEU E 125 10.16 30.93 -13.57
N PRO E 126 9.24 30.45 -12.77
CA PRO E 126 9.63 29.92 -11.46
C PRO E 126 9.82 28.43 -11.50
N GLU E 127 10.58 27.87 -10.56
CA GLU E 127 10.88 26.44 -10.55
C GLU E 127 9.81 25.67 -9.78
N SER E 128 8.59 25.72 -10.29
CA SER E 128 7.50 24.97 -9.71
C SER E 128 7.65 23.53 -10.17
N PRO E 129 7.13 22.56 -9.41
CA PRO E 129 7.23 21.18 -9.90
C PRO E 129 6.43 21.01 -11.19
N VAL E 130 5.26 21.63 -11.23
CA VAL E 130 4.40 21.56 -12.41
C VAL E 130 5.12 22.18 -13.57
N ASN E 131 5.74 23.32 -13.33
CA ASN E 131 6.48 23.99 -14.38
C ASN E 131 7.64 23.17 -14.88
N GLN E 132 8.32 22.49 -13.98
CA GLN E 132 9.41 21.62 -14.29
C GLN E 132 9.05 20.42 -15.17
N ASP E 133 7.86 19.83 -15.02
CA ASP E 133 7.61 18.64 -15.86
C ASP E 133 7.62 18.76 -17.41
N LEU E 134 6.98 19.79 -17.94
CA LEU E 134 6.85 20.17 -19.34
C LEU E 134 8.22 20.12 -20.01
N GLY E 135 8.31 19.37 -21.10
CA GLY E 135 9.62 19.20 -21.69
C GLY E 135 10.03 20.38 -22.52
N MET E 136 9.39 20.55 -23.66
CA MET E 136 9.70 21.63 -24.55
C MET E 136 8.43 22.39 -24.87
N PHE E 137 8.58 23.67 -25.18
CA PHE E 137 7.44 24.39 -25.72
C PHE E 137 7.96 25.41 -26.70
N LEU E 138 7.28 25.57 -27.83
CA LEU E 138 7.76 26.46 -28.86
C LEU E 138 7.03 27.79 -28.73
N VAL E 139 7.80 28.86 -28.58
CA VAL E 139 7.27 30.21 -28.63
C VAL E 139 7.36 30.69 -30.07
N THR E 140 6.22 31.11 -30.62
CA THR E 140 6.18 31.62 -31.97
C THR E 140 6.10 33.12 -31.92
N ILE E 141 5.95 33.75 -33.08
CA ILE E 141 5.84 35.20 -33.19
C ILE E 141 5.23 35.49 -34.54
N SER E 142 4.61 36.65 -34.67
CA SER E 142 4.11 37.12 -35.95
C SER E 142 4.04 38.63 -35.88
N CYS E 143 4.64 39.31 -36.84
CA CYS E 143 4.63 40.76 -36.85
C CYS E 143 3.52 41.25 -37.76
N TYR E 144 2.71 42.18 -37.28
CA TYR E 144 1.62 42.75 -38.05
C TYR E 144 1.91 44.20 -38.37
N THR E 145 1.36 44.68 -39.49
CA THR E 145 1.74 45.98 -40.03
C THR E 145 0.60 47.00 -39.99
N ARG E 146 -0.51 46.72 -40.66
CA ARG E 146 -1.64 47.66 -40.69
C ARG E 146 -2.87 46.83 -41.07
N GLY E 147 -3.68 46.50 -40.09
CA GLY E 147 -4.71 45.50 -40.26
C GLY E 147 -4.22 44.14 -39.77
N GLY E 148 -4.98 43.12 -40.13
CA GLY E 148 -4.57 41.76 -39.85
C GLY E 148 -3.57 41.24 -40.86
N ARG E 149 -2.42 41.89 -40.93
CA ARG E 149 -1.48 41.75 -42.03
C ARG E 149 -0.14 41.29 -41.50
N ILE E 150 0.09 39.98 -41.51
CA ILE E 150 1.37 39.44 -41.10
C ILE E 150 2.44 39.78 -42.13
N ILE E 151 3.62 40.12 -41.66
CA ILE E 151 4.77 40.31 -42.53
C ILE E 151 5.84 39.24 -42.32
N SER E 152 6.05 38.77 -41.09
CA SER E 152 7.08 37.79 -40.82
C SER E 152 6.66 36.95 -39.63
N THR E 153 6.97 35.66 -39.70
CA THR E 153 6.74 34.71 -38.63
C THR E 153 8.05 34.01 -38.29
N SER E 154 8.06 33.33 -37.15
CA SER E 154 9.18 32.49 -36.73
C SER E 154 8.66 31.49 -35.72
N SER E 155 9.58 30.73 -35.13
CA SER E 155 9.28 29.76 -34.09
C SER E 155 10.59 29.34 -33.46
N ARG E 156 10.61 29.26 -32.14
CA ARG E 156 11.77 28.69 -31.46
C ARG E 156 11.27 27.78 -30.36
N SER E 157 11.71 26.53 -30.38
CA SER E 157 11.48 25.69 -29.22
C SER E 157 12.36 26.16 -28.09
N VAL E 158 11.90 25.97 -26.86
CA VAL E 158 12.72 26.33 -25.72
C VAL E 158 12.42 25.35 -24.61
N MET E 159 13.35 25.29 -23.67
CA MET E 159 13.49 24.24 -22.67
C MET E 159 13.77 24.91 -21.34
N LEU E 160 13.02 24.55 -20.31
CA LEU E 160 13.33 25.05 -18.99
C LEU E 160 14.61 24.40 -18.50
N HIS E 161 15.53 25.22 -18.00
CA HIS E 161 16.90 24.82 -17.75
C HIS E 161 16.96 23.90 -16.54
N TYR E 162 17.40 22.66 -16.76
CA TYR E 162 17.21 21.58 -15.81
C TYR E 162 18.16 21.64 -14.63
N ARG E 163 17.69 21.22 -13.47
CA ARG E 163 18.52 20.91 -12.31
C ARG E 163 18.03 19.65 -11.64
N SER E 164 18.93 18.94 -10.97
CA SER E 164 18.54 17.74 -10.28
C SER E 164 17.89 18.09 -8.94
N ASP E 165 17.40 17.08 -8.24
CA ASP E 165 16.72 17.34 -6.98
C ASP E 165 17.71 17.54 -5.83
N LEU E 166 18.79 16.75 -5.81
CA LEU E 166 19.80 16.93 -4.79
C LEU E 166 20.49 18.27 -4.92
N LEU E 167 20.66 18.75 -6.15
CA LEU E 167 21.27 20.06 -6.32
C LEU E 167 20.30 21.17 -5.95
N GLN E 168 18.98 20.94 -6.08
CA GLN E 168 18.05 21.94 -5.57
C GLN E 168 18.05 21.98 -4.05
N MET E 169 18.24 20.84 -3.40
CA MET E 169 18.35 20.85 -1.94
C MET E 169 19.62 21.57 -1.50
N LEU E 170 20.74 21.33 -2.19
CA LEU E 170 21.95 22.08 -1.87
C LEU E 170 21.85 23.54 -2.26
N ASP E 171 21.03 23.88 -3.25
CA ASP E 171 20.88 25.28 -3.64
C ASP E 171 20.08 26.03 -2.59
N THR E 172 18.96 25.48 -2.15
CA THR E 172 18.18 26.16 -1.14
C THR E 172 18.74 25.98 0.25
N LEU E 173 19.78 25.19 0.43
CA LEU E 173 20.47 25.14 1.71
C LEU E 173 21.70 26.04 1.77
N VAL E 174 22.52 26.07 0.71
CA VAL E 174 23.70 26.94 0.69
C VAL E 174 23.29 28.40 0.59
N PHE E 175 22.39 28.71 -0.33
CA PHE E 175 21.94 30.09 -0.48
C PHE E 175 20.76 30.39 0.43
N SER E 176 20.85 30.03 1.70
CA SER E 176 19.76 30.33 2.60
C SER E 176 19.88 31.72 3.18
N SER E 177 21.03 32.35 3.03
CA SER E 177 21.19 33.71 3.53
C SER E 177 20.64 34.74 2.55
N LEU E 178 20.61 34.42 1.26
CA LEU E 178 20.11 35.39 0.29
C LEU E 178 18.62 35.23 0.07
N LEU E 179 18.11 34.00 0.10
CA LEU E 179 16.73 33.76 -0.29
C LEU E 179 15.73 34.16 0.79
N LEU E 180 16.14 34.13 2.05
CA LEU E 180 15.26 34.48 3.15
C LEU E 180 15.18 35.97 3.41
N PHE E 181 15.76 36.80 2.55
CA PHE E 181 15.71 38.24 2.78
C PHE E 181 15.43 39.01 1.50
N GLY E 182 14.84 38.37 0.49
CA GLY E 182 14.38 39.03 -0.71
C GLY E 182 15.37 39.05 -1.84
N PHE E 183 16.65 38.91 -1.55
CA PHE E 183 17.69 39.11 -2.55
C PHE E 183 17.78 37.88 -3.44
N ALA E 184 17.53 38.07 -4.74
CA ALA E 184 17.73 37.07 -5.80
C ALA E 184 16.92 35.80 -5.57
N GLU E 185 15.60 35.96 -5.63
CA GLU E 185 14.64 34.91 -5.31
C GLU E 185 14.65 33.84 -6.41
N GLN E 186 13.98 32.71 -6.15
CA GLN E 186 14.08 31.52 -6.99
C GLN E 186 13.40 31.64 -8.35
N LYS E 187 13.95 32.50 -9.20
CA LYS E 187 13.49 32.65 -10.57
C LYS E 187 14.49 32.00 -11.50
N GLN E 188 14.07 31.77 -12.74
CA GLN E 188 14.95 31.13 -13.71
C GLN E 188 14.77 31.77 -15.08
N LEU E 189 14.96 33.08 -15.17
CA LEU E 189 14.57 33.86 -16.36
C LEU E 189 15.28 33.39 -17.61
N LEU E 190 14.48 33.02 -18.60
CA LEU E 190 14.99 32.55 -19.88
C LEU E 190 15.38 33.72 -20.75
N GLU E 191 15.87 33.39 -21.94
CA GLU E 191 16.17 34.35 -22.98
C GLU E 191 16.23 33.60 -24.29
N VAL E 192 15.32 33.90 -25.21
CA VAL E 192 15.29 33.14 -26.46
C VAL E 192 15.22 34.07 -27.66
N GLU E 193 16.32 34.17 -28.41
CA GLU E 193 16.35 35.04 -29.55
C GLU E 193 15.63 34.39 -30.72
N LEU E 194 14.89 35.20 -31.46
CA LEU E 194 14.02 34.63 -32.47
C LEU E 194 13.95 35.44 -33.76
N TYR E 195 14.62 36.60 -33.84
CA TYR E 195 14.89 37.27 -35.10
C TYR E 195 16.31 37.79 -35.12
N ALA E 196 17.28 36.91 -34.87
CA ALA E 196 18.68 37.24 -35.06
C ALA E 196 18.92 37.76 -36.47
N ASP E 197 19.38 39.01 -36.55
CA ASP E 197 19.48 39.82 -37.78
C ASP E 197 18.11 39.97 -38.46
N TYR E 198 17.26 40.74 -37.78
CA TYR E 198 15.95 41.10 -38.33
C TYR E 198 16.07 42.32 -39.23
N ARG E 199 15.29 42.32 -40.30
CA ARG E 199 15.20 43.44 -41.23
C ARG E 199 13.75 43.83 -41.42
N GLU E 200 13.52 45.02 -41.96
CA GLU E 200 12.17 45.52 -42.21
C GLU E 200 12.08 45.95 -43.67
N ASN E 201 11.77 45.01 -44.54
CA ASN E 201 11.85 45.22 -45.98
C ASN E 201 10.55 45.75 -46.54
N SER E 202 10.66 46.32 -47.74
CA SER E 202 9.61 46.96 -48.54
C SER E 202 8.98 48.19 -47.89
N TYR E 203 9.51 48.62 -46.74
CA TYR E 203 9.18 49.87 -46.06
C TYR E 203 7.69 49.96 -45.70
N VAL E 204 7.09 48.83 -45.38
CA VAL E 204 5.80 48.81 -44.72
C VAL E 204 6.08 48.72 -43.21
N PRO E 205 5.53 49.62 -42.40
CA PRO E 205 5.95 49.70 -41.00
C PRO E 205 5.40 48.56 -40.18
N THR E 206 6.24 48.06 -39.27
CA THR E 206 5.84 47.01 -38.33
C THR E 206 5.17 47.66 -37.13
N THR E 207 3.89 47.38 -36.94
CA THR E 207 3.17 48.02 -35.84
C THR E 207 3.48 47.33 -34.52
N GLY E 208 3.44 46.01 -34.49
CA GLY E 208 3.71 45.30 -33.25
C GLY E 208 3.92 43.82 -33.47
N ALA E 209 3.61 43.01 -32.47
CA ALA E 209 3.77 41.57 -32.62
C ALA E 209 2.72 40.84 -31.82
N ILE E 210 2.46 39.61 -32.23
CA ILE E 210 1.52 38.71 -31.55
C ILE E 210 2.35 37.52 -31.11
N ILE E 211 2.79 37.50 -29.87
CA ILE E 211 3.64 36.40 -29.43
C ILE E 211 2.76 35.41 -28.68
N GLU E 212 3.18 34.15 -28.70
CA GLU E 212 2.27 33.07 -28.36
C GLU E 212 3.07 31.83 -28.00
N ILE E 213 2.86 31.29 -26.81
CA ILE E 213 3.50 30.05 -26.40
C ILE E 213 2.48 28.93 -26.40
N HIS E 214 2.88 27.77 -26.92
CA HIS E 214 1.95 26.67 -27.15
C HIS E 214 2.04 25.61 -26.06
N SER E 215 1.67 25.96 -24.84
CA SER E 215 1.51 24.95 -23.79
C SER E 215 0.45 25.39 -22.80
N LYS E 216 -0.57 24.55 -22.63
CA LYS E 216 -1.68 24.88 -21.75
C LYS E 216 -1.30 24.82 -20.28
N ARG E 217 -0.12 24.30 -19.95
CA ARG E 217 0.29 24.07 -18.57
C ARG E 217 1.65 24.74 -18.40
N ILE E 218 1.64 26.01 -18.02
CA ILE E 218 2.87 26.79 -17.89
C ILE E 218 2.60 27.89 -16.87
N GLN E 219 3.58 28.16 -16.03
CA GLN E 219 3.44 29.16 -14.99
C GLN E 219 4.54 30.18 -15.19
N LEU E 220 4.18 31.42 -15.46
CA LEU E 220 5.19 32.43 -15.74
C LEU E 220 4.75 33.76 -15.20
N TYR E 221 5.70 34.51 -14.64
CA TYR E 221 5.39 35.80 -14.05
C TYR E 221 5.09 36.85 -15.11
N GLY E 222 6.09 37.19 -15.92
CA GLY E 222 5.95 38.26 -16.89
C GLY E 222 6.87 38.06 -18.07
N ALA E 223 6.96 39.04 -18.96
CA ALA E 223 7.76 38.86 -20.15
C ALA E 223 8.17 40.21 -20.70
N TYR E 224 9.44 40.35 -21.02
CA TYR E 224 9.96 41.54 -21.69
C TYR E 224 10.32 41.18 -23.11
N LEU E 225 10.37 42.18 -23.98
CA LEU E 225 10.70 41.96 -25.39
C LEU E 225 11.77 42.95 -25.79
N ARG E 226 13.02 42.54 -25.73
CA ARG E 226 14.12 43.38 -26.19
C ARG E 226 14.11 43.44 -27.70
N ILE E 227 13.98 44.63 -28.26
CA ILE E 227 14.47 44.88 -29.61
C ILE E 227 15.79 45.60 -29.44
N HIS E 228 16.78 45.24 -30.25
CA HIS E 228 18.14 45.66 -29.98
C HIS E 228 18.84 45.94 -31.30
N ALA E 229 19.74 46.92 -31.29
CA ALA E 229 20.44 47.28 -32.50
C ALA E 229 21.80 46.59 -32.55
N HIS E 230 22.62 46.96 -33.53
CA HIS E 230 24.01 46.51 -33.60
C HIS E 230 24.94 47.63 -34.09
N VAL F 71 39.47 25.34 -42.87
CA VAL F 71 38.60 25.84 -41.83
C VAL F 71 37.29 25.09 -41.78
N SER F 72 36.40 25.51 -40.87
CA SER F 72 35.14 24.80 -40.65
C SER F 72 34.15 25.74 -39.99
N HIS F 73 33.12 26.14 -40.70
CA HIS F 73 32.09 26.98 -40.11
C HIS F 73 30.88 26.15 -39.72
N LEU F 74 30.31 26.47 -38.57
CA LEU F 74 29.09 25.83 -38.11
C LEU F 74 27.90 26.69 -38.49
N SER F 75 26.72 26.23 -38.09
CA SER F 75 25.48 26.95 -38.33
C SER F 75 24.46 26.43 -37.35
N PRO F 76 23.67 27.30 -36.73
CA PRO F 76 22.73 26.84 -35.70
C PRO F 76 21.54 26.14 -36.32
N VAL F 77 20.97 25.23 -35.54
CA VAL F 77 19.81 24.45 -35.96
C VAL F 77 18.65 24.83 -35.05
N HIS F 78 17.51 25.17 -35.64
CA HIS F 78 16.33 25.54 -34.88
C HIS F 78 15.22 24.58 -35.22
N PHE F 79 14.77 23.82 -34.23
CA PHE F 79 13.73 22.82 -34.44
C PHE F 79 12.36 23.46 -34.43
N TYR F 80 11.38 22.74 -34.97
CA TYR F 80 9.97 23.05 -34.79
C TYR F 80 9.16 21.79 -35.01
N TYR F 81 7.90 21.85 -34.57
CA TYR F 81 6.95 20.74 -34.57
C TYR F 81 5.59 21.32 -34.25
N ARG F 82 4.53 20.62 -34.67
CA ARG F 82 3.27 21.34 -34.91
C ARG F 82 2.47 21.62 -33.64
N THR F 83 2.30 20.63 -32.75
CA THR F 83 1.37 20.68 -31.60
C THR F 83 -0.04 21.11 -31.98
N ASP F 84 -0.56 20.54 -33.06
CA ASP F 84 -1.96 20.78 -33.41
C ASP F 84 -2.90 19.96 -32.53
N CYS F 85 -2.41 18.82 -32.04
CA CYS F 85 -3.24 17.85 -31.35
C CYS F 85 -3.54 18.30 -29.92
N ASP F 86 -4.28 17.45 -29.20
CA ASP F 86 -4.82 17.79 -27.90
C ASP F 86 -3.76 17.76 -26.81
N SER F 87 -4.18 17.95 -25.57
CA SER F 87 -3.25 18.07 -24.46
C SER F 87 -2.68 16.71 -24.09
N SER F 88 -1.36 16.62 -24.09
CA SER F 88 -0.65 15.40 -23.74
C SER F 88 -0.21 15.47 -22.29
N THR F 89 0.54 14.45 -21.86
CA THR F 89 1.14 14.47 -20.53
C THR F 89 2.48 15.21 -20.56
N THR F 90 3.46 14.66 -21.25
CA THR F 90 4.75 15.30 -21.47
C THR F 90 5.25 15.20 -22.90
N SER F 91 4.73 14.27 -23.70
CA SER F 91 5.28 14.02 -25.01
C SER F 91 4.88 15.11 -25.98
N LEU F 92 5.56 15.15 -27.12
CA LEU F 92 5.30 16.12 -28.16
C LEU F 92 4.16 15.62 -29.03
N CYS F 93 3.94 16.27 -30.16
CA CYS F 93 2.87 15.86 -31.05
C CYS F 93 3.38 15.28 -32.36
N SER F 94 4.58 15.63 -32.79
CA SER F 94 5.14 15.05 -34.00
C SER F 94 6.65 14.96 -33.84
N PHE F 95 7.30 14.49 -34.87
CA PHE F 95 8.74 14.32 -34.84
C PHE F 95 9.40 15.67 -35.05
N PRO F 96 10.37 16.04 -34.24
CA PRO F 96 11.02 17.35 -34.40
C PRO F 96 11.87 17.43 -35.65
N VAL F 97 11.43 18.16 -36.66
CA VAL F 97 12.21 18.35 -37.86
C VAL F 97 12.89 19.71 -37.79
N ALA F 98 13.83 19.96 -38.70
CA ALA F 98 14.46 21.27 -38.80
C ALA F 98 15.07 21.43 -40.18
N ASN F 99 14.61 22.46 -40.91
CA ASN F 99 15.41 23.03 -42.01
C ASN F 99 16.59 23.77 -41.44
N VAL F 100 17.76 23.29 -41.71
CA VAL F 100 18.92 24.14 -41.55
C VAL F 100 19.10 24.81 -42.89
N SER F 101 19.84 25.91 -42.94
CA SER F 101 20.08 26.60 -44.19
C SER F 101 21.57 26.83 -44.36
N LEU F 102 22.00 26.86 -45.61
CA LEU F 102 23.40 27.02 -45.94
C LEU F 102 23.44 27.80 -47.26
N THR F 103 24.63 27.94 -47.83
CA THR F 103 24.98 28.72 -49.05
C THR F 103 24.35 30.12 -49.02
N LYS F 104 24.91 30.94 -48.13
CA LYS F 104 24.47 32.32 -47.93
C LYS F 104 24.88 33.19 -49.12
N GLY F 105 24.72 34.51 -48.96
CA GLY F 105 24.85 35.46 -50.08
C GLY F 105 26.25 35.52 -50.67
N GLY F 106 27.28 35.17 -49.91
CA GLY F 106 28.61 35.01 -50.45
C GLY F 106 28.89 33.56 -50.79
N ARG F 107 29.76 33.36 -51.79
CA ARG F 107 30.09 32.02 -52.27
C ARG F 107 31.08 31.33 -51.31
N ASP F 108 30.56 31.00 -50.13
CA ASP F 108 31.30 30.28 -49.10
C ASP F 108 30.40 29.14 -48.62
N ARG F 109 30.46 28.01 -49.33
CA ARG F 109 29.57 26.89 -49.09
C ARG F 109 30.38 25.61 -49.24
N VAL F 110 29.69 24.49 -49.38
CA VAL F 110 30.34 23.22 -49.67
C VAL F 110 31.00 23.27 -51.05
N LEU F 111 32.29 22.94 -51.11
CA LEU F 111 33.13 23.19 -52.27
C LEU F 111 32.73 22.31 -53.44
N MET F 112 33.26 22.65 -54.62
CA MET F 112 32.86 22.00 -55.86
C MET F 112 33.36 20.56 -55.90
N TYR F 113 34.66 20.37 -55.89
CA TYR F 113 35.26 19.09 -55.51
C TYR F 113 36.34 19.46 -54.52
N GLY F 114 35.95 19.67 -53.27
CA GLY F 114 36.90 20.06 -52.25
C GLY F 114 37.49 18.85 -51.57
N GLN F 115 38.33 19.12 -50.59
CA GLN F 115 38.75 18.06 -49.68
C GLN F 115 37.52 17.61 -48.90
N PRO F 116 37.27 16.31 -48.80
CA PRO F 116 35.94 15.82 -48.44
C PRO F 116 35.57 16.15 -47.01
N TYR F 117 34.25 16.18 -46.78
CA TYR F 117 33.67 16.76 -45.58
C TYR F 117 33.25 15.68 -44.59
N ARG F 118 33.18 16.11 -43.33
CA ARG F 118 32.83 15.25 -42.19
C ARG F 118 31.87 16.05 -41.33
N VAL F 119 30.57 15.87 -41.55
CA VAL F 119 29.59 16.62 -40.80
C VAL F 119 29.35 15.93 -39.47
N THR F 120 29.12 16.70 -38.42
CA THR F 120 28.72 16.16 -37.12
C THR F 120 27.58 17.02 -36.62
N LEU F 121 26.54 16.40 -36.10
CA LEU F 121 25.42 17.15 -35.55
C LEU F 121 25.63 17.20 -34.05
N GLU F 122 26.29 18.26 -33.58
CA GLU F 122 26.57 18.40 -32.15
C GLU F 122 25.28 18.75 -31.44
N LEU F 123 24.69 17.75 -30.80
CA LEU F 123 23.37 17.82 -30.19
C LEU F 123 23.54 17.97 -28.69
N GLU F 124 22.52 18.54 -28.04
CA GLU F 124 22.64 18.97 -26.65
C GLU F 124 21.54 18.32 -25.84
N LEU F 125 21.87 17.76 -24.68
CA LEU F 125 20.84 17.07 -23.91
C LEU F 125 21.04 17.29 -22.42
N PRO F 126 19.97 17.51 -21.68
CA PRO F 126 20.09 17.52 -20.22
C PRO F 126 19.74 16.17 -19.63
N GLU F 127 20.21 15.88 -18.42
CA GLU F 127 19.98 14.57 -17.81
C GLU F 127 18.68 14.59 -17.01
N SER F 128 17.57 14.69 -17.72
CA SER F 128 16.28 14.59 -17.07
C SER F 128 15.99 13.14 -16.71
N PRO F 129 15.05 12.89 -15.80
CA PRO F 129 14.76 11.46 -15.70
C PRO F 129 14.08 11.01 -16.99
N VAL F 130 13.19 11.87 -17.47
CA VAL F 130 12.40 11.59 -18.67
C VAL F 130 13.32 11.39 -19.84
N ASN F 131 14.30 12.26 -19.97
CA ASN F 131 15.27 12.16 -21.04
C ASN F 131 16.07 10.87 -20.95
N GLN F 132 16.41 10.46 -19.75
CA GLN F 132 17.13 9.25 -19.50
C GLN F 132 16.39 7.99 -19.92
N ASP F 133 15.07 7.91 -19.78
CA ASP F 133 14.43 6.61 -20.14
C ASP F 133 14.54 6.06 -21.58
N LEU F 134 14.32 6.89 -22.58
CA LEU F 134 14.40 6.64 -24.01
C LEU F 134 15.68 5.90 -24.34
N GLY F 135 15.55 4.77 -25.00
CA GLY F 135 16.74 3.97 -25.21
C GLY F 135 17.57 4.48 -26.35
N MET F 136 17.08 4.33 -27.56
CA MET F 136 17.82 4.77 -28.73
C MET F 136 16.90 5.65 -29.56
N PHE F 137 17.50 6.55 -30.31
CA PHE F 137 16.71 7.27 -31.30
C PHE F 137 17.62 7.56 -32.48
N LEU F 138 17.07 7.40 -33.68
CA LEU F 138 17.89 7.58 -34.88
C LEU F 138 17.67 8.97 -35.42
N VAL F 139 18.75 9.72 -35.56
CA VAL F 139 18.75 11.01 -36.23
C VAL F 139 19.07 10.76 -37.70
N THR F 140 18.18 11.21 -38.58
CA THR F 140 18.38 11.07 -40.00
C THR F 140 18.83 12.41 -40.56
N ILE F 141 18.97 12.47 -41.88
CA ILE F 141 19.38 13.69 -42.56
C ILE F 141 18.97 13.53 -44.02
N SER F 142 18.81 14.64 -44.71
CA SER F 142 18.57 14.63 -46.14
C SER F 142 19.04 15.98 -46.68
N CYS F 143 19.89 15.95 -47.69
CA CYS F 143 20.39 17.19 -48.27
C CYS F 143 19.56 17.53 -49.50
N TYR F 144 19.11 18.78 -49.59
CA TYR F 144 18.32 19.25 -50.71
C TYR F 144 19.13 20.27 -51.52
N THR F 145 18.84 20.35 -52.82
CA THR F 145 19.67 21.11 -53.74
C THR F 145 18.97 22.33 -54.32
N ARG F 146 17.87 22.13 -55.03
CA ARG F 146 17.14 23.25 -55.64
C ARG F 146 15.72 22.75 -55.89
N GLY F 147 14.80 23.14 -55.03
CA GLY F 147 13.49 22.53 -54.99
C GLY F 147 13.45 21.45 -53.93
N GLY F 148 12.38 20.64 -54.00
CA GLY F 148 12.27 19.49 -53.13
C GLY F 148 13.08 18.31 -53.64
N ARG F 149 14.39 18.49 -53.74
CA ARG F 149 15.25 17.61 -54.50
C ARG F 149 16.33 17.05 -53.58
N ILE F 150 16.07 15.86 -53.03
CA ILE F 150 17.06 15.19 -52.21
C ILE F 150 18.22 14.72 -53.07
N ILE F 151 19.44 14.85 -52.54
CA ILE F 151 20.61 14.30 -53.18
C ILE F 151 21.22 13.15 -52.37
N SER F 152 21.19 13.23 -51.05
CA SER F 152 21.81 12.20 -50.21
C SER F 152 21.06 12.12 -48.89
N THR F 153 20.89 10.91 -48.39
CA THR F 153 20.29 10.64 -47.09
C THR F 153 21.26 9.80 -46.27
N SER F 154 20.97 9.71 -44.97
CA SER F 154 21.70 8.85 -44.05
C SER F 154 20.81 8.59 -42.84
N SER F 155 21.38 7.92 -41.85
CA SER F 155 20.71 7.65 -40.58
C SER F 155 21.76 7.17 -39.60
N ARG F 156 21.69 7.65 -38.38
CA ARG F 156 22.54 7.13 -37.32
C ARG F 156 21.70 6.99 -36.07
N SER F 157 21.67 5.79 -35.50
CA SER F 157 21.10 5.65 -34.18
C SER F 157 22.05 6.27 -33.18
N VAL F 158 21.50 6.77 -32.09
CA VAL F 158 22.33 7.34 -31.05
C VAL F 158 21.67 7.08 -29.71
N MET F 159 22.47 7.15 -28.66
CA MET F 159 22.18 6.66 -27.33
C MET F 159 22.63 7.72 -26.35
N LEU F 160 21.75 8.08 -25.43
CA LEU F 160 22.15 8.99 -24.37
C LEU F 160 23.11 8.26 -23.44
N HIS F 161 24.22 8.91 -23.12
CA HIS F 161 25.35 8.26 -22.49
C HIS F 161 25.04 7.99 -21.02
N TYR F 162 25.02 6.71 -20.65
CA TYR F 162 24.41 6.25 -19.40
C TYR F 162 25.28 6.53 -18.19
N ARG F 163 24.62 6.83 -17.07
CA ARG F 163 25.24 6.82 -15.75
C ARG F 163 24.30 6.18 -14.74
N SER F 164 24.87 5.60 -13.70
CA SER F 164 24.04 5.00 -12.67
C SER F 164 23.50 6.08 -11.73
N ASP F 165 22.66 5.67 -10.79
CA ASP F 165 22.06 6.64 -9.88
C ASP F 165 23.00 7.02 -8.74
N LEU F 166 23.73 6.04 -8.21
CA LEU F 166 24.69 6.32 -7.17
C LEU F 166 25.82 7.20 -7.69
N LEU F 167 26.20 7.02 -8.95
CA LEU F 167 27.24 7.88 -9.49
C LEU F 167 26.70 9.27 -9.79
N GLN F 168 25.41 9.41 -10.06
CA GLN F 168 24.86 10.76 -10.18
C GLN F 168 24.82 11.45 -8.83
N MET F 169 24.55 10.71 -7.75
CA MET F 169 24.60 11.33 -6.43
C MET F 169 26.02 11.75 -6.08
N LEU F 170 27.02 10.91 -6.37
CA LEU F 170 28.40 11.32 -6.15
C LEU F 170 28.84 12.43 -7.10
N ASP F 171 28.24 12.52 -8.29
CA ASP F 171 28.61 13.59 -9.20
C ASP F 171 28.08 14.93 -8.71
N THR F 172 26.82 14.97 -8.32
CA THR F 172 26.28 16.23 -7.83
C THR F 172 26.67 16.51 -6.39
N LEU F 173 27.36 15.60 -5.72
CA LEU F 173 27.93 15.91 -4.42
C LEU F 173 29.41 16.32 -4.48
N VAL F 174 30.23 15.66 -5.29
CA VAL F 174 31.63 16.02 -5.42
C VAL F 174 31.77 17.35 -6.16
N PHE F 175 31.09 17.49 -7.29
CA PHE F 175 31.16 18.72 -8.05
C PHE F 175 30.12 19.72 -7.58
N SER F 176 30.03 19.95 -6.28
CA SER F 176 29.07 20.92 -5.79
C SER F 176 29.65 22.32 -5.79
N SER F 177 30.95 22.45 -5.95
CA SER F 177 31.56 23.77 -6.01
C SER F 177 31.45 24.38 -7.40
N LEU F 178 31.37 23.55 -8.44
CA LEU F 178 31.29 24.10 -9.79
C LEU F 178 29.85 24.33 -10.21
N LEU F 179 28.94 23.45 -9.80
CA LEU F 179 27.58 23.49 -10.32
C LEU F 179 26.74 24.59 -9.69
N LEU F 180 27.06 25.00 -8.47
CA LEU F 180 26.31 26.04 -7.78
C LEU F 180 26.76 27.44 -8.16
N PHE F 181 27.62 27.60 -9.15
CA PHE F 181 28.08 28.94 -9.52
C PHE F 181 28.15 29.12 -11.03
N GLY F 182 27.42 28.32 -11.79
CA GLY F 182 27.26 28.49 -13.21
C GLY F 182 28.26 27.72 -14.06
N PHE F 183 29.39 27.33 -13.49
CA PHE F 183 30.47 26.76 -14.26
C PHE F 183 30.16 25.30 -14.57
N ALA F 184 30.06 24.97 -15.87
CA ALA F 184 29.94 23.60 -16.39
C ALA F 184 28.71 22.88 -15.83
N GLU F 185 27.54 23.38 -16.20
CA GLU F 185 26.26 22.92 -15.69
C GLU F 185 25.94 21.53 -16.25
N GLN F 186 24.90 20.88 -15.71
CA GLN F 186 24.61 19.47 -15.97
C GLN F 186 24.09 19.18 -17.37
N LYS F 187 24.93 19.38 -18.38
CA LYS F 187 24.61 19.06 -19.75
C LYS F 187 25.37 17.80 -20.14
N GLN F 188 24.95 17.19 -21.25
CA GLN F 188 25.59 15.97 -21.70
C GLN F 188 25.70 15.97 -23.22
N LEU F 189 26.35 16.98 -23.78
CA LEU F 189 26.31 17.24 -25.23
C LEU F 189 26.87 16.08 -26.04
N LEU F 190 26.03 15.58 -26.94
CA LEU F 190 26.40 14.47 -27.80
C LEU F 190 27.22 14.97 -28.97
N GLU F 191 27.61 14.02 -29.82
CA GLU F 191 28.28 14.30 -31.07
C GLU F 191 28.13 13.06 -31.94
N VAL F 192 27.43 13.20 -33.06
CA VAL F 192 27.19 12.02 -33.89
C VAL F 192 27.51 12.31 -35.35
N GLU F 193 28.59 11.74 -35.85
CA GLU F 193 28.99 11.97 -37.23
C GLU F 193 28.13 11.14 -38.15
N LEU F 194 27.76 11.71 -39.27
CA LEU F 194 26.80 11.05 -40.13
C LEU F 194 27.07 11.20 -41.63
N TYR F 195 28.10 11.95 -42.01
CA TYR F 195 28.66 11.89 -43.35
C TYR F 195 30.17 11.90 -43.32
N ALA F 196 30.75 10.97 -42.56
CA ALA F 196 32.19 10.75 -42.59
C ALA F 196 32.65 10.50 -44.02
N ASP F 197 33.53 11.39 -44.50
CA ASP F 197 33.97 11.51 -45.89
C ASP F 197 32.77 11.76 -46.83
N TYR F 198 32.21 12.95 -46.68
CA TYR F 198 31.16 13.42 -47.56
C TYR F 198 31.73 14.03 -48.84
N ARG F 199 31.05 13.79 -49.96
CA ARG F 199 31.41 14.37 -51.24
C ARG F 199 30.19 15.06 -51.84
N GLU F 200 30.43 15.91 -52.83
CA GLU F 200 29.35 16.63 -53.51
C GLU F 200 29.49 16.38 -55.02
N ASN F 201 28.91 15.29 -55.49
CA ASN F 201 29.12 14.83 -56.85
C ASN F 201 28.11 15.42 -57.82
N SER F 202 28.47 15.36 -59.10
CA SER F 202 27.75 15.86 -60.28
C SER F 202 27.57 17.38 -60.29
N TYR F 203 28.17 18.08 -59.32
CA TYR F 203 28.27 19.55 -59.26
C TYR F 203 26.90 20.23 -59.26
N VAL F 204 25.92 19.58 -58.65
CA VAL F 204 24.67 20.25 -58.28
C VAL F 204 24.85 20.74 -56.85
N PRO F 205 24.61 22.02 -56.58
CA PRO F 205 24.97 22.57 -55.27
C PRO F 205 24.02 22.12 -54.18
N THR F 206 24.58 21.84 -53.00
CA THR F 206 23.79 21.47 -51.84
C THR F 206 23.35 22.75 -51.13
N THR F 207 22.04 22.99 -51.10
CA THR F 207 21.55 24.22 -50.50
C THR F 207 21.53 24.12 -48.98
N GLY F 208 21.02 23.02 -48.43
CA GLY F 208 20.97 22.88 -46.99
C GLY F 208 20.65 21.46 -46.57
N ALA F 209 20.03 21.29 -45.41
CA ALA F 209 19.68 19.97 -44.96
C ALA F 209 18.41 20.01 -44.14
N ILE F 210 17.74 18.87 -44.07
CA ILE F 210 16.52 18.68 -43.30
C ILE F 210 16.85 17.61 -42.27
N ILE F 211 17.20 18.00 -41.06
CA ILE F 211 17.58 17.01 -40.08
C ILE F 211 16.38 16.74 -39.19
N GLU F 212 16.33 15.56 -38.61
CA GLU F 212 15.07 15.06 -38.06
C GLU F 212 15.37 13.92 -37.10
N ILE F 213 14.93 14.04 -35.86
CA ILE F 213 15.08 12.97 -34.88
C ILE F 213 13.72 12.32 -34.64
N HIS F 214 13.71 11.00 -34.58
CA HIS F 214 12.47 10.24 -34.53
C HIS F 214 12.12 9.79 -33.11
N SER F 215 11.85 10.73 -32.22
CA SER F 215 11.30 10.38 -30.92
C SER F 215 10.41 11.49 -30.40
N LYS F 216 9.15 11.17 -30.11
CA LYS F 216 8.20 12.17 -29.66
C LYS F 216 8.47 12.63 -28.25
N ARG F 217 9.35 11.99 -27.52
CA ARG F 217 9.60 12.26 -26.11
C ARG F 217 11.10 12.49 -25.96
N ILE F 218 11.53 13.74 -26.13
CA ILE F 218 12.94 14.10 -26.07
C ILE F 218 13.04 15.55 -25.65
N GLN F 219 14.02 15.86 -24.81
CA GLN F 219 14.19 17.19 -24.28
C GLN F 219 15.58 17.64 -24.65
N LEU F 220 15.70 18.69 -25.45
CA LEU F 220 17.02 19.11 -25.90
C LEU F 220 17.05 20.62 -26.02
N TYR F 221 18.19 21.21 -25.64
CA TYR F 221 18.32 22.65 -25.68
C TYR F 221 18.46 23.17 -27.10
N GLY F 222 19.55 22.81 -27.76
CA GLY F 222 19.84 23.33 -29.08
C GLY F 222 20.69 22.38 -29.88
N ALA F 223 21.14 22.80 -31.05
CA ALA F 223 21.89 21.89 -31.91
C ALA F 223 22.77 22.68 -32.85
N TYR F 224 24.03 22.27 -32.96
CA TYR F 224 24.97 22.83 -33.92
C TYR F 224 25.25 21.79 -34.99
N LEU F 225 25.68 22.25 -36.15
CA LEU F 225 25.96 21.35 -37.27
C LEU F 225 27.34 21.70 -37.82
N ARG F 226 28.37 20.99 -37.36
CA ARG F 226 29.70 21.19 -37.89
C ARG F 226 29.78 20.59 -39.28
N ILE F 227 30.10 21.38 -40.28
CA ILE F 227 30.71 20.87 -41.49
C ILE F 227 32.20 21.15 -41.37
N HIS F 228 33.02 20.19 -41.77
CA HIS F 228 34.43 20.27 -41.43
C HIS F 228 35.25 19.72 -42.58
N ALA F 229 36.43 20.27 -42.79
CA ALA F 229 37.28 19.84 -43.89
C ALA F 229 38.31 18.82 -43.41
N HIS F 230 39.25 18.47 -44.27
CA HIS F 230 40.39 17.65 -43.90
C HIS F 230 41.65 18.10 -44.59
N VAL G 71 47.75 -9.04 -40.94
CA VAL G 71 47.07 -7.90 -40.37
C VAL G 71 45.57 -8.11 -40.28
N SER G 72 44.85 -7.09 -39.80
CA SER G 72 43.41 -7.23 -39.56
C SER G 72 42.79 -5.84 -39.52
N HIS G 73 42.00 -5.50 -40.52
CA HIS G 73 41.31 -4.23 -40.52
C HIS G 73 39.86 -4.39 -40.08
N LEU G 74 39.40 -3.44 -39.28
CA LEU G 74 38.01 -3.42 -38.84
C LEU G 74 37.22 -2.50 -39.75
N SER G 75 35.94 -2.36 -39.44
CA SER G 75 35.05 -1.48 -40.18
C SER G 75 33.86 -1.19 -39.29
N PRO G 76 33.40 0.06 -39.22
CA PRO G 76 32.33 0.40 -38.30
C PRO G 76 30.99 -0.11 -38.80
N VAL G 77 30.10 -0.37 -37.86
CA VAL G 77 28.75 -0.86 -38.15
C VAL G 77 27.78 0.20 -37.71
N HIS G 78 26.85 0.58 -38.59
CA HIS G 78 25.85 1.59 -38.28
C HIS G 78 24.48 0.95 -38.41
N PHE G 79 23.75 0.87 -37.31
CA PHE G 79 22.44 0.25 -37.31
C PHE G 79 21.37 1.21 -37.82
N TYR G 80 20.23 0.64 -38.20
CA TYR G 80 19.02 1.42 -38.44
C TYR G 80 17.82 0.50 -38.29
N TYR G 81 16.64 1.12 -38.16
CA TYR G 81 15.37 0.46 -37.91
C TYR G 81 14.28 1.50 -38.11
N ARG G 82 13.06 1.05 -38.42
CA ARG G 82 12.16 1.93 -39.15
C ARG G 82 11.45 2.97 -38.28
N THR G 83 10.90 2.57 -37.12
CA THR G 83 10.00 3.38 -36.28
C THR G 83 8.85 4.00 -37.06
N ASP G 84 8.21 3.20 -37.91
CA ASP G 84 7.01 3.69 -38.59
C ASP G 84 5.80 3.66 -37.65
N CYS G 85 5.83 2.76 -36.68
CA CYS G 85 4.68 2.48 -35.83
C CYS G 85 4.51 3.57 -34.78
N ASP G 86 3.48 3.39 -33.94
CA ASP G 86 3.03 4.41 -33.02
C ASP G 86 3.96 4.54 -31.81
N SER G 87 3.58 5.37 -30.85
CA SER G 87 4.44 5.67 -29.72
C SER G 87 4.48 4.50 -28.75
N SER G 88 5.68 4.03 -28.46
CA SER G 88 5.90 2.93 -27.53
C SER G 88 6.27 3.49 -26.17
N THR G 89 6.59 2.59 -25.24
CA THR G 89 7.10 3.00 -23.93
C THR G 89 8.61 3.23 -23.99
N THR G 90 9.36 2.16 -24.22
CA THR G 90 10.81 2.22 -24.41
C THR G 90 11.30 1.36 -25.56
N SER G 91 10.52 0.38 -26.00
CA SER G 91 11.01 -0.58 -26.98
C SER G 91 11.06 0.06 -28.37
N LEU G 92 11.76 -0.62 -29.27
CA LEU G 92 11.90 -0.16 -30.64
C LEU G 92 10.70 -0.63 -31.45
N CYS G 93 10.78 -0.50 -32.76
CA CYS G 93 9.68 -0.91 -33.61
C CYS G 93 10.00 -2.14 -34.45
N SER G 94 11.26 -2.38 -34.75
CA SER G 94 11.65 -3.57 -35.50
C SER G 94 13.00 -4.04 -35.03
N PHE G 95 13.49 -5.09 -35.65
CA PHE G 95 14.77 -5.64 -35.28
C PHE G 95 15.89 -4.78 -35.87
N PRO G 96 16.88 -4.40 -35.10
CA PRO G 96 17.96 -3.56 -35.64
C PRO G 96 18.84 -4.30 -36.63
N VAL G 97 18.73 -3.98 -37.91
CA VAL G 97 19.59 -4.59 -38.92
C VAL G 97 20.70 -3.60 -39.26
N ALA G 98 21.70 -4.08 -39.99
CA ALA G 98 22.76 -3.20 -40.48
C ALA G 98 23.45 -3.83 -41.67
N ASN G 99 23.42 -3.16 -42.81
CA ASN G 99 24.41 -3.39 -43.87
C ASN G 99 25.75 -2.87 -43.43
N VAL G 100 26.68 -3.73 -43.25
CA VAL G 100 28.06 -3.30 -43.22
C VAL G 100 28.53 -3.36 -44.67
N SER G 101 29.60 -2.68 -44.99
CA SER G 101 30.14 -2.70 -46.34
C SER G 101 31.61 -3.04 -46.30
N LEU G 102 32.08 -3.68 -47.36
CA LEU G 102 33.46 -4.11 -47.45
C LEU G 102 33.83 -4.05 -48.93
N THR G 103 35.02 -4.53 -49.27
CA THR G 103 35.67 -4.51 -50.60
C THR G 103 35.58 -3.11 -51.25
N LYS G 104 36.35 -2.20 -50.67
CA LYS G 104 36.42 -0.81 -51.11
C LYS G 104 37.18 -0.71 -52.45
N GLY G 105 37.49 0.53 -52.86
CA GLY G 105 37.98 0.80 -54.21
C GLY G 105 39.34 0.18 -54.50
N GLY G 106 40.15 -0.09 -53.47
CA GLY G 106 41.36 -0.86 -53.64
C GLY G 106 41.12 -2.33 -53.33
N ARG G 107 41.91 -3.20 -53.98
CA ARG G 107 41.76 -4.64 -53.82
C ARG G 107 42.39 -5.10 -52.51
N ASP G 108 41.74 -4.72 -51.41
CA ASP G 108 42.14 -5.10 -50.05
C ASP G 108 40.88 -5.60 -49.35
N ARG G 109 40.56 -6.87 -49.53
CA ARG G 109 39.32 -7.45 -49.04
C ARG G 109 39.64 -8.85 -48.53
N VAL G 110 38.59 -9.65 -48.33
CA VAL G 110 38.77 -11.05 -47.97
C VAL G 110 39.46 -11.80 -49.10
N LEU G 111 40.54 -12.50 -48.77
CA LEU G 111 41.48 -13.04 -49.76
C LEU G 111 40.84 -14.19 -50.55
N MET G 112 41.51 -14.56 -51.63
CA MET G 112 40.96 -15.54 -52.57
C MET G 112 40.92 -16.93 -51.94
N TYR G 113 42.07 -17.48 -51.61
CA TYR G 113 42.15 -18.57 -50.65
C TYR G 113 43.26 -18.16 -49.70
N GLY G 114 42.91 -17.32 -48.74
CA GLY G 114 43.88 -16.83 -47.78
C GLY G 114 43.97 -17.73 -46.58
N GLN G 115 44.82 -17.33 -45.65
CA GLN G 115 44.80 -17.95 -44.34
C GLN G 115 43.46 -17.63 -43.70
N PRO G 116 42.76 -18.61 -43.14
CA PRO G 116 41.32 -18.47 -42.87
C PRO G 116 41.02 -17.46 -41.79
N TYR G 117 39.81 -16.94 -41.84
CA TYR G 117 39.40 -15.75 -41.11
C TYR G 117 38.60 -16.10 -39.87
N ARG G 118 38.62 -15.18 -38.92
CA ARG G 118 37.94 -15.30 -37.64
C ARG G 118 37.28 -13.96 -37.36
N VAL G 119 36.02 -13.82 -37.74
CA VAL G 119 35.34 -12.55 -37.54
C VAL G 119 34.81 -12.50 -36.12
N THR G 120 34.82 -11.31 -35.53
CA THR G 120 34.20 -11.08 -34.23
C THR G 120 33.42 -9.78 -34.34
N LEU G 121 32.20 -9.78 -33.82
CA LEU G 121 31.40 -8.56 -33.84
C LEU G 121 31.55 -7.93 -32.47
N GLU G 122 32.51 -7.02 -32.33
CA GLU G 122 32.77 -6.37 -31.05
C GLU G 122 31.65 -5.37 -30.79
N LEU G 123 30.71 -5.76 -29.94
CA LEU G 123 29.48 -5.03 -29.68
C LEU G 123 29.62 -4.31 -28.35
N GLU G 124 28.86 -3.24 -28.18
CA GLU G 124 29.06 -2.31 -27.08
C GLU G 124 27.75 -2.17 -26.29
N LEU G 125 27.81 -2.24 -24.97
CA LEU G 125 26.57 -2.18 -24.21
C LEU G 125 26.77 -1.41 -22.92
N PRO G 126 25.82 -0.58 -22.55
CA PRO G 126 25.86 0.03 -21.22
C PRO G 126 25.03 -0.76 -20.22
N GLU G 127 25.32 -0.62 -18.94
CA GLU G 127 24.63 -1.38 -17.91
C GLU G 127 23.37 -0.63 -17.45
N SER G 128 22.40 -0.52 -18.35
CA SER G 128 21.13 0.07 -17.96
C SER G 128 20.33 -0.92 -17.12
N PRO G 129 19.31 -0.46 -16.41
CA PRO G 129 18.53 -1.52 -15.78
C PRO G 129 17.82 -2.30 -16.90
N VAL G 130 17.33 -1.54 -17.87
CA VAL G 130 16.59 -2.11 -19.00
C VAL G 130 17.46 -3.07 -19.77
N ASN G 131 18.71 -2.70 -19.98
CA ASN G 131 19.63 -3.55 -20.67
C ASN G 131 19.86 -4.84 -19.92
N GLN G 132 19.96 -4.75 -18.61
CA GLN G 132 20.14 -5.89 -17.76
C GLN G 132 18.99 -6.88 -17.82
N ASP G 133 17.74 -6.45 -17.96
CA ASP G 133 16.67 -7.48 -17.94
C ASP G 133 16.64 -8.61 -18.99
N LEU G 134 16.82 -8.27 -20.27
CA LEU G 134 16.87 -9.14 -21.44
C LEU G 134 17.83 -10.30 -21.19
N GLY G 135 17.33 -11.51 -21.36
CA GLY G 135 18.17 -12.63 -21.01
C GLY G 135 19.18 -12.94 -22.08
N MET G 136 18.72 -13.46 -23.20
CA MET G 136 19.60 -13.81 -24.28
C MET G 136 19.10 -13.15 -25.55
N PHE G 137 20.02 -12.89 -26.47
CA PHE G 137 19.58 -12.48 -27.78
C PHE G 137 20.57 -13.02 -28.79
N LEU G 138 20.07 -13.51 -29.92
CA LEU G 138 20.95 -14.13 -30.90
C LEU G 138 21.26 -13.11 -31.98
N VAL G 139 22.54 -12.86 -32.18
CA VAL G 139 23.01 -12.07 -33.30
C VAL G 139 23.29 -13.02 -34.47
N THR G 140 22.67 -12.74 -35.61
CA THR G 140 22.87 -13.55 -36.80
C THR G 140 23.78 -12.79 -37.73
N ILE G 141 23.99 -13.35 -38.92
CA ILE G 141 24.85 -12.74 -39.93
C ILE G 141 24.47 -13.38 -41.25
N SER G 142 24.74 -12.69 -42.34
CA SER G 142 24.58 -13.25 -43.68
C SER G 142 25.51 -12.50 -44.59
N CYS G 143 26.34 -13.21 -45.34
CA CYS G 143 27.27 -12.57 -46.25
C CYS G 143 26.68 -12.56 -47.65
N TYR G 144 26.69 -11.40 -48.30
CA TYR G 144 26.18 -11.25 -49.66
C TYR G 144 27.32 -10.99 -50.62
N THR G 145 27.14 -11.40 -51.87
CA THR G 145 28.23 -11.41 -52.85
C THR G 145 28.04 -10.42 -53.98
N ARG G 146 26.96 -10.56 -54.76
CA ARG G 146 26.71 -9.65 -55.88
C ARG G 146 25.22 -9.75 -56.18
N GLY G 147 24.46 -8.77 -55.74
CA GLY G 147 23.02 -8.89 -55.72
C GLY G 147 22.54 -9.33 -54.35
N GLY G 148 21.27 -9.72 -54.29
CA GLY G 148 20.72 -10.28 -53.07
C GLY G 148 21.08 -11.75 -52.92
N ARG G 149 22.37 -12.04 -52.83
CA ARG G 149 22.90 -13.38 -53.00
C ARG G 149 23.67 -13.77 -51.75
N ILE G 150 22.98 -14.47 -50.83
CA ILE G 150 23.62 -14.98 -49.63
C ILE G 150 24.58 -16.10 -50.00
N ILE G 151 25.74 -16.11 -49.35
CA ILE G 151 26.67 -17.23 -49.47
C ILE G 151 26.80 -18.03 -48.18
N SER G 152 26.74 -17.38 -47.02
CA SER G 152 26.91 -18.07 -45.76
C SER G 152 26.13 -17.33 -44.68
N THR G 153 25.52 -18.10 -43.79
CA THR G 153 24.81 -17.58 -42.63
C THR G 153 25.38 -18.22 -41.36
N SER G 154 25.03 -17.65 -40.22
CA SER G 154 25.36 -18.20 -38.92
C SER G 154 24.38 -17.62 -37.90
N SER G 155 24.63 -17.92 -36.63
CA SER G 155 23.86 -17.41 -35.52
C SER G 155 24.62 -17.70 -34.25
N ARG G 156 24.67 -16.72 -33.34
CA ARG G 156 25.24 -16.97 -32.03
C ARG G 156 24.35 -16.29 -31.00
N SER G 157 23.88 -17.06 -30.03
CA SER G 157 23.23 -16.43 -28.89
C SER G 157 24.28 -15.74 -28.06
N VAL G 158 23.90 -14.67 -27.39
CA VAL G 158 24.85 -14.00 -26.51
C VAL G 158 24.06 -13.44 -25.33
N MET G 159 24.80 -13.16 -24.28
CA MET G 159 24.29 -12.91 -22.93
C MET G 159 25.04 -11.71 -22.39
N LEU G 160 24.31 -10.75 -21.86
CA LEU G 160 24.96 -9.63 -21.19
C LEU G 160 25.55 -10.12 -19.89
N HIS G 161 26.81 -9.78 -19.65
CA HIS G 161 27.61 -10.39 -18.60
C HIS G 161 27.15 -9.89 -17.24
N TYR G 162 26.66 -10.81 -16.40
CA TYR G 162 25.87 -10.47 -15.22
C TYR G 162 26.73 -9.96 -14.08
N ARG G 163 26.18 -9.02 -13.30
CA ARG G 163 26.70 -8.65 -11.99
C ARG G 163 25.54 -8.46 -11.02
N SER G 164 25.82 -8.67 -9.75
CA SER G 164 24.80 -8.48 -8.74
C SER G 164 24.64 -7.00 -8.43
N ASP G 165 23.66 -6.68 -7.58
CA ASP G 165 23.40 -5.28 -7.26
C ASP G 165 24.36 -4.76 -6.20
N LEU G 166 24.67 -5.58 -5.21
CA LEU G 166 25.63 -5.17 -4.19
C LEU G 166 27.01 -4.98 -4.79
N LEU G 167 27.36 -5.80 -5.78
CA LEU G 167 28.66 -5.63 -6.41
C LEU G 167 28.66 -4.42 -7.33
N GLN G 168 27.52 -4.02 -7.87
CA GLN G 168 27.49 -2.77 -8.61
C GLN G 168 27.63 -1.57 -7.69
N MET G 169 27.07 -1.65 -6.47
CA MET G 169 27.29 -0.57 -5.52
C MET G 169 28.74 -0.48 -5.09
N LEU G 170 29.38 -1.63 -4.85
CA LEU G 170 30.81 -1.60 -4.54
C LEU G 170 31.66 -1.21 -5.74
N ASP G 171 31.18 -1.46 -6.95
CA ASP G 171 31.95 -1.06 -8.13
C ASP G 171 31.90 0.44 -8.32
N THR G 172 30.73 1.04 -8.22
CA THR G 172 30.65 2.48 -8.38
C THR G 172 31.05 3.22 -7.12
N LEU G 173 31.35 2.54 -6.03
CA LEU G 173 31.93 3.19 -4.87
C LEU G 173 33.45 3.08 -4.82
N VAL G 174 34.01 1.91 -5.12
CA VAL G 174 35.46 1.74 -5.11
C VAL G 174 36.10 2.49 -6.27
N PHE G 175 35.55 2.33 -7.47
CA PHE G 175 36.10 3.03 -8.63
C PHE G 175 35.46 4.39 -8.79
N SER G 176 35.39 5.18 -7.73
CA SER G 176 34.81 6.50 -7.86
C SER G 176 35.85 7.52 -8.30
N SER G 177 37.13 7.16 -8.24
CA SER G 177 38.17 8.07 -8.71
C SER G 177 38.34 8.02 -10.21
N LEU G 178 38.02 6.89 -10.84
CA LEU G 178 38.20 6.79 -12.28
C LEU G 178 36.95 7.24 -13.03
N LEU G 179 35.77 6.95 -12.49
CA LEU G 179 34.54 7.16 -13.23
C LEU G 179 34.12 8.61 -13.27
N LEU G 180 34.50 9.40 -12.27
CA LEU G 180 34.14 10.80 -12.20
C LEU G 180 35.07 11.70 -13.01
N PHE G 181 35.98 11.14 -13.79
CA PHE G 181 36.90 11.97 -14.56
C PHE G 181 37.09 11.45 -15.97
N GLY G 182 36.16 10.66 -16.48
CA GLY G 182 36.14 10.23 -17.86
C GLY G 182 36.84 8.91 -18.12
N PHE G 183 37.73 8.49 -17.24
CA PHE G 183 38.57 7.34 -17.51
C PHE G 183 37.77 6.06 -17.27
N ALA G 184 37.62 5.26 -18.32
CA ALA G 184 37.06 3.90 -18.28
C ALA G 184 35.63 3.89 -17.72
N GLU G 185 34.73 4.51 -18.47
CA GLU G 185 33.34 4.73 -18.09
C GLU G 185 32.58 3.39 -18.11
N GLN G 186 31.35 3.40 -17.56
CA GLN G 186 30.59 2.18 -17.30
C GLN G 186 30.07 1.48 -18.55
N LYS G 187 30.97 0.95 -19.36
CA LYS G 187 30.61 0.18 -20.53
C LYS G 187 30.89 -1.28 -20.25
N GLN G 188 30.33 -2.16 -21.08
CA GLN G 188 30.51 -3.59 -20.88
C GLN G 188 30.69 -4.28 -22.23
N LEU G 189 31.68 -3.87 -23.00
CA LEU G 189 31.81 -4.25 -24.41
C LEU G 189 31.94 -5.76 -24.58
N LEU G 190 31.03 -6.33 -25.35
CA LEU G 190 31.02 -7.76 -25.62
C LEU G 190 32.01 -8.09 -26.72
N GLU G 191 32.08 -9.38 -27.02
CA GLU G 191 32.86 -9.89 -28.14
C GLU G 191 32.32 -11.27 -28.46
N VAL G 192 31.76 -11.44 -29.64
CA VAL G 192 31.16 -12.72 -29.97
C VAL G 192 31.62 -13.22 -31.35
N GLU G 193 32.45 -14.24 -31.35
CA GLU G 193 32.98 -14.76 -32.61
C GLU G 193 31.92 -15.62 -33.27
N LEU G 194 31.82 -15.50 -34.59
CA LEU G 194 30.72 -16.15 -35.29
C LEU G 194 31.10 -16.75 -36.63
N TYR G 195 32.34 -16.60 -37.07
CA TYR G 195 32.90 -17.41 -38.16
C TYR G 195 34.32 -17.84 -37.83
N ALA G 196 34.50 -18.46 -36.67
CA ALA G 196 35.77 -19.10 -36.34
C ALA G 196 36.18 -20.08 -37.44
N ASP G 197 37.34 -19.78 -38.05
CA ASP G 197 37.84 -20.43 -39.27
C ASP G 197 36.86 -20.27 -40.43
N TYR G 198 36.75 -19.02 -40.88
CA TYR G 198 35.96 -18.68 -42.07
C TYR G 198 36.77 -18.89 -43.34
N ARG G 199 36.10 -19.39 -44.38
CA ARG G 199 36.71 -19.56 -45.70
C ARG G 199 35.84 -18.87 -46.73
N GLU G 200 36.40 -18.65 -47.92
CA GLU G 200 35.68 -18.02 -49.02
C GLU G 200 35.79 -18.92 -50.26
N ASN G 201 34.87 -19.88 -50.35
CA ASN G 201 34.97 -20.93 -51.35
C ASN G 201 34.28 -20.54 -52.65
N SER G 202 34.66 -21.27 -53.71
CA SER G 202 34.22 -21.14 -55.11
C SER G 202 34.58 -19.80 -55.75
N TYR G 203 35.35 -18.96 -55.04
CA TYR G 203 35.96 -17.72 -55.54
C TYR G 203 34.92 -16.74 -56.07
N VAL G 204 33.75 -16.71 -55.46
CA VAL G 204 32.80 -15.62 -55.63
C VAL G 204 33.07 -14.63 -54.49
N PRO G 205 33.29 -13.35 -54.81
CA PRO G 205 33.77 -12.43 -53.78
C PRO G 205 32.67 -12.04 -52.80
N THR G 206 33.04 -11.94 -51.53
CA THR G 206 32.13 -11.50 -50.49
C THR G 206 32.14 -9.98 -50.44
N THR G 207 31.00 -9.37 -50.76
CA THR G 207 30.95 -7.92 -50.79
C THR G 207 30.83 -7.33 -49.39
N GLY G 208 29.94 -7.88 -48.57
CA GLY G 208 29.77 -7.36 -47.24
C GLY G 208 28.96 -8.27 -46.36
N ALA G 209 28.26 -7.72 -45.36
CA ALA G 209 27.45 -8.55 -44.49
C ALA G 209 26.24 -7.77 -44.02
N ILE G 210 25.21 -8.51 -43.64
CA ILE G 210 23.97 -7.97 -43.11
C ILE G 210 23.85 -8.53 -41.70
N ILE G 211 24.27 -7.77 -40.70
CA ILE G 211 24.23 -8.30 -39.35
C ILE G 211 22.97 -7.78 -38.68
N GLU G 212 22.48 -8.52 -37.70
CA GLU G 212 21.10 -8.33 -37.25
C GLU G 212 20.93 -8.96 -35.89
N ILE G 213 20.50 -8.19 -34.89
CA ILE G 213 20.23 -8.71 -33.57
C ILE G 213 18.72 -8.76 -33.36
N HIS G 214 18.23 -9.85 -32.78
CA HIS G 214 16.80 -10.08 -32.68
C HIS G 214 16.27 -9.75 -31.29
N SER G 215 16.29 -8.48 -30.92
CA SER G 215 15.59 -8.04 -29.71
C SER G 215 15.14 -6.60 -29.85
N LYS G 216 13.84 -6.38 -29.71
CA LYS G 216 13.28 -5.05 -29.88
C LYS G 216 13.63 -4.12 -28.74
N ARG G 217 14.21 -4.62 -27.65
CA ARG G 217 14.47 -3.84 -26.45
C ARG G 217 15.95 -4.02 -26.12
N ILE G 218 16.79 -3.17 -26.68
CA ILE G 218 18.24 -3.27 -26.50
C ILE G 218 18.83 -1.88 -26.67
N GLN G 219 19.81 -1.56 -25.85
CA GLN G 219 20.42 -0.24 -25.87
C GLN G 219 21.90 -0.44 -26.10
N LEU G 220 22.42 0.07 -27.22
CA LEU G 220 23.81 -0.17 -27.54
C LEU G 220 24.39 1.05 -28.24
N TYR G 221 25.63 1.37 -27.91
CA TYR G 221 26.27 2.54 -28.48
C TYR G 221 26.65 2.32 -29.93
N GLY G 222 27.57 1.39 -30.18
CA GLY G 222 28.08 1.17 -31.52
C GLY G 222 28.58 -0.23 -31.70
N ALA G 223 29.20 -0.53 -32.83
CA ALA G 223 29.61 -1.91 -33.10
C ALA G 223 30.76 -1.90 -34.09
N TYR G 224 31.79 -2.67 -33.78
CA TYR G 224 32.91 -2.90 -34.69
C TYR G 224 32.85 -4.33 -35.18
N LEU G 225 33.47 -4.58 -36.33
CA LEU G 225 33.46 -5.91 -36.93
C LEU G 225 34.90 -6.27 -37.29
N ARG G 226 35.59 -6.97 -36.41
CA ARG G 226 36.92 -7.45 -36.71
C ARG G 226 36.85 -8.59 -37.70
N ILE G 227 37.48 -8.44 -38.85
CA ILE G 227 37.92 -9.59 -39.62
C ILE G 227 39.40 -9.75 -39.34
N HIS G 228 39.85 -10.98 -39.16
CA HIS G 228 41.19 -11.19 -38.62
C HIS G 228 41.79 -12.40 -39.28
N ALA G 229 43.11 -12.38 -39.46
CA ALA G 229 43.80 -13.48 -40.12
C ALA G 229 44.37 -14.44 -39.08
N HIS G 230 45.17 -15.40 -39.54
CA HIS G 230 45.92 -16.29 -38.66
C HIS G 230 47.31 -16.58 -39.22
N VAL H 71 43.26 -39.81 -24.14
CA VAL H 71 42.99 -38.39 -24.21
C VAL H 71 41.51 -38.08 -24.33
N SER H 72 41.17 -36.80 -24.44
CA SER H 72 39.78 -36.36 -24.45
C SER H 72 39.68 -34.99 -25.07
N HIS H 73 39.10 -34.90 -26.25
CA HIS H 73 38.92 -33.60 -26.88
C HIS H 73 37.49 -33.12 -26.70
N LEU H 74 37.35 -31.83 -26.45
CA LEU H 74 36.05 -31.20 -26.33
C LEU H 74 35.67 -30.58 -27.66
N SER H 75 34.50 -29.94 -27.68
CA SER H 75 34.01 -29.25 -28.86
C SER H 75 32.98 -28.25 -28.40
N PRO H 76 32.98 -27.03 -28.92
CA PRO H 76 32.05 -26.01 -28.42
C PRO H 76 30.65 -26.27 -28.94
N VAL H 77 29.68 -25.82 -28.15
CA VAL H 77 28.26 -25.95 -28.47
C VAL H 77 27.70 -24.56 -28.68
N HIS H 78 27.02 -24.35 -29.80
CA HIS H 78 26.42 -23.07 -30.11
C HIS H 78 24.92 -23.24 -30.24
N PHE H 79 24.16 -22.62 -29.36
CA PHE H 79 22.71 -22.75 -29.36
C PHE H 79 22.09 -21.84 -30.41
N TYR H 80 20.84 -22.14 -30.75
CA TYR H 80 19.99 -21.21 -31.49
C TYR H 80 18.54 -21.57 -31.23
N TYR H 81 17.65 -20.64 -31.58
CA TYR H 81 16.21 -20.70 -31.35
C TYR H 81 15.58 -19.58 -32.13
N ARG H 82 14.29 -19.73 -32.47
CA ARG H 82 13.79 -19.04 -33.65
C ARG H 82 13.46 -17.56 -33.41
N THR H 83 12.74 -17.24 -32.32
CA THR H 83 12.16 -15.90 -32.05
C THR H 83 11.35 -15.38 -33.22
N ASP H 84 10.49 -16.23 -33.80
CA ASP H 84 9.57 -15.75 -34.82
C ASP H 84 8.40 -15.01 -34.20
N CYS H 85 8.06 -15.35 -32.96
CA CYS H 85 6.85 -14.88 -32.31
C CYS H 85 7.02 -13.44 -31.83
N ASP H 86 5.96 -12.93 -31.20
CA ASP H 86 5.86 -11.51 -30.85
C ASP H 86 6.73 -11.18 -29.64
N SER H 87 6.62 -9.93 -29.18
CA SER H 87 7.48 -9.44 -28.11
C SER H 87 7.06 -10.02 -26.77
N SER H 88 8.00 -10.67 -26.09
CA SER H 88 7.77 -11.25 -24.79
C SER H 88 8.26 -10.29 -23.71
N THR H 89 8.20 -10.75 -22.46
CA THR H 89 8.76 -9.99 -21.35
C THR H 89 10.25 -10.28 -21.20
N THR H 90 10.59 -11.52 -20.83
CA THR H 90 11.97 -11.98 -20.76
C THR H 90 12.18 -13.36 -21.37
N SER H 91 11.13 -14.15 -21.52
CA SER H 91 11.28 -15.53 -21.94
C SER H 91 11.62 -15.61 -23.42
N LEU H 92 12.07 -16.79 -23.83
CA LEU H 92 12.43 -17.03 -25.22
C LEU H 92 11.18 -17.42 -26.00
N CYS H 93 11.36 -17.91 -27.22
CA CYS H 93 10.22 -18.30 -28.01
C CYS H 93 10.13 -19.80 -28.25
N SER H 94 11.24 -20.52 -28.17
CA SER H 94 11.19 -21.96 -28.31
C SER H 94 12.29 -22.57 -27.44
N PHE H 95 12.40 -23.86 -27.49
CA PHE H 95 13.39 -24.57 -26.69
C PHE H 95 14.75 -24.43 -27.36
N PRO H 96 15.78 -24.07 -26.61
CA PRO H 96 17.11 -23.91 -27.23
C PRO H 96 17.72 -25.23 -27.66
N VAL H 97 17.79 -25.49 -28.95
CA VAL H 97 18.42 -26.69 -29.46
C VAL H 97 19.82 -26.34 -29.94
N ALA H 98 20.62 -27.36 -30.23
CA ALA H 98 21.94 -27.15 -30.80
C ALA H 98 22.41 -28.41 -31.49
N ASN H 99 22.68 -28.32 -32.80
CA ASN H 99 23.57 -29.27 -33.46
C ASN H 99 24.99 -29.04 -33.02
N VAL H 100 25.54 -29.98 -32.34
CA VAL H 100 26.99 -30.02 -32.22
C VAL H 100 27.46 -30.84 -33.39
N SER H 101 28.72 -30.71 -33.77
CA SER H 101 29.27 -31.48 -34.86
C SER H 101 30.53 -32.20 -34.41
N LEU H 102 30.79 -33.34 -35.02
CA LEU H 102 31.93 -34.16 -34.67
C LEU H 102 32.36 -34.86 -35.95
N THR H 103 33.33 -35.79 -35.84
CA THR H 103 34.00 -36.53 -36.93
C THR H 103 34.44 -35.60 -38.08
N LYS H 104 35.45 -34.80 -37.77
CA LYS H 104 36.03 -33.84 -38.70
C LYS H 104 36.83 -34.56 -39.79
N GLY H 105 37.57 -33.79 -40.58
CA GLY H 105 38.20 -34.28 -41.81
C GLY H 105 39.26 -35.35 -41.56
N GLY H 106 39.86 -35.37 -40.39
CA GLY H 106 40.73 -36.46 -40.00
C GLY H 106 39.99 -37.51 -39.19
N ARG H 107 40.44 -38.76 -39.28
CA ARG H 107 39.78 -39.88 -38.61
C ARG H 107 40.16 -39.88 -37.12
N ASP H 108 39.64 -38.88 -36.40
CA ASP H 108 39.81 -38.74 -34.96
C ASP H 108 38.42 -38.47 -34.37
N ARG H 109 37.68 -39.54 -34.10
CA ARG H 109 36.29 -39.45 -33.67
C ARG H 109 36.07 -40.50 -32.59
N VAL H 110 34.81 -40.80 -32.31
CA VAL H 110 34.46 -41.88 -31.40
C VAL H 110 34.89 -43.22 -31.99
N LEU H 111 35.65 -43.99 -31.21
CA LEU H 111 36.37 -45.16 -31.70
C LEU H 111 35.41 -46.28 -32.09
N MET H 112 35.95 -47.27 -32.79
CA MET H 112 35.13 -48.35 -33.35
C MET H 112 34.57 -49.23 -32.25
N TYR H 113 35.44 -49.91 -31.52
CA TYR H 113 35.08 -50.44 -30.20
C TYR H 113 36.22 -50.01 -29.30
N GLY H 114 36.16 -48.77 -28.83
CA GLY H 114 37.19 -48.24 -27.98
C GLY H 114 36.90 -48.51 -26.53
N GLN H 115 37.80 -48.02 -25.68
CA GLN H 115 37.50 -47.98 -24.26
C GLN H 115 36.33 -47.01 -24.08
N PRO H 116 35.30 -47.40 -23.31
CA PRO H 116 34.01 -46.73 -23.42
C PRO H 116 34.03 -45.30 -22.89
N TYR H 117 33.08 -44.53 -23.38
CA TYR H 117 33.09 -43.08 -23.26
C TYR H 117 32.16 -42.59 -22.16
N ARG H 118 32.47 -41.40 -21.66
CA ARG H 118 31.72 -40.74 -20.59
C ARG H 118 31.57 -39.29 -20.99
N VAL H 119 30.46 -38.95 -21.64
CA VAL H 119 30.27 -37.59 -22.08
C VAL H 119 29.72 -36.77 -20.92
N THR H 120 30.13 -35.50 -20.86
CA THR H 120 29.57 -34.56 -19.90
C THR H 120 29.30 -33.28 -20.65
N LEU H 121 28.14 -32.68 -20.42
CA LEU H 121 27.82 -31.41 -21.07
C LEU H 121 28.12 -30.32 -20.05
N GLU H 122 29.34 -29.78 -20.11
CA GLU H 122 29.75 -28.75 -19.17
C GLU H 122 29.05 -27.45 -19.54
N LEU H 123 27.99 -27.14 -18.79
CA LEU H 123 27.10 -26.04 -19.08
C LEU H 123 27.42 -24.88 -18.15
N GLU H 124 27.08 -23.67 -18.56
CA GLU H 124 27.54 -22.45 -17.90
C GLU H 124 26.34 -21.61 -17.50
N LEU H 125 26.31 -21.12 -16.27
CA LEU H 125 25.14 -20.36 -15.84
C LEU H 125 25.54 -19.20 -14.94
N PRO H 126 24.92 -18.04 -15.12
CA PRO H 126 25.12 -16.97 -14.15
C PRO H 126 24.03 -16.95 -13.10
N GLU H 127 24.29 -16.36 -11.95
CA GLU H 127 23.32 -16.36 -10.85
C GLU H 127 22.39 -15.14 -10.97
N SER H 128 21.62 -15.12 -12.04
CA SER H 128 20.64 -14.08 -12.26
C SER H 128 19.43 -14.42 -11.40
N PRO H 129 18.64 -13.43 -10.99
CA PRO H 129 17.44 -13.82 -10.23
C PRO H 129 16.48 -14.65 -11.08
N VAL H 130 16.34 -14.26 -12.34
CA VAL H 130 15.45 -14.97 -13.25
C VAL H 130 15.95 -16.38 -13.40
N ASN H 131 17.26 -16.53 -13.58
CA ASN H 131 17.85 -17.84 -13.74
C ASN H 131 17.66 -18.70 -12.51
N GLN H 132 17.77 -18.08 -11.34
CA GLN H 132 17.58 -18.74 -10.08
C GLN H 132 16.18 -19.28 -9.86
N ASP H 133 15.12 -18.61 -10.33
CA ASP H 133 13.78 -19.17 -10.01
C ASP H 133 13.41 -20.59 -10.49
N LEU H 134 13.69 -20.89 -11.76
CA LEU H 134 13.49 -22.15 -12.47
C LEU H 134 13.96 -23.31 -11.61
N GLY H 135 13.08 -24.27 -11.38
CA GLY H 135 13.44 -25.32 -10.47
C GLY H 135 14.34 -26.36 -11.11
N MET H 136 13.77 -27.14 -12.00
CA MET H 136 14.52 -28.18 -12.67
C MET H 136 14.35 -28.02 -14.16
N PHE H 137 15.33 -28.47 -14.92
CA PHE H 137 15.12 -28.56 -16.36
C PHE H 137 15.91 -29.75 -16.85
N LEU H 138 15.32 -30.50 -17.77
CA LEU H 138 15.96 -31.71 -18.24
C LEU H 138 16.66 -31.42 -19.56
N VAL H 139 17.96 -31.69 -19.59
CA VAL H 139 18.73 -31.64 -20.81
C VAL H 139 18.70 -33.03 -21.44
N THR H 140 18.27 -33.11 -22.69
CA THR H 140 18.22 -34.36 -23.40
C THR H 140 19.39 -34.41 -24.37
N ILE H 141 19.44 -35.46 -25.18
CA ILE H 141 20.50 -35.64 -26.16
C ILE H 141 19.98 -36.64 -27.17
N SER H 142 20.53 -36.61 -28.37
CA SER H 142 20.23 -37.62 -29.39
C SER H 142 21.42 -37.65 -30.33
N CYS H 143 21.97 -38.83 -30.56
CA CYS H 143 23.11 -38.97 -31.45
C CYS H 143 22.62 -39.39 -32.83
N TYR H 144 23.08 -38.69 -33.87
CA TYR H 144 22.70 -39.00 -35.24
C TYR H 144 23.91 -39.54 -35.99
N THR H 145 23.65 -40.37 -37.00
CA THR H 145 24.71 -41.13 -37.66
C THR H 145 24.93 -40.72 -39.10
N ARG H 146 23.92 -40.86 -39.96
CA ARG H 146 24.04 -40.51 -41.37
C ARG H 146 22.62 -40.28 -41.88
N GLY H 147 22.24 -39.01 -42.02
CA GLY H 147 20.86 -38.67 -42.23
C GLY H 147 20.20 -38.31 -40.91
N GLY H 148 18.86 -38.23 -40.95
CA GLY H 148 18.10 -38.02 -39.73
C GLY H 148 17.91 -39.31 -38.96
N ARG H 149 19.00 -39.89 -38.52
CA ARG H 149 19.03 -41.27 -38.04
C ARG H 149 19.56 -41.29 -36.61
N ILE H 150 18.63 -41.28 -35.66
CA ILE H 150 19.00 -41.39 -34.25
C ILE H 150 19.51 -42.78 -33.95
N ILE H 151 20.56 -42.86 -33.13
CA ILE H 151 21.04 -44.14 -32.64
C ILE H 151 20.83 -44.29 -31.14
N SER H 152 20.95 -43.23 -30.36
CA SER H 152 20.81 -43.31 -28.92
C SER H 152 20.29 -41.99 -28.40
N THR H 153 19.41 -42.07 -27.40
CA THR H 153 18.88 -40.90 -26.70
C THR H 153 19.13 -41.08 -25.20
N SER H 154 18.95 -39.98 -24.47
CA SER H 154 19.00 -39.99 -23.01
C SER H 154 18.25 -38.77 -22.52
N SER H 155 18.32 -38.53 -21.21
CA SER H 155 17.73 -37.38 -20.55
C SER H 155 18.28 -37.31 -19.15
N ARG H 156 18.64 -36.11 -18.71
CA ARG H 156 19.02 -35.91 -17.32
C ARG H 156 18.38 -34.63 -16.83
N SER H 157 17.62 -34.72 -15.75
CA SER H 157 17.19 -33.49 -15.10
C SER H 157 18.38 -32.87 -14.41
N VAL H 158 18.37 -31.54 -14.30
CA VAL H 158 19.45 -30.87 -13.60
C VAL H 158 18.87 -29.65 -12.92
N MET H 159 19.60 -29.17 -11.92
CA MET H 159 19.16 -28.23 -10.91
C MET H 159 20.25 -27.20 -10.74
N LEU H 160 19.90 -25.93 -10.80
CA LEU H 160 20.87 -24.89 -10.50
C LEU H 160 21.18 -24.92 -9.02
N HIS H 161 22.47 -24.91 -8.70
CA HIS H 161 22.96 -25.20 -7.37
C HIS H 161 22.65 -24.05 -6.43
N TYR H 162 21.83 -24.32 -5.41
CA TYR H 162 21.16 -23.28 -4.63
C TYR H 162 22.09 -22.62 -3.63
N ARG H 163 21.87 -21.32 -3.41
CA ARG H 163 22.43 -20.58 -2.29
C ARG H 163 21.37 -19.66 -1.70
N SER H 164 21.50 -19.37 -0.42
CA SER H 164 20.56 -18.45 0.22
C SER H 164 20.92 -17.01 -0.12
N ASP H 165 20.08 -16.08 0.34
CA ASP H 165 20.32 -14.68 0.02
C ASP H 165 21.35 -14.06 0.94
N LEU H 166 21.31 -14.41 2.23
CA LEU H 166 22.31 -13.91 3.16
C LEU H 166 23.70 -14.43 2.82
N LEU H 167 23.78 -15.66 2.32
CA LEU H 167 25.07 -16.18 1.92
C LEU H 167 25.55 -15.55 0.63
N GLN H 168 24.64 -15.11 -0.23
CA GLN H 168 25.09 -14.35 -1.41
C GLN H 168 25.60 -12.98 -1.01
N MET H 169 25.00 -12.35 0.01
CA MET H 169 25.53 -11.08 0.49
C MET H 169 26.90 -11.26 1.11
N LEU H 170 27.09 -12.32 1.91
CA LEU H 170 28.42 -12.59 2.45
C LEU H 170 29.41 -13.03 1.37
N ASP H 171 28.93 -13.64 0.28
CA ASP H 171 29.84 -14.04 -0.78
C ASP H 171 30.34 -12.84 -1.55
N THR H 172 29.44 -11.92 -1.92
CA THR H 172 29.89 -10.76 -2.64
C THR H 172 30.47 -9.69 -1.74
N LEU H 173 30.45 -9.89 -0.42
CA LEU H 173 31.19 -9.00 0.47
C LEU H 173 32.56 -9.53 0.86
N VAL H 174 32.69 -10.83 1.15
CA VAL H 174 33.98 -11.40 1.51
C VAL H 174 34.89 -11.46 0.29
N PHE H 175 34.38 -11.95 -0.83
CA PHE H 175 35.18 -12.03 -2.04
C PHE H 175 35.07 -10.75 -2.86
N SER H 176 35.24 -9.60 -2.22
CA SER H 176 35.18 -8.35 -2.97
C SER H 176 36.53 -7.99 -3.56
N SER H 177 37.59 -8.66 -3.13
CA SER H 177 38.91 -8.40 -3.70
C SER H 177 39.11 -9.14 -5.00
N LEU H 178 38.45 -10.29 -5.18
CA LEU H 178 38.64 -11.04 -6.40
C LEU H 178 37.66 -10.62 -7.49
N LEU H 179 36.43 -10.28 -7.11
CA LEU H 179 35.39 -10.05 -8.11
C LEU H 179 35.52 -8.70 -8.79
N LEU H 180 36.11 -7.72 -8.12
CA LEU H 180 36.26 -6.38 -8.68
C LEU H 180 37.47 -6.26 -9.58
N PHE H 181 38.17 -7.35 -9.89
CA PHE H 181 39.35 -7.24 -10.73
C PHE H 181 39.42 -8.36 -11.76
N GLY H 182 38.28 -8.97 -12.09
CA GLY H 182 38.18 -9.93 -13.16
C GLY H 182 38.37 -11.37 -12.75
N PHE H 183 39.02 -11.61 -11.63
CA PHE H 183 39.41 -12.97 -11.25
C PHE H 183 38.21 -13.71 -10.68
N ALA H 184 37.83 -14.80 -11.35
CA ALA H 184 36.81 -15.77 -10.88
C ALA H 184 35.45 -15.11 -10.66
N GLU H 185 34.86 -14.64 -11.75
CA GLU H 185 33.63 -13.87 -11.75
C GLU H 185 32.45 -14.77 -11.39
N GLN H 186 31.28 -14.17 -11.14
CA GLN H 186 30.12 -14.86 -10.56
C GLN H 186 29.44 -15.84 -11.51
N LYS H 187 30.14 -16.91 -11.87
CA LYS H 187 29.58 -17.97 -12.68
C LYS H 187 29.31 -19.17 -11.80
N GLN H 188 28.52 -20.11 -12.31
CA GLN H 188 28.18 -21.28 -11.54
C GLN H 188 28.16 -22.52 -12.43
N LEU H 189 29.27 -22.80 -13.12
CA LEU H 189 29.30 -23.78 -14.20
C LEU H 189 28.91 -25.17 -13.74
N LEU H 190 27.89 -25.72 -14.39
CA LEU H 190 27.39 -27.04 -14.07
C LEU H 190 28.24 -28.10 -14.72
N GLU H 191 27.87 -29.35 -14.49
CA GLU H 191 28.47 -30.50 -15.14
C GLU H 191 27.49 -31.65 -14.99
N VAL H 192 26.96 -32.14 -16.10
CA VAL H 192 25.97 -33.19 -16.01
C VAL H 192 26.27 -34.35 -16.96
N GLU H 193 26.69 -35.48 -16.40
CA GLU H 193 27.06 -36.61 -17.23
C GLU H 193 25.79 -37.31 -17.70
N LEU H 194 25.79 -37.75 -18.94
CA LEU H 194 24.58 -38.28 -19.52
C LEU H 194 24.78 -39.49 -20.42
N TYR H 195 26.01 -39.93 -20.64
CA TYR H 195 26.30 -41.25 -21.20
C TYR H 195 27.46 -41.90 -20.46
N ALA H 196 27.35 -41.97 -19.14
CA ALA H 196 28.29 -42.76 -18.35
C ALA H 196 28.38 -44.18 -18.87
N ASP H 197 29.60 -44.55 -19.32
CA ASP H 197 29.90 -45.78 -20.07
C ASP H 197 29.09 -45.85 -21.37
N TYR H 198 29.44 -44.95 -22.28
CA TYR H 198 28.88 -44.95 -23.62
C TYR H 198 29.62 -45.93 -24.53
N ARG H 199 28.87 -46.59 -25.41
CA ARG H 199 29.43 -47.50 -26.40
C ARG H 199 28.91 -47.10 -27.78
N GLU H 200 29.56 -47.60 -28.82
CA GLU H 200 29.16 -47.33 -30.20
C GLU H 200 29.00 -48.65 -30.94
N ASN H 201 27.81 -49.24 -30.82
CA ASN H 201 27.57 -50.59 -31.29
C ASN H 201 27.14 -50.63 -32.74
N SER H 202 27.27 -51.81 -33.34
CA SER H 202 26.96 -52.17 -34.72
C SER H 202 27.81 -51.42 -35.76
N TYR H 203 28.79 -50.64 -35.31
CA TYR H 203 29.82 -49.98 -36.13
C TYR H 203 29.23 -49.06 -37.19
N VAL H 204 28.10 -48.43 -36.87
CA VAL H 204 27.62 -47.29 -37.63
C VAL H 204 28.17 -46.03 -36.96
N PRO H 205 28.84 -45.16 -37.69
CA PRO H 205 29.56 -44.06 -37.04
C PRO H 205 28.63 -42.98 -36.52
N THR H 206 28.96 -42.46 -35.34
CA THR H 206 28.21 -41.36 -34.75
C THR H 206 28.75 -40.05 -35.31
N THR H 207 27.92 -39.33 -36.05
CA THR H 207 28.39 -38.10 -36.66
C THR H 207 28.42 -36.95 -35.65
N GLY H 208 27.36 -36.79 -34.87
CA GLY H 208 27.33 -35.71 -33.90
C GLY H 208 26.20 -35.86 -32.91
N ALA H 209 25.70 -34.77 -32.37
CA ALA H 209 24.61 -34.84 -31.41
C ALA H 209 23.73 -33.61 -31.53
N ILE H 210 22.49 -33.77 -31.09
CA ILE H 210 21.51 -32.70 -31.06
C ILE H 210 21.13 -32.53 -29.60
N ILE H 211 21.75 -31.58 -28.92
CA ILE H 211 21.46 -31.43 -27.51
C ILE H 211 20.44 -30.32 -27.35
N GLU H 212 19.67 -30.37 -26.27
CA GLU H 212 18.44 -29.61 -26.20
C GLU H 212 17.99 -29.49 -24.76
N ILE H 213 17.82 -28.27 -24.25
CA ILE H 213 17.31 -28.06 -22.91
C ILE H 213 15.89 -27.56 -22.99
N HIS H 214 15.02 -28.09 -22.13
CA HIS H 214 13.59 -27.82 -22.22
C HIS H 214 13.14 -26.77 -21.21
N SER H 215 13.61 -25.54 -21.37
CA SER H 215 13.06 -24.43 -20.58
C SER H 215 13.15 -23.13 -21.37
N LYS H 216 12.00 -22.49 -21.57
CA LYS H 216 11.96 -21.27 -22.35
C LYS H 216 12.56 -20.08 -21.63
N ARG H 217 12.87 -20.22 -20.35
CA ARG H 217 13.34 -19.12 -19.52
C ARG H 217 14.64 -19.56 -18.87
N ILE H 218 15.76 -19.34 -19.54
CA ILE H 218 17.06 -19.78 -19.07
C ILE H 218 18.11 -18.85 -19.66
N GLN H 219 19.11 -18.50 -18.85
CA GLN H 219 20.15 -17.58 -19.27
C GLN H 219 21.47 -18.31 -19.13
N LEU H 220 22.18 -18.52 -20.23
CA LEU H 220 23.42 -19.27 -20.16
C LEU H 220 24.41 -18.71 -21.15
N TYR H 221 25.68 -18.66 -20.74
CA TYR H 221 26.72 -18.11 -21.59
C TYR H 221 27.06 -19.05 -22.74
N GLY H 222 27.60 -20.21 -22.43
CA GLY H 222 28.06 -21.13 -23.44
C GLY H 222 28.03 -22.57 -22.96
N ALA H 223 28.56 -23.49 -23.74
CA ALA H 223 28.47 -24.90 -23.37
C ALA H 223 29.59 -25.67 -24.03
N TYR H 224 30.27 -26.50 -23.26
CA TYR H 224 31.27 -27.42 -23.77
C TYR H 224 30.74 -28.84 -23.67
N LEU H 225 31.28 -29.73 -24.48
CA LEU H 225 30.83 -31.12 -24.50
C LEU H 225 32.06 -32.01 -24.41
N ARG H 226 32.41 -32.43 -23.20
CA ARG H 226 33.51 -33.37 -23.03
C ARG H 226 33.08 -34.75 -23.49
N ILE H 227 33.77 -35.31 -24.46
CA ILE H 227 33.81 -36.75 -24.62
C ILE H 227 35.13 -37.21 -24.03
N HIS H 228 35.11 -38.31 -23.28
CA HIS H 228 36.25 -38.66 -22.47
C HIS H 228 36.42 -40.16 -22.46
N ALA H 229 37.66 -40.62 -22.39
CA ALA H 229 37.95 -42.03 -22.42
C ALA H 229 38.10 -42.57 -20.99
N HIS H 230 38.53 -43.83 -20.88
CA HIS H 230 38.88 -44.42 -19.60
C HIS H 230 40.10 -45.33 -19.72
N VAL I 71 27.41 -57.30 2.21
CA VAL I 71 27.67 -56.04 1.55
C VAL I 71 26.40 -55.39 1.04
N SER I 72 26.55 -54.24 0.37
CA SER I 72 25.38 -53.47 -0.07
C SER I 72 25.82 -52.53 -1.20
N HIS I 73 25.36 -52.80 -2.42
CA HIS I 73 25.67 -51.92 -3.52
C HIS I 73 24.50 -51.00 -3.81
N LEU I 74 24.81 -49.74 -4.12
CA LEU I 74 23.81 -48.77 -4.51
C LEU I 74 23.74 -48.71 -6.03
N SER I 75 22.88 -47.82 -6.51
CA SER I 75 22.72 -47.61 -7.94
C SER I 75 22.08 -46.24 -8.12
N PRO I 76 22.54 -45.43 -9.06
CA PRO I 76 22.01 -44.09 -9.19
C PRO I 76 20.64 -44.10 -9.83
N VAL I 77 19.85 -43.07 -9.48
CA VAL I 77 18.50 -42.91 -9.99
C VAL I 77 18.48 -41.64 -10.84
N HIS I 78 17.96 -41.75 -12.06
CA HIS I 78 17.87 -40.62 -12.96
C HIS I 78 16.41 -40.38 -13.29
N PHE I 79 15.88 -39.23 -12.89
CA PHE I 79 14.48 -38.91 -13.12
C PHE I 79 14.27 -38.40 -14.53
N TYR I 80 13.01 -38.43 -14.96
CA TYR I 80 12.58 -37.72 -16.16
C TYR I 80 11.09 -37.47 -16.07
N TYR I 81 10.60 -36.57 -16.92
CA TYR I 81 9.22 -36.08 -16.95
C TYR I 81 9.06 -35.28 -18.23
N ARG I 82 7.82 -35.17 -18.71
CA ARG I 82 7.64 -34.94 -20.14
C ARG I 82 7.85 -33.48 -20.57
N THR I 83 7.25 -32.51 -19.84
CA THR I 83 7.16 -31.09 -20.24
C THR I 83 6.64 -30.91 -21.66
N ASP I 84 5.57 -31.63 -22.00
CA ASP I 84 4.92 -31.39 -23.29
C ASP I 84 4.06 -30.14 -23.25
N CYS I 85 3.57 -29.79 -22.06
CA CYS I 85 2.58 -28.74 -21.90
C CYS I 85 3.22 -27.36 -22.00
N ASP I 86 2.39 -26.34 -21.84
CA ASP I 86 2.78 -24.95 -22.10
C ASP I 86 3.66 -24.40 -20.98
N SER I 87 3.97 -23.11 -21.07
CA SER I 87 4.90 -22.49 -20.14
C SER I 87 4.24 -22.28 -18.79
N SER I 88 4.87 -22.80 -17.75
CA SER I 88 4.39 -22.67 -16.38
C SER I 88 5.13 -21.53 -15.70
N THR I 89 4.86 -21.36 -14.40
CA THR I 89 5.61 -20.40 -13.59
C THR I 89 6.89 -21.03 -13.06
N THR I 90 6.75 -22.02 -12.18
CA THR I 90 7.87 -22.80 -11.67
C THR I 90 7.61 -24.29 -11.64
N SER I 91 6.35 -24.72 -11.67
CA SER I 91 6.03 -26.12 -11.47
C SER I 91 6.38 -26.94 -12.70
N LEU I 92 6.41 -28.25 -12.53
CA LEU I 92 6.71 -29.17 -13.61
C LEU I 92 5.44 -29.45 -14.39
N CYS I 93 5.49 -30.45 -15.27
CA CYS I 93 4.33 -30.79 -16.05
C CYS I 93 3.72 -32.14 -15.69
N SER I 94 4.50 -33.05 -15.12
CA SER I 94 3.95 -34.32 -14.68
C SER I 94 4.72 -34.78 -13.46
N PHE I 95 4.37 -35.95 -12.97
CA PHE I 95 5.01 -36.49 -11.79
C PHE I 95 6.36 -37.07 -12.17
N PRO I 96 7.42 -36.75 -11.45
CA PRO I 96 8.74 -37.29 -11.82
C PRO I 96 8.87 -38.77 -11.56
N VAL I 97 8.90 -39.58 -12.61
CA VAL I 97 9.08 -41.01 -12.48
C VAL I 97 10.54 -41.33 -12.78
N ALA I 98 10.94 -42.57 -12.48
CA ALA I 98 12.27 -43.04 -12.83
C ALA I 98 12.29 -44.55 -12.87
N ASN I 99 12.63 -45.12 -14.02
CA ASN I 99 13.15 -46.49 -14.08
C ASN I 99 14.55 -46.52 -13.49
N VAL I 100 14.70 -47.19 -12.40
CA VAL I 100 16.03 -47.60 -12.01
C VAL I 100 16.23 -48.96 -12.65
N SER I 101 17.47 -49.39 -12.79
CA SER I 101 17.76 -50.69 -13.38
C SER I 101 18.67 -51.48 -12.44
N LEU I 102 18.53 -52.79 -12.49
CA LEU I 102 19.30 -53.68 -11.64
C LEU I 102 19.51 -54.96 -12.43
N THR I 103 20.08 -55.98 -11.79
CA THR I 103 20.50 -57.29 -12.34
C THR I 103 21.28 -57.14 -13.66
N LYS I 104 22.49 -56.62 -13.49
CA LYS I 104 23.42 -56.39 -14.60
C LYS I 104 23.96 -57.71 -15.15
N GLY I 105 24.96 -57.63 -16.02
CA GLY I 105 25.43 -58.76 -16.81
C GLY I 105 26.04 -59.89 -15.97
N GLY I 106 26.54 -59.58 -14.78
CA GLY I 106 26.95 -60.60 -13.84
C GLY I 106 25.83 -60.91 -12.85
N ARG I 107 25.82 -62.14 -12.36
CA ARG I 107 24.79 -62.61 -11.42
C ARG I 107 25.06 -62.07 -10.02
N ASP I 108 24.90 -60.76 -9.87
CA ASP I 108 25.04 -60.06 -8.59
C ASP I 108 23.82 -59.16 -8.44
N ARG I 109 22.74 -59.72 -7.91
CA ARG I 109 21.46 -59.04 -7.82
C ARG I 109 20.83 -59.40 -6.48
N VAL I 110 19.53 -59.15 -6.36
CA VAL I 110 18.79 -59.57 -5.18
C VAL I 110 18.73 -61.08 -5.10
N LEU I 111 19.14 -61.63 -3.96
CA LEU I 111 19.42 -63.05 -3.81
C LEU I 111 18.14 -63.88 -3.89
N MET I 112 18.33 -65.21 -4.03
CA MET I 112 17.21 -66.11 -4.27
C MET I 112 16.32 -66.21 -3.04
N TYR I 113 16.86 -66.72 -1.95
CA TYR I 113 16.28 -66.50 -0.63
C TYR I 113 17.46 -66.08 0.24
N GLY I 114 17.81 -64.81 0.16
CA GLY I 114 18.93 -64.30 0.91
C GLY I 114 18.50 -63.82 2.27
N GLN I 115 19.48 -63.30 3.01
CA GLN I 115 19.15 -62.56 4.21
C GLN I 115 18.39 -61.30 3.79
N PRO I 116 17.26 -60.98 4.43
CA PRO I 116 16.29 -60.07 3.82
C PRO I 116 16.79 -58.64 3.74
N TYR I 117 16.20 -57.91 2.81
CA TYR I 117 16.71 -56.63 2.34
C TYR I 117 15.96 -55.46 2.96
N ARG I 118 16.66 -54.33 3.00
CA ARG I 118 16.14 -53.08 3.58
C ARG I 118 16.53 -51.97 2.61
N VAL I 119 15.65 -51.64 1.69
CA VAL I 119 15.96 -50.61 0.71
C VAL I 119 15.69 -49.25 1.32
N THR I 120 16.51 -48.27 0.97
CA THR I 120 16.28 -46.88 1.35
C THR I 120 16.53 -46.03 0.12
N LEU I 121 15.65 -45.08 -0.14
CA LEU I 121 15.81 -44.19 -1.28
C LEU I 121 16.45 -42.91 -0.74
N GLU I 122 17.77 -42.85 -0.76
CA GLU I 122 18.48 -41.68 -0.23
C GLU I 122 18.30 -40.53 -1.21
N LEU I 123 17.40 -39.63 -0.88
CA LEU I 123 16.96 -38.54 -1.74
C LEU I 123 17.63 -37.26 -1.28
N GLU I 124 17.75 -36.31 -2.20
CA GLU I 124 18.58 -35.13 -2.00
C GLU I 124 17.74 -33.87 -2.20
N LEU I 125 17.83 -32.90 -1.29
CA LEU I 125 16.99 -31.73 -1.42
C LEU I 125 17.73 -30.47 -1.00
N PRO I 126 17.58 -29.39 -1.73
CA PRO I 126 18.10 -28.12 -1.24
C PRO I 126 17.04 -27.32 -0.51
N GLU I 127 17.44 -26.39 0.34
CA GLU I 127 16.48 -25.62 1.13
C GLU I 127 16.05 -24.36 0.38
N SER I 128 15.41 -24.57 -0.76
CA SER I 128 14.87 -23.46 -1.53
C SER I 128 13.58 -23.03 -0.88
N PRO I 129 13.16 -21.77 -1.02
CA PRO I 129 11.87 -21.42 -0.42
C PRO I 129 10.73 -22.20 -1.07
N VAL I 130 10.80 -22.35 -2.39
CA VAL I 130 9.77 -23.08 -3.11
C VAL I 130 9.74 -24.50 -2.63
N ASN I 131 10.90 -25.10 -2.48
CA ASN I 131 11.00 -26.47 -2.00
C ASN I 131 10.46 -26.62 -0.61
N GLN I 132 10.73 -25.64 0.23
CA GLN I 132 10.27 -25.60 1.59
C GLN I 132 8.76 -25.54 1.75
N ASP I 133 8.02 -24.85 0.88
CA ASP I 133 6.56 -24.78 1.15
C ASP I 133 5.72 -26.08 1.22
N LEU I 134 5.93 -26.96 0.26
CA LEU I 134 5.33 -28.28 0.07
C LEU I 134 5.31 -29.04 1.39
N GLY I 135 4.14 -29.48 1.80
CA GLY I 135 4.07 -30.09 3.11
C GLY I 135 4.56 -31.52 3.11
N MET I 136 3.80 -32.40 2.50
CA MET I 136 4.16 -33.80 2.45
C MET I 136 4.12 -34.25 1.01
N PHE I 137 4.91 -35.26 0.70
CA PHE I 137 4.76 -35.90 -0.59
C PHE I 137 5.09 -37.36 -0.43
N LEU I 138 4.31 -38.23 -1.06
CA LEU I 138 4.50 -39.66 -0.89
C LEU I 138 5.32 -40.18 -2.06
N VAL I 139 6.44 -40.82 -1.73
CA VAL I 139 7.23 -41.54 -2.70
C VAL I 139 6.75 -42.99 -2.72
N THR I 140 6.37 -43.47 -3.89
CA THR I 140 5.91 -44.82 -4.05
C THR I 140 7.02 -45.64 -4.69
N ILE I 141 6.74 -46.90 -4.98
CA ILE I 141 7.71 -47.79 -5.60
C ILE I 141 6.91 -48.93 -6.21
N SER I 142 7.49 -49.59 -7.21
CA SER I 142 6.91 -50.79 -7.77
C SER I 142 8.04 -51.59 -8.39
N CYS I 143 8.15 -52.86 -8.01
CA CYS I 143 9.20 -53.70 -8.56
C CYS I 143 8.66 -54.51 -9.72
N TYR I 144 9.38 -54.50 -10.84
CA TYR I 144 8.99 -55.26 -12.01
C TYR I 144 9.96 -56.41 -12.25
N THR I 145 9.46 -57.47 -12.87
CA THR I 145 10.21 -58.72 -12.97
C THR I 145 10.63 -59.06 -14.39
N ARG I 146 9.67 -59.25 -15.30
CA ARG I 146 9.98 -59.60 -16.68
C ARG I 146 8.76 -59.21 -17.51
N GLY I 147 8.86 -58.08 -18.20
CA GLY I 147 7.69 -57.47 -18.79
C GLY I 147 7.13 -56.39 -17.87
N GLY I 148 5.93 -55.94 -18.19
CA GLY I 148 5.23 -55.01 -17.33
C GLY I 148 4.56 -55.70 -16.17
N ARG I 149 5.37 -56.33 -15.32
CA ARG I 149 4.88 -57.30 -14.34
C ARG I 149 5.30 -56.85 -12.96
N ILE I 150 4.39 -56.15 -12.28
CA ILE I 150 4.64 -55.73 -10.90
C ILE I 150 4.61 -56.95 -9.98
N ILE I 151 5.52 -56.98 -9.02
CA ILE I 151 5.50 -57.99 -7.99
C ILE I 151 5.18 -57.41 -6.61
N SER I 152 5.63 -56.19 -6.31
CA SER I 152 5.40 -55.60 -5.01
C SER I 152 5.38 -54.09 -5.15
N THR I 153 4.48 -53.46 -4.39
CA THR I 153 4.36 -52.01 -4.32
C THR I 153 4.46 -51.58 -2.86
N SER I 154 4.65 -50.28 -2.67
CA SER I 154 4.64 -49.66 -1.35
C SER I 154 4.35 -48.19 -1.52
N SER I 155 4.43 -47.45 -0.42
CA SER I 155 4.25 -46.00 -0.40
C SER I 155 4.73 -45.50 0.94
N ARG I 156 5.47 -44.40 0.93
CA ARG I 156 5.83 -43.74 2.17
C ARG I 156 5.67 -42.24 1.99
N SER I 157 4.88 -41.61 2.85
CA SER I 157 4.88 -40.17 2.88
C SER I 157 6.19 -39.70 3.48
N VAL I 158 6.65 -38.52 3.06
CA VAL I 158 7.85 -37.98 3.63
C VAL I 158 7.71 -36.46 3.65
N MET I 159 8.53 -35.85 4.50
CA MET I 159 8.40 -34.47 4.95
C MET I 159 9.78 -33.86 4.91
N LEU I 160 9.89 -32.69 4.29
CA LEU I 160 11.16 -31.97 4.33
C LEU I 160 11.38 -31.45 5.74
N HIS I 161 12.57 -31.69 6.26
CA HIS I 161 12.86 -31.50 7.67
C HIS I 161 12.93 -30.02 8.02
N TYR I 162 12.03 -29.56 8.87
CA TYR I 162 11.74 -28.14 9.05
C TYR I 162 12.80 -27.41 9.86
N ARG I 163 13.04 -26.16 9.50
CA ARG I 163 13.77 -25.22 10.33
C ARG I 163 13.09 -23.85 10.28
N SER I 164 13.25 -23.09 11.36
CA SER I 164 12.67 -21.76 11.39
C SER I 164 13.53 -20.78 10.59
N ASP I 165 13.05 -19.55 10.47
CA ASP I 165 13.79 -18.56 9.68
C ASP I 165 14.94 -17.95 10.46
N LEU I 166 14.71 -17.67 11.75
CA LEU I 166 15.78 -17.14 12.60
C LEU I 166 16.90 -18.16 12.75
N LEU I 167 16.56 -19.44 12.79
CA LEU I 167 17.62 -20.44 12.90
C LEU I 167 18.34 -20.61 11.58
N GLN I 168 17.68 -20.34 10.45
CA GLN I 168 18.43 -20.33 9.19
C GLN I 168 19.37 -19.15 9.10
N MET I 169 18.98 -18.01 9.66
CA MET I 169 19.91 -16.88 9.69
C MET I 169 21.10 -17.18 10.58
N LEU I 170 20.87 -17.78 11.75
CA LEU I 170 21.99 -18.18 12.60
C LEU I 170 22.80 -19.32 12.00
N ASP I 171 22.18 -20.15 11.16
CA ASP I 171 22.95 -21.23 10.54
C ASP I 171 23.87 -20.70 9.47
N THR I 172 23.36 -19.82 8.61
CA THR I 172 24.23 -19.27 7.57
C THR I 172 25.11 -18.14 8.09
N LEU I 173 24.97 -17.73 9.35
CA LEU I 173 25.92 -16.81 9.94
C LEU I 173 27.01 -17.51 10.77
N VAL I 174 26.65 -18.52 11.56
CA VAL I 174 27.64 -19.24 12.36
C VAL I 174 28.53 -20.09 11.45
N PHE I 175 27.93 -20.85 10.54
CA PHE I 175 28.71 -21.68 9.64
C PHE I 175 29.09 -20.91 8.38
N SER I 176 29.63 -19.71 8.54
CA SER I 176 30.04 -18.96 7.37
C SER I 176 31.45 -19.32 6.95
N SER I 177 32.19 -20.02 7.80
CA SER I 177 33.54 -20.43 7.43
C SER I 177 33.53 -21.70 6.60
N LEU I 178 32.51 -22.54 6.75
CA LEU I 178 32.47 -23.78 5.99
C LEU I 178 31.77 -23.60 4.66
N LEU I 179 30.72 -22.78 4.63
CA LEU I 179 29.87 -22.70 3.45
C LEU I 179 30.50 -21.89 2.33
N LEU I 180 31.36 -20.94 2.65
CA LEU I 180 32.01 -20.10 1.65
C LEU I 180 33.23 -20.74 1.03
N PHE I 181 33.50 -22.02 1.31
CA PHE I 181 34.68 -22.65 0.74
C PHE I 181 34.40 -24.07 0.26
N GLY I 182 33.13 -24.40 -0.01
CA GLY I 182 32.74 -25.63 -0.62
C GLY I 182 32.39 -26.74 0.36
N PHE I 183 32.87 -26.66 1.59
CA PHE I 183 32.74 -27.75 2.53
C PHE I 183 31.33 -27.78 3.10
N ALA I 184 30.61 -28.88 2.87
CA ALA I 184 29.30 -29.19 3.46
C ALA I 184 28.25 -28.12 3.15
N GLU I 185 27.92 -28.01 1.87
CA GLU I 185 27.04 -27.00 1.33
C GLU I 185 25.60 -27.25 1.78
N GLN I 186 24.71 -26.27 1.55
CA GLN I 186 23.36 -26.27 2.11
C GLN I 186 22.42 -27.31 1.51
N LYS I 187 22.70 -28.58 1.75
CA LYS I 187 21.85 -29.66 1.33
C LYS I 187 21.13 -30.22 2.54
N GLN I 188 20.08 -31.00 2.30
CA GLN I 188 19.31 -31.56 3.39
C GLN I 188 18.89 -32.99 3.07
N LEU I 189 19.87 -33.86 2.77
CA LEU I 189 19.60 -35.17 2.18
C LEU I 189 18.72 -36.03 3.08
N LEU I 190 17.59 -36.47 2.51
CA LEU I 190 16.65 -37.30 3.22
C LEU I 190 17.11 -38.75 3.21
N GLU I 191 16.30 -39.59 3.84
CA GLU I 191 16.48 -41.03 3.83
C GLU I 191 15.16 -41.66 4.23
N VAL I 192 14.54 -42.39 3.31
CA VAL I 192 13.23 -42.94 3.62
C VAL I 192 13.16 -44.43 3.28
N GLU I 193 13.12 -45.27 4.30
CA GLU I 193 13.09 -46.71 4.07
C GLU I 193 11.69 -47.13 3.69
N LEU I 194 11.59 -48.04 2.75
CA LEU I 194 10.30 -48.37 2.19
C LEU I 194 10.09 -49.85 1.89
N TYR I 195 11.11 -50.69 2.10
CA TYR I 195 10.92 -52.14 2.18
C TYR I 195 11.74 -52.72 3.32
N ALA I 196 11.55 -52.18 4.52
CA ALA I 196 12.13 -52.78 5.72
C ALA I 196 11.73 -54.25 5.82
N ASP I 197 12.75 -55.11 5.80
CA ASP I 197 12.63 -56.57 5.67
C ASP I 197 11.91 -56.96 4.38
N TYR I 198 12.60 -56.70 3.27
CA TYR I 198 12.13 -57.12 1.95
C TYR I 198 12.52 -58.56 1.67
N ARG I 199 11.63 -59.27 0.98
CA ARG I 199 11.87 -60.65 0.55
C ARG I 199 11.59 -60.76 -0.94
N GLU I 200 12.07 -61.83 -1.54
CA GLU I 200 11.85 -62.07 -2.97
C GLU I 200 11.27 -63.47 -3.14
N ASN I 201 9.95 -63.56 -3.04
CA ASN I 201 9.26 -64.84 -2.97
C ASN I 201 8.90 -65.36 -4.35
N SER I 202 8.63 -66.68 -4.40
CA SER I 202 8.29 -67.49 -5.57
C SER I 202 9.39 -67.57 -6.62
N TYR I 203 10.57 -66.99 -6.34
CA TYR I 203 11.79 -67.10 -7.14
C TYR I 203 11.60 -66.61 -8.57
N VAL I 204 10.76 -65.59 -8.75
CA VAL I 204 10.76 -64.82 -9.98
C VAL I 204 11.68 -63.62 -9.75
N PRO I 205 12.65 -63.39 -10.63
CA PRO I 205 13.69 -62.40 -10.33
C PRO I 205 13.18 -60.98 -10.47
N THR I 206 13.62 -60.12 -9.56
CA THR I 206 13.28 -58.71 -9.61
C THR I 206 14.26 -58.00 -10.51
N THR I 207 13.78 -57.46 -11.62
CA THR I 207 14.68 -56.81 -12.57
C THR I 207 15.07 -55.41 -12.10
N GLY I 208 14.11 -54.62 -11.66
CA GLY I 208 14.41 -53.28 -11.22
C GLY I 208 13.26 -52.63 -10.48
N ALA I 209 13.16 -51.31 -10.52
CA ALA I 209 12.07 -50.64 -9.85
C ALA I 209 11.69 -49.38 -10.61
N ILE I 210 10.45 -48.95 -10.39
CA ILE I 210 9.91 -47.73 -10.97
C ILE I 210 9.56 -46.84 -9.79
N ILE I 211 10.43 -45.92 -9.44
CA ILE I 211 10.16 -45.09 -8.27
C ILE I 211 9.60 -43.77 -8.77
N GLU I 212 8.80 -43.12 -7.93
CA GLU I 212 7.92 -42.06 -8.40
C GLU I 212 7.48 -41.21 -7.23
N ILE I 213 7.73 -39.91 -7.30
CA ILE I 213 7.28 -39.00 -6.26
C ILE I 213 6.11 -38.17 -6.81
N HIS I 214 5.09 -37.98 -5.99
CA HIS I 214 3.85 -37.36 -6.45
C HIS I 214 3.76 -35.90 -6.04
N SER I 215 4.63 -35.05 -6.57
CA SER I 215 4.48 -33.61 -6.41
C SER I 215 5.05 -32.88 -7.60
N LYS I 216 4.22 -32.08 -8.26
CA LYS I 216 4.65 -31.37 -9.45
C LYS I 216 5.60 -30.23 -9.16
N ARG I 217 5.78 -29.88 -7.89
CA ARG I 217 6.57 -28.73 -7.49
C ARG I 217 7.60 -29.22 -6.48
N ILE I 218 8.75 -29.65 -6.96
CA ILE I 218 9.80 -30.22 -6.11
C ILE I 218 11.13 -30.00 -6.80
N GLN I 219 12.15 -29.66 -6.02
CA GLN I 219 13.47 -29.37 -6.56
C GLN I 219 14.43 -30.31 -5.89
N LEU I 220 15.07 -31.19 -6.66
CA LEU I 220 15.96 -32.16 -6.07
C LEU I 220 17.13 -32.42 -6.99
N TYR I 221 18.31 -32.59 -6.39
CA TYR I 221 19.52 -32.80 -7.18
C TYR I 221 19.55 -34.19 -7.78
N GLY I 222 19.63 -35.21 -6.93
CA GLY I 222 19.79 -36.57 -7.40
C GLY I 222 19.23 -37.57 -6.41
N ALA I 223 19.44 -38.86 -6.64
CA ALA I 223 18.84 -39.86 -5.77
C ALA I 223 19.63 -41.14 -5.86
N TYR I 224 19.94 -41.71 -4.70
CA TYR I 224 20.58 -43.02 -4.61
C TYR I 224 19.57 -44.02 -4.06
N LEU I 225 19.80 -45.30 -4.34
CA LEU I 225 18.89 -46.34 -3.89
C LEU I 225 19.71 -47.43 -3.23
N ARG I 226 19.84 -47.37 -1.92
CA ARG I 226 20.53 -48.42 -1.17
C ARG I 226 19.66 -49.65 -1.13
N ILE I 227 20.16 -50.76 -1.66
CA ILE I 227 19.68 -52.08 -1.23
C ILE I 227 20.73 -52.60 -0.25
N HIS I 228 20.28 -53.20 0.83
CA HIS I 228 21.19 -53.48 1.93
C HIS I 228 20.83 -54.81 2.55
N ALA I 229 21.83 -55.53 3.04
CA ALA I 229 21.59 -56.84 3.63
C ALA I 229 21.47 -56.73 5.15
N HIS I 230 21.42 -57.87 5.82
CA HIS I 230 21.48 -57.92 7.28
C HIS I 230 22.31 -59.11 7.76
N VAL J 71 5.25 -55.90 29.77
CA VAL J 71 5.96 -55.21 28.72
C VAL J 71 5.03 -54.49 27.76
N SER J 72 5.61 -53.85 26.74
CA SER J 72 4.82 -53.04 25.82
C SER J 72 5.60 -52.87 24.52
N HIS J 73 5.13 -53.48 23.45
CA HIS J 73 5.79 -53.31 22.16
C HIS J 73 5.03 -52.30 21.30
N LEU J 74 5.78 -51.47 20.60
CA LEU J 74 5.20 -50.52 19.68
C LEU J 74 5.22 -51.10 18.28
N SER J 75 4.76 -50.30 17.32
CA SER J 75 4.75 -50.70 15.92
C SER J 75 4.65 -49.42 15.11
N PRO J 76 5.41 -49.28 14.03
CA PRO J 76 5.40 -48.03 13.28
C PRO J 76 4.13 -47.90 12.45
N VAL J 77 3.74 -46.66 12.20
CA VAL J 77 2.56 -46.33 11.42
C VAL J 77 3.02 -45.62 10.16
N HIS J 78 2.55 -46.09 9.01
CA HIS J 78 2.91 -45.48 7.74
C HIS J 78 1.64 -44.99 7.06
N PHE J 79 1.55 -43.68 6.88
CA PHE J 79 0.37 -43.09 6.27
C PHE J 79 0.40 -43.20 4.75
N TYR J 80 -0.77 -43.04 4.14
CA TYR J 80 -0.86 -42.82 2.70
C TYR J 80 -2.18 -42.12 2.40
N TYR J 81 -2.27 -41.59 1.19
CA TYR J 81 -3.38 -40.77 0.71
C TYR J 81 -3.20 -40.60 -0.79
N ARG J 82 -4.30 -40.34 -1.51
CA ARG J 82 -4.30 -40.72 -2.92
C ARG J 82 -3.58 -39.73 -3.83
N THR J 83 -3.84 -38.42 -3.68
CA THR J 83 -3.40 -37.36 -4.61
C THR J 83 -3.76 -37.66 -6.07
N ASP J 84 -5.00 -38.10 -6.29
CA ASP J 84 -5.46 -38.25 -7.67
C ASP J 84 -5.83 -36.92 -8.29
N CYS J 85 -6.22 -35.96 -7.45
CA CYS J 85 -6.78 -34.70 -7.91
C CYS J 85 -5.68 -33.77 -8.41
N ASP J 86 -6.10 -32.58 -8.84
CA ASP J 86 -5.24 -31.63 -9.53
C ASP J 86 -4.27 -30.95 -8.58
N SER J 87 -3.52 -29.98 -9.11
CA SER J 87 -2.47 -29.33 -8.33
C SER J 87 -3.07 -28.36 -7.33
N SER J 88 -2.72 -28.54 -6.07
CA SER J 88 -3.18 -27.69 -4.99
C SER J 88 -2.12 -26.65 -4.67
N THR J 89 -2.37 -25.86 -3.63
CA THR J 89 -1.37 -24.91 -3.13
C THR J 89 -0.42 -25.61 -2.17
N THR J 90 -0.94 -26.02 -1.01
CA THR J 90 -0.18 -26.79 -0.04
C THR J 90 -0.96 -27.97 0.53
N SER J 91 -2.28 -27.98 0.44
CA SER J 91 -3.09 -28.97 1.10
C SER J 91 -2.99 -30.31 0.38
N LEU J 92 -3.44 -31.35 1.06
CA LEU J 92 -3.43 -32.70 0.51
C LEU J 92 -4.69 -32.90 -0.33
N CYS J 93 -4.96 -34.14 -0.71
CA CYS J 93 -6.13 -34.42 -1.51
C CYS J 93 -7.18 -35.22 -0.76
N SER J 94 -6.81 -35.99 0.25
CA SER J 94 -7.78 -36.70 1.04
C SER J 94 -7.29 -36.80 2.47
N PHE J 95 -8.05 -37.47 3.29
CA PHE J 95 -7.69 -37.61 4.70
C PHE J 95 -6.62 -38.68 4.85
N PRO J 96 -5.55 -38.41 5.56
CA PRO J 96 -4.49 -39.41 5.71
C PRO J 96 -4.90 -40.61 6.54
N VAL J 97 -5.12 -41.76 5.91
CA VAL J 97 -5.46 -42.97 6.63
C VAL J 97 -4.20 -43.82 6.77
N ALA J 98 -4.28 -44.85 7.60
CA ALA J 98 -3.17 -45.80 7.73
C ALA J 98 -3.69 -47.11 8.30
N ASN J 99 -3.53 -48.20 7.55
CA ASN J 99 -3.52 -49.54 8.13
C ASN J 99 -2.26 -49.74 8.94
N VAL J 100 -2.40 -49.87 10.21
CA VAL J 100 -1.31 -50.45 10.99
C VAL J 100 -1.58 -51.94 10.97
N SER J 101 -0.56 -52.75 11.27
CA SER J 101 -0.73 -54.18 11.30
C SER J 101 -0.21 -54.72 12.62
N LEU J 102 -0.80 -55.81 13.07
CA LEU J 102 -0.43 -56.42 14.33
C LEU J 102 -0.65 -57.92 14.16
N THR J 103 -0.51 -58.67 15.25
CA THR J 103 -0.55 -60.15 15.35
C THR J 103 0.28 -60.83 14.25
N LYS J 104 1.60 -60.69 14.44
CA LYS J 104 2.59 -61.25 13.52
C LYS J 104 2.65 -62.77 13.66
N GLY J 105 3.66 -63.39 13.03
CA GLY J 105 3.72 -64.83 12.85
C GLY J 105 3.86 -65.60 14.16
N GLY J 106 4.39 -64.97 15.22
CA GLY J 106 4.36 -65.56 16.54
C GLY J 106 3.18 -65.05 17.34
N ARG J 107 2.70 -65.88 18.27
CA ARG J 107 1.53 -65.55 19.09
C ARG J 107 1.92 -64.58 20.19
N ASP J 108 2.22 -63.34 19.78
CA ASP J 108 2.54 -62.23 20.68
C ASP J 108 1.71 -61.04 20.23
N ARG J 109 0.48 -60.97 20.72
CA ARG J 109 -0.48 -59.96 20.28
C ARG J 109 -1.26 -59.50 21.51
N VAL J 110 -2.39 -58.84 21.28
CA VAL J 110 -3.28 -58.45 22.36
C VAL J 110 -3.87 -59.70 23.02
N LEU J 111 -3.74 -59.78 24.33
CA LEU J 111 -3.98 -61.01 25.08
C LEU J 111 -5.47 -61.36 25.09
N MET J 112 -5.75 -62.60 25.52
CA MET J 112 -7.11 -63.14 25.45
C MET J 112 -8.03 -62.43 26.43
N TYR J 113 -7.76 -62.54 27.71
CA TYR J 113 -8.27 -61.61 28.70
C TYR J 113 -7.07 -61.23 29.54
N GLY J 114 -6.27 -60.29 29.03
CA GLY J 114 -5.09 -59.87 29.73
C GLY J 114 -5.38 -58.73 30.68
N GLN J 115 -4.32 -58.26 31.32
CA GLN J 115 -4.42 -57.01 32.05
C GLN J 115 -4.66 -55.90 31.02
N PRO J 116 -5.64 -55.03 31.25
CA PRO J 116 -6.20 -54.22 30.17
C PRO J 116 -5.22 -53.19 29.63
N TYR J 117 -5.47 -52.79 28.40
CA TYR J 117 -4.52 -52.06 27.58
C TYR J 117 -4.82 -50.58 27.53
N ARG J 118 -3.79 -49.80 27.24
CA ARG J 118 -3.84 -48.34 27.17
C ARG J 118 -3.04 -47.94 25.94
N VAL J 119 -3.72 -47.79 24.81
CA VAL J 119 -3.01 -47.45 23.59
C VAL J 119 -2.81 -45.94 23.56
N THR J 120 -1.68 -45.51 23.01
CA THR J 120 -1.42 -44.09 22.76
C THR J 120 -0.84 -43.99 21.37
N LEU J 121 -1.32 -43.02 20.60
CA LEU J 121 -0.79 -42.81 19.26
C LEU J 121 0.22 -41.69 19.36
N GLU J 122 1.49 -42.03 19.56
CA GLU J 122 2.54 -41.04 19.70
C GLU J 122 2.82 -40.43 18.34
N LEU J 123 2.28 -39.24 18.12
CA LEU J 123 2.29 -38.56 16.84
C LEU J 123 3.36 -37.48 16.86
N GLU J 124 3.85 -37.10 15.69
CA GLU J 124 5.03 -36.27 15.58
C GLU J 124 4.70 -35.03 14.74
N LEU J 125 5.08 -33.85 15.19
CA LEU J 125 4.72 -32.66 14.44
C LEU J 125 5.84 -31.64 14.47
N PRO J 126 6.11 -30.98 13.36
CA PRO J 126 7.03 -29.84 13.39
C PRO J 126 6.28 -28.53 13.53
N GLU J 127 6.95 -27.49 14.02
CA GLU J 127 6.29 -26.20 14.24
C GLU J 127 6.37 -25.34 12.98
N SER J 128 5.76 -25.81 11.92
CA SER J 128 5.72 -25.01 10.70
C SER J 128 4.58 -24.02 10.87
N PRO J 129 4.63 -22.87 10.18
CA PRO J 129 3.51 -21.94 10.33
C PRO J 129 2.20 -22.54 9.83
N VAL J 130 2.27 -23.27 8.72
CA VAL J 130 1.08 -23.90 8.18
C VAL J 130 0.54 -24.88 9.19
N ASN J 131 1.40 -25.67 9.79
CA ASN J 131 0.98 -26.63 10.79
C ASN J 131 0.35 -25.97 11.99
N GLN J 132 0.92 -24.87 12.40
CA GLN J 132 0.43 -24.09 13.52
C GLN J 132 -0.97 -23.52 13.32
N ASP J 133 -1.35 -23.11 12.12
CA ASP J 133 -2.70 -22.49 12.03
C ASP J 133 -3.95 -23.33 12.42
N LEU J 134 -4.00 -24.56 11.96
CA LEU J 134 -5.02 -25.57 12.19
C LEU J 134 -5.36 -25.64 13.67
N GLY J 135 -6.64 -25.49 14.00
CA GLY J 135 -6.97 -25.41 15.40
C GLY J 135 -7.02 -26.76 16.05
N MET J 136 -8.02 -27.55 15.71
CA MET J 136 -8.16 -28.87 16.28
C MET J 136 -8.30 -29.87 15.16
N PHE J 137 -7.91 -31.10 15.43
CA PHE J 137 -8.22 -32.16 14.49
C PHE J 137 -8.43 -33.43 15.28
N LEU J 138 -9.44 -34.20 14.90
CA LEU J 138 -9.78 -35.40 15.64
C LEU J 138 -9.14 -36.60 14.96
N VAL J 139 -8.34 -37.33 15.71
CA VAL J 139 -7.80 -38.61 15.28
C VAL J 139 -8.77 -39.70 15.74
N THR J 140 -9.24 -40.50 14.79
CA THR J 140 -10.14 -41.59 15.10
C THR J 140 -9.36 -42.88 15.07
N ILE J 141 -10.06 -44.00 15.24
CA ILE J 141 -9.44 -45.32 15.23
C ILE J 141 -10.56 -46.31 14.97
N SER J 142 -10.21 -47.48 14.45
CA SER J 142 -11.17 -48.57 14.30
C SER J 142 -10.35 -49.85 14.28
N CYS J 143 -10.71 -50.80 15.13
CA CYS J 143 -10.00 -52.07 15.18
C CYS J 143 -10.75 -53.09 14.35
N TYR J 144 -10.02 -53.80 13.48
CA TYR J 144 -10.60 -54.83 12.64
C TYR J 144 -10.09 -56.20 13.05
N THR J 145 -10.90 -57.22 12.83
CA THR J 145 -10.64 -58.56 13.38
C THR J 145 -10.32 -59.60 12.31
N ARG J 146 -11.23 -59.85 11.39
CA ARG J 146 -11.01 -60.85 10.34
C ARG J 146 -11.97 -60.50 9.21
N GLY J 147 -11.46 -59.88 8.16
CA GLY J 147 -12.29 -59.25 7.17
C GLY J 147 -12.47 -57.79 7.46
N GLY J 148 -13.43 -57.18 6.76
CA GLY J 148 -13.79 -55.80 7.04
C GLY J 148 -14.71 -55.68 8.23
N ARG J 149 -14.22 -56.09 9.38
CA ARG J 149 -15.05 -56.34 10.55
C ARG J 149 -14.58 -55.48 11.71
N ILE J 150 -15.21 -54.32 11.87
CA ILE J 150 -14.89 -53.44 12.99
C ILE J 150 -15.39 -54.07 14.29
N ILE J 151 -14.58 -53.95 15.34
CA ILE J 151 -15.01 -54.34 16.67
C ILE J 151 -15.16 -53.15 17.61
N SER J 152 -14.33 -52.13 17.49
CA SER J 152 -14.38 -50.99 18.39
C SER J 152 -13.88 -49.76 17.66
N THR J 153 -14.52 -48.63 17.91
CA THR J 153 -14.13 -47.34 17.39
C THR J 153 -13.94 -46.37 18.56
N SER J 154 -13.31 -45.23 18.26
CA SER J 154 -13.17 -44.13 19.20
C SER J 154 -12.91 -42.86 18.40
N SER J 155 -12.61 -41.79 19.12
CA SER J 155 -12.27 -40.50 18.54
C SER J 155 -11.70 -39.63 19.64
N ARG J 156 -10.62 -38.92 19.34
CA ARG J 156 -10.11 -37.93 20.27
C ARG J 156 -9.73 -36.70 19.47
N SER J 157 -10.28 -35.55 19.85
CA SER J 157 -9.76 -34.31 19.30
C SER J 157 -8.40 -34.05 19.91
N VAL J 158 -7.54 -33.36 19.16
CA VAL J 158 -6.25 -33.01 19.69
C VAL J 158 -5.84 -31.68 19.09
N MET J 159 -4.90 -31.03 19.77
CA MET J 159 -4.56 -29.63 19.60
C MET J 159 -3.04 -29.54 19.59
N LEU J 160 -2.50 -28.85 18.60
CA LEU J 160 -1.07 -28.61 18.59
C LEU J 160 -0.74 -27.61 19.70
N HIS J 161 0.26 -27.94 20.49
CA HIS J 161 0.54 -27.26 21.75
C HIS J 161 1.12 -25.88 21.48
N TYR J 162 0.40 -24.84 21.90
CA TYR J 162 0.62 -23.47 21.44
C TYR J 162 1.83 -22.83 22.09
N ARG J 163 2.51 -21.98 21.32
CA ARG J 163 3.50 -21.04 21.83
C ARG J 163 3.34 -19.70 21.13
N SER J 164 3.72 -18.64 21.82
CA SER J 164 3.65 -17.32 21.21
C SER J 164 4.83 -17.10 20.28
N ASP J 165 4.82 -15.96 19.59
CA ASP J 165 5.89 -15.69 18.64
C ASP J 165 7.15 -15.17 19.32
N LEU J 166 6.98 -14.31 20.33
CA LEU J 166 8.12 -13.81 21.08
C LEU J 166 8.81 -14.94 21.83
N LEU J 167 8.04 -15.91 22.31
CA LEU J 167 8.66 -17.02 23.00
C LEU J 167 9.34 -17.96 22.02
N GLN J 168 8.87 -18.03 20.77
CA GLN J 168 9.62 -18.80 19.78
C GLN J 168 10.93 -18.12 19.42
N MET J 169 10.95 -16.78 19.39
CA MET J 169 12.21 -16.10 19.15
C MET J 169 13.18 -16.31 20.30
N LEU J 170 12.69 -16.25 21.55
CA LEU J 170 13.56 -16.55 22.68
C LEU J 170 13.95 -18.02 22.74
N ASP J 171 13.12 -18.91 22.21
CA ASP J 171 13.46 -20.33 22.21
C ASP J 171 14.57 -20.62 21.21
N THR J 172 14.45 -20.10 19.99
CA THR J 172 15.50 -20.35 19.02
C THR J 172 16.69 -19.43 19.21
N LEU J 173 16.65 -18.49 20.15
CA LEU J 173 17.84 -17.74 20.50
C LEU J 173 18.57 -18.29 21.73
N VAL J 174 17.84 -18.70 22.78
CA VAL J 174 18.48 -19.26 23.96
C VAL J 174 19.05 -20.65 23.66
N PHE J 175 18.25 -21.50 23.02
CA PHE J 175 18.73 -22.84 22.68
C PHE J 175 19.42 -22.84 21.32
N SER J 176 20.34 -21.92 21.09
CA SER J 176 21.04 -21.92 19.83
C SER J 176 22.25 -22.83 19.87
N SER J 177 22.66 -23.27 21.04
CA SER J 177 23.79 -24.19 21.13
C SER J 177 23.37 -25.63 20.88
N LEU J 178 22.11 -25.97 21.16
CA LEU J 178 21.67 -27.34 20.96
C LEU J 178 21.13 -27.54 19.54
N LEU J 179 20.44 -26.55 19.00
CA LEU J 179 19.73 -26.75 17.74
C LEU J 179 20.65 -26.73 16.53
N LEU J 180 21.78 -26.05 16.62
CA LEU J 180 22.72 -25.96 15.52
C LEU J 180 23.67 -27.15 15.44
N PHE J 181 23.46 -28.19 16.24
CA PHE J 181 24.36 -29.33 16.21
C PHE J 181 23.63 -30.65 16.28
N GLY J 182 22.34 -30.66 15.93
CA GLY J 182 21.57 -31.87 15.79
C GLY J 182 20.80 -32.28 17.04
N PHE J 183 21.22 -31.81 18.20
CA PHE J 183 20.67 -32.30 19.45
C PHE J 183 19.31 -31.64 19.70
N ALA J 184 18.26 -32.46 19.79
CA ALA J 184 16.91 -32.07 20.20
C ALA J 184 16.33 -30.99 19.30
N GLU J 185 16.10 -31.36 18.05
CA GLU J 185 15.66 -30.46 16.99
C GLU J 185 14.20 -30.05 17.22
N GLN J 186 13.73 -29.05 16.45
CA GLN J 186 12.45 -28.40 16.69
C GLN J 186 11.22 -29.26 16.39
N LYS J 187 11.04 -30.31 17.15
CA LYS J 187 9.87 -31.17 17.04
C LYS J 187 8.94 -30.90 18.21
N GLN J 188 7.70 -31.35 18.09
CA GLN J 188 6.74 -31.11 19.15
C GLN J 188 5.86 -32.35 19.33
N LEU J 189 6.47 -33.51 19.61
CA LEU J 189 5.78 -34.79 19.54
C LEU J 189 4.61 -34.87 20.52
N LEU J 190 3.44 -35.15 19.97
CA LEU J 190 2.22 -35.27 20.75
C LEU J 190 2.14 -36.64 21.40
N GLU J 191 1.06 -36.83 22.14
CA GLU J 191 0.72 -38.11 22.73
C GLU J 191 -0.75 -38.07 23.07
N VAL J 192 -1.55 -38.90 22.43
CA VAL J 192 -2.98 -38.85 22.67
C VAL J 192 -3.56 -40.24 22.93
N GLU J 193 -3.94 -40.49 24.17
CA GLU J 193 -4.47 -41.80 24.53
C GLU J 193 -5.91 -41.91 24.08
N LEU J 194 -6.28 -43.07 23.57
CA LEU J 194 -7.58 -43.20 22.96
C LEU J 194 -8.28 -44.52 23.24
N TYR J 195 -7.65 -45.44 23.95
CA TYR J 195 -8.32 -46.58 24.55
C TYR J 195 -7.82 -46.83 25.95
N ALA J 196 -7.85 -45.80 26.79
CA ALA J 196 -7.58 -45.96 28.21
C ALA J 196 -8.48 -47.03 28.81
N ASP J 197 -7.84 -48.09 29.33
CA ASP J 197 -8.45 -49.34 29.76
C ASP J 197 -9.21 -50.01 28.61
N TYR J 198 -8.42 -50.49 27.64
CA TYR J 198 -8.94 -51.27 26.53
C TYR J 198 -9.09 -52.74 26.91
N ARG J 199 -10.14 -53.38 26.41
CA ARG J 199 -10.38 -54.80 26.61
C ARG J 199 -10.61 -55.45 25.26
N GLU J 200 -10.52 -56.78 25.22
CA GLU J 200 -10.74 -57.54 23.99
C GLU J 200 -11.79 -58.62 24.28
N ASN J 201 -13.05 -58.26 24.15
CA ASN J 201 -14.14 -59.11 24.59
C ASN J 201 -14.60 -60.04 23.49
N SER J 202 -15.31 -61.10 23.91
CA SER J 202 -15.87 -62.20 23.11
C SER J 202 -14.83 -63.05 22.40
N TYR J 203 -13.54 -62.80 22.65
CA TYR J 203 -12.40 -63.60 22.22
C TYR J 203 -12.33 -63.75 20.71
N VAL J 204 -12.75 -62.71 19.98
CA VAL J 204 -12.43 -62.58 18.57
C VAL J 204 -11.15 -61.75 18.48
N PRO J 205 -10.12 -62.23 17.78
CA PRO J 205 -8.82 -61.57 17.87
C PRO J 205 -8.78 -60.28 17.08
N THR J 206 -8.12 -59.28 17.65
CA THR J 206 -7.92 -57.99 16.98
C THR J 206 -6.71 -58.08 16.08
N THR J 207 -6.93 -57.96 14.77
CA THR J 207 -5.81 -58.10 13.84
C THR J 207 -4.98 -56.83 13.78
N GLY J 208 -5.62 -55.67 13.69
CA GLY J 208 -4.88 -54.43 13.62
C GLY J 208 -5.76 -53.22 13.80
N ALA J 209 -5.37 -52.08 13.23
CA ALA J 209 -6.18 -50.89 13.37
C ALA J 209 -6.07 -50.05 12.12
N ILE J 210 -7.07 -49.21 11.90
CA ILE J 210 -7.13 -48.27 10.80
C ILE J 210 -7.20 -46.89 11.44
N ILE J 211 -6.07 -46.22 11.57
CA ILE J 211 -6.08 -44.92 12.22
C ILE J 211 -6.12 -43.85 11.16
N GLU J 212 -6.67 -42.70 11.51
CA GLU J 212 -7.10 -41.75 10.49
C GLU J 212 -7.26 -40.38 11.13
N ILE J 213 -6.56 -39.37 10.61
CA ILE J 213 -6.71 -38.00 11.09
C ILE J 213 -7.47 -37.20 10.05
N HIS J 214 -8.40 -36.38 10.51
CA HIS J 214 -9.32 -35.68 9.62
C HIS J 214 -8.91 -34.23 9.40
N SER J 215 -7.77 -34.02 8.75
CA SER J 215 -7.42 -32.66 8.30
C SER J 215 -6.57 -32.74 7.05
N LYS J 216 -7.03 -32.10 5.99
CA LYS J 216 -6.33 -32.15 4.72
C LYS J 216 -5.05 -31.33 4.72
N ARG J 217 -4.81 -30.54 5.76
CA ARG J 217 -3.68 -29.63 5.81
C ARG J 217 -2.94 -29.90 7.11
N ILE J 218 -1.99 -30.82 7.08
CA ILE J 218 -1.26 -31.24 8.25
C ILE J 218 0.10 -31.76 7.81
N GLN J 219 1.14 -31.44 8.57
CA GLN J 219 2.49 -31.83 8.22
C GLN J 219 3.04 -32.63 9.38
N LEU J 220 3.36 -33.90 9.15
CA LEU J 220 3.81 -34.73 10.24
C LEU J 220 4.86 -35.71 9.74
N TYR J 221 5.87 -35.95 10.56
CA TYR J 221 6.96 -36.83 10.17
C TYR J 221 6.52 -38.29 10.19
N GLY J 222 6.20 -38.81 11.36
CA GLY J 222 5.89 -40.21 11.51
C GLY J 222 4.97 -40.45 12.68
N ALA J 223 4.72 -41.71 13.02
CA ALA J 223 3.77 -42.00 14.08
C ALA J 223 4.07 -43.37 14.67
N TYR J 224 4.10 -43.44 15.99
CA TYR J 224 4.22 -44.70 16.71
C TYR J 224 2.91 -45.01 17.39
N LEU J 225 2.67 -46.28 17.70
CA LEU J 225 1.43 -46.70 18.33
C LEU J 225 1.79 -47.59 19.52
N ARG J 226 1.87 -47.00 20.71
CA ARG J 226 2.11 -47.78 21.91
C ARG J 226 0.86 -48.55 22.27
N ILE J 227 0.96 -49.86 22.33
CA ILE J 227 0.03 -50.64 23.14
C ILE J 227 0.78 -50.98 24.42
N HIS J 228 0.10 -50.89 25.56
CA HIS J 228 0.81 -50.92 26.82
C HIS J 228 -0.04 -51.67 27.83
N ALA J 229 0.61 -52.37 28.75
CA ALA J 229 -0.09 -53.15 29.74
C ALA J 229 -0.23 -52.35 31.05
N HIS J 230 -0.70 -53.01 32.09
CA HIS J 230 -0.73 -52.44 33.44
C HIS J 230 -0.40 -53.49 34.49
N VAL K 71 -16.18 -36.08 49.75
CA VAL K 71 -15.23 -36.15 48.66
C VAL K 71 -15.80 -35.70 47.35
N SER K 72 -14.99 -35.76 46.29
CA SER K 72 -15.40 -35.24 44.98
C SER K 72 -14.55 -35.89 43.91
N HIS K 73 -15.16 -36.74 43.09
CA HIS K 73 -14.43 -37.35 41.99
C HIS K 73 -14.74 -36.63 40.68
N LEU K 74 -13.72 -36.46 39.86
CA LEU K 74 -13.87 -35.88 38.55
C LEU K 74 -14.00 -37.00 37.52
N SER K 75 -14.10 -36.59 36.26
CA SER K 75 -14.20 -37.53 35.15
C SER K 75 -13.81 -36.77 33.90
N PRO K 76 -13.00 -37.36 33.02
CA PRO K 76 -12.53 -36.61 31.85
C PRO K 76 -13.63 -36.49 30.82
N VAL K 77 -13.54 -35.42 30.02
CA VAL K 77 -14.50 -35.12 28.96
C VAL K 77 -13.77 -35.21 27.65
N HIS K 78 -14.31 -35.96 26.70
CA HIS K 78 -13.70 -36.12 25.39
C HIS K 78 -14.69 -35.61 24.35
N PHE K 79 -14.30 -34.55 23.64
CA PHE K 79 -15.18 -33.95 22.65
C PHE K 79 -15.12 -34.73 21.33
N TYR K 80 -16.12 -34.51 20.49
CA TYR K 80 -16.07 -34.91 19.09
C TYR K 80 -17.04 -34.05 18.30
N TYR K 81 -16.88 -34.10 16.98
CA TYR K 81 -17.61 -33.28 16.01
C TYR K 81 -17.31 -33.84 14.63
N ARG K 82 -18.21 -33.61 13.68
CA ARG K 82 -18.29 -34.54 12.56
C ARG K 82 -17.22 -34.30 11.48
N THR K 83 -17.01 -33.05 11.05
CA THR K 83 -16.18 -32.69 9.88
C THR K 83 -16.56 -33.47 8.62
N ASP K 84 -17.86 -33.58 8.36
CA ASP K 84 -18.29 -34.16 7.09
C ASP K 84 -18.13 -33.19 5.94
N CYS K 85 -18.19 -31.89 6.24
CA CYS K 85 -18.25 -30.86 5.23
C CYS K 85 -16.87 -30.61 4.61
N ASP K 86 -16.83 -29.65 3.69
CA ASP K 86 -15.66 -29.42 2.85
C ASP K 86 -14.56 -28.71 3.63
N SER K 87 -13.49 -28.35 2.92
CA SER K 87 -12.31 -27.77 3.56
C SER K 87 -12.57 -26.34 3.96
N SER K 88 -12.37 -26.05 5.23
CA SER K 88 -12.54 -24.71 5.78
C SER K 88 -11.20 -24.01 5.86
N THR K 89 -11.20 -22.82 6.45
CA THR K 89 -9.95 -22.10 6.70
C THR K 89 -9.35 -22.55 8.04
N THR K 90 -10.03 -22.24 9.13
CA THR K 90 -9.65 -22.70 10.47
C THR K 90 -10.82 -23.21 11.29
N SER K 91 -12.04 -22.87 10.95
CA SER K 91 -13.19 -23.18 11.78
C SER K 91 -13.53 -24.66 11.68
N LEU K 92 -14.35 -25.12 12.62
CA LEU K 92 -14.80 -26.50 12.65
C LEU K 92 -16.00 -26.66 11.74
N CYS K 93 -16.68 -27.79 11.83
CA CYS K 93 -17.83 -28.02 11.00
C CYS K 93 -19.14 -28.06 11.77
N SER K 94 -19.10 -28.39 13.07
CA SER K 94 -20.30 -28.37 13.88
C SER K 94 -19.93 -27.97 15.29
N PHE K 95 -20.92 -27.96 16.15
CA PHE K 95 -20.69 -27.56 17.53
C PHE K 95 -20.07 -28.73 18.28
N PRO K 96 -19.02 -28.52 19.04
CA PRO K 96 -18.39 -29.62 19.76
C PRO K 96 -19.23 -30.14 20.90
N VAL K 97 -19.81 -31.33 20.75
CA VAL K 97 -20.59 -31.95 21.81
C VAL K 97 -19.73 -32.98 22.51
N ALA K 98 -20.20 -33.47 23.64
CA ALA K 98 -19.51 -34.55 24.35
C ALA K 98 -20.48 -35.27 25.27
N ASN K 99 -20.68 -36.57 25.06
CA ASN K 99 -21.17 -37.45 26.11
C ASN K 99 -20.09 -37.65 27.15
N VAL K 100 -20.33 -37.17 28.32
CA VAL K 100 -19.55 -37.64 29.45
C VAL K 100 -20.34 -38.84 29.98
N SER K 101 -19.68 -39.70 30.75
CA SER K 101 -20.34 -40.85 31.32
C SER K 101 -20.10 -40.89 32.82
N LEU K 102 -21.06 -41.45 33.53
CA LEU K 102 -21.00 -41.53 34.98
C LEU K 102 -21.71 -42.81 35.37
N THR K 103 -21.90 -43.02 36.69
CA THR K 103 -22.47 -44.22 37.34
C THR K 103 -21.87 -45.52 36.79
N LYS K 104 -20.61 -45.72 37.14
CA LYS K 104 -19.83 -46.88 36.73
C LYS K 104 -20.32 -48.14 37.46
N GLY K 105 -19.57 -49.24 37.32
CA GLY K 105 -20.01 -50.57 37.76
C GLY K 105 -20.21 -50.68 39.26
N GLY K 106 -19.55 -49.85 40.05
CA GLY K 106 -19.84 -49.76 41.47
C GLY K 106 -20.81 -48.63 41.77
N ARG K 107 -21.58 -48.79 42.84
CA ARG K 107 -22.60 -47.81 43.22
C ARG K 107 -21.94 -46.61 43.91
N ASP K 108 -21.20 -45.83 43.11
CA ASP K 108 -20.55 -44.60 43.55
C ASP K 108 -20.88 -43.52 42.52
N ARG K 109 -22.04 -42.88 42.69
CA ARG K 109 -22.55 -41.93 41.71
C ARG K 109 -23.17 -40.78 42.49
N VAL K 110 -23.98 -39.97 41.80
CA VAL K 110 -24.72 -38.91 42.45
C VAL K 110 -25.75 -39.50 43.42
N LEU K 111 -25.71 -39.04 44.67
CA LEU K 111 -26.41 -39.68 45.77
C LEU K 111 -27.92 -39.53 45.64
N MET K 112 -28.64 -40.30 46.45
CA MET K 112 -30.10 -40.39 46.34
C MET K 112 -30.75 -39.08 46.76
N TYR K 113 -30.60 -38.71 48.02
CA TYR K 113 -30.79 -37.33 48.44
C TYR K 113 -29.56 -37.00 49.28
N GLY K 114 -28.48 -36.66 48.61
CA GLY K 114 -27.24 -36.36 49.29
C GLY K 114 -27.15 -34.89 49.64
N GLN K 115 -26.03 -34.53 50.23
CA GLN K 115 -25.71 -33.13 50.38
C GLN K 115 -25.50 -32.56 48.98
N PRO K 116 -26.12 -31.42 48.66
CA PRO K 116 -26.30 -31.04 47.26
C PRO K 116 -25.00 -30.69 46.55
N TYR K 117 -25.04 -30.82 45.24
CA TYR K 117 -23.86 -30.84 44.40
C TYR K 117 -23.62 -29.51 43.71
N ARG K 118 -22.35 -29.29 43.36
CA ARG K 118 -21.90 -28.06 42.70
C ARG K 118 -20.95 -28.50 41.59
N VAL K 119 -21.48 -28.66 40.39
CA VAL K 119 -20.63 -29.11 39.28
C VAL K 119 -19.91 -27.91 38.70
N THR K 120 -18.68 -28.12 38.25
CA THR K 120 -17.93 -27.10 37.53
C THR K 120 -17.29 -27.79 36.35
N LEU K 121 -17.36 -27.16 35.18
CA LEU K 121 -16.73 -27.73 34.00
C LEU K 121 -15.40 -27.04 33.84
N GLU K 122 -14.34 -27.62 34.40
CA GLU K 122 -13.02 -27.02 34.34
C GLU K 122 -12.48 -27.18 32.92
N LEU K 123 -12.55 -26.12 32.15
CA LEU K 123 -12.25 -26.09 30.74
C LEU K 123 -10.87 -25.49 30.54
N GLU K 124 -10.22 -25.83 29.43
CA GLU K 124 -8.81 -25.52 29.23
C GLU K 124 -8.65 -24.74 27.93
N LEU K 125 -7.90 -23.65 27.94
CA LEU K 125 -7.79 -22.86 26.73
C LEU K 125 -6.38 -22.31 26.57
N PRO K 126 -5.84 -22.32 25.36
CA PRO K 126 -4.58 -21.61 25.12
C PRO K 126 -4.82 -20.22 24.59
N GLU K 127 -3.85 -19.32 24.74
CA GLU K 127 -4.02 -17.94 24.31
C GLU K 127 -3.59 -17.77 22.85
N SER K 128 -4.28 -18.45 21.95
CA SER K 128 -3.98 -18.29 20.55
C SER K 128 -4.69 -17.02 20.08
N PRO K 129 -4.21 -16.38 19.02
CA PRO K 129 -4.94 -15.19 18.57
C PRO K 129 -6.36 -15.52 18.13
N VAL K 130 -6.51 -16.65 17.43
CA VAL K 130 -7.82 -17.07 16.96
C VAL K 130 -8.70 -17.30 18.15
N ASN K 131 -8.18 -17.98 19.17
CA ASN K 131 -8.93 -18.26 20.36
C ASN K 131 -9.35 -17.00 21.08
N GLN K 132 -8.46 -16.02 21.12
CA GLN K 132 -8.70 -14.74 21.72
C GLN K 132 -9.80 -13.91 21.05
N ASP K 133 -9.97 -13.96 19.73
CA ASP K 133 -11.00 -13.06 19.16
C ASP K 133 -12.48 -13.21 19.60
N LEU K 134 -12.96 -14.43 19.64
CA LEU K 134 -14.28 -14.89 20.06
C LEU K 134 -14.68 -14.20 21.35
N GLY K 135 -15.84 -13.55 21.33
CA GLY K 135 -16.18 -12.78 22.50
C GLY K 135 -16.74 -13.63 23.61
N MET K 136 -17.93 -14.14 23.42
CA MET K 136 -18.57 -14.97 24.43
C MET K 136 -19.00 -16.27 23.79
N PHE K 137 -19.08 -17.31 24.59
CA PHE K 137 -19.70 -18.52 24.10
C PHE K 137 -20.38 -19.20 25.27
N LEU K 138 -21.58 -19.72 25.03
CA LEU K 138 -22.35 -20.30 26.11
C LEU K 138 -22.15 -21.81 26.09
N VAL K 139 -21.70 -22.34 27.21
CA VAL K 139 -21.63 -23.77 27.43
C VAL K 139 -22.94 -24.22 28.08
N THR K 140 -23.61 -25.16 27.45
CA THR K 140 -24.86 -25.69 27.99
C THR K 140 -24.58 -27.03 28.61
N ILE K 141 -25.64 -27.70 29.07
CA ILE K 141 -25.52 -29.00 29.70
C ILE K 141 -26.91 -29.62 29.64
N SER K 142 -26.97 -30.94 29.70
CA SER K 142 -28.24 -31.65 29.81
C SER K 142 -27.93 -32.99 30.45
N CYS K 143 -28.64 -33.32 31.52
CA CYS K 143 -28.43 -34.58 32.20
C CYS K 143 -29.45 -35.60 31.71
N TYR K 144 -28.98 -36.79 31.35
CA TYR K 144 -29.85 -37.86 30.89
C TYR K 144 -29.88 -38.99 31.90
N THR K 145 -30.99 -39.72 31.94
CA THR K 145 -31.24 -40.69 33.00
C THR K 145 -31.26 -42.13 32.52
N ARG K 146 -32.17 -42.48 31.61
CA ARG K 146 -32.25 -43.84 31.10
C ARG K 146 -32.98 -43.75 29.77
N GLY K 147 -32.23 -43.84 28.68
CA GLY K 147 -32.76 -43.49 27.38
C GLY K 147 -32.42 -42.06 27.03
N GLY K 148 -33.06 -41.56 25.98
CA GLY K 148 -32.92 -40.16 25.61
C GLY K 148 -33.80 -39.26 26.47
N ARG K 149 -33.54 -39.25 27.76
CA ARG K 149 -34.46 -38.71 28.75
C ARG K 149 -33.76 -37.63 29.54
N ILE K 150 -33.94 -36.38 29.11
CA ILE K 150 -33.39 -35.25 29.83
C ILE K 150 -34.13 -35.06 31.16
N ILE K 151 -33.38 -34.74 32.21
CA ILE K 151 -33.98 -34.37 33.48
C ILE K 151 -33.75 -32.90 33.83
N SER K 152 -32.60 -32.34 33.49
CA SER K 152 -32.29 -30.97 33.83
C SER K 152 -31.35 -30.39 32.78
N THR K 153 -31.57 -29.12 32.44
CA THR K 153 -30.71 -28.37 31.54
C THR K 153 -30.24 -27.10 32.24
N SER K 154 -29.25 -26.45 31.65
CA SER K 154 -28.76 -25.15 32.09
C SER K 154 -28.04 -24.50 30.93
N SER K 155 -27.41 -23.36 31.21
CA SER K 155 -26.61 -22.62 30.24
C SER K 155 -25.82 -21.58 30.99
N ARG K 156 -24.55 -21.43 30.66
CA ARG K 156 -23.76 -20.34 31.19
C ARG K 156 -22.93 -19.75 30.07
N SER K 157 -23.06 -18.45 29.86
CA SER K 157 -22.11 -17.80 28.98
C SER K 157 -20.77 -17.71 29.68
N VAL K 158 -19.70 -17.71 28.90
CA VAL K 158 -18.39 -17.58 29.49
C VAL K 158 -17.51 -16.82 28.50
N MET K 159 -16.43 -16.26 29.03
CA MET K 159 -15.61 -15.25 28.40
C MET K 159 -14.17 -15.63 28.65
N LEU K 160 -13.37 -15.65 27.59
CA LEU K 160 -11.95 -15.88 27.76
C LEU K 160 -11.33 -14.64 28.42
N HIS K 161 -10.55 -14.89 29.47
CA HIS K 161 -10.11 -13.84 30.37
C HIS K 161 -9.06 -12.96 29.70
N TYR K 162 -9.39 -11.68 29.54
CA TYR K 162 -8.68 -10.78 28.62
C TYR K 162 -7.35 -10.32 29.19
N ARG K 163 -6.37 -10.14 28.29
CA ARG K 163 -5.15 -9.41 28.57
C ARG K 163 -4.79 -8.53 27.39
N SER K 164 -4.10 -7.45 27.66
CA SER K 164 -3.67 -6.56 26.58
C SER K 164 -2.44 -7.14 25.89
N ASP K 165 -2.01 -6.47 24.82
CA ASP K 165 -0.87 -6.98 24.05
C ASP K 165 0.46 -6.61 24.70
N LEU K 166 0.55 -5.41 25.24
CA LEU K 166 1.76 -4.99 25.94
C LEU K 166 1.97 -5.83 27.20
N LEU K 167 0.89 -6.21 27.86
CA LEU K 167 1.05 -7.05 29.04
C LEU K 167 1.39 -8.48 28.65
N GLN K 168 0.99 -8.93 27.46
CA GLN K 168 1.46 -10.24 27.03
C GLN K 168 2.94 -10.21 26.68
N MET K 169 3.43 -9.11 26.14
CA MET K 169 4.86 -8.99 25.89
C MET K 169 5.64 -8.97 27.19
N LEU K 170 5.15 -8.23 28.19
CA LEU K 170 5.81 -8.25 29.50
C LEU K 170 5.65 -9.60 30.20
N ASP K 171 4.57 -10.34 29.91
CA ASP K 171 4.40 -11.64 30.55
C ASP K 171 5.38 -12.65 29.97
N THR K 172 5.50 -12.70 28.65
CA THR K 172 6.44 -13.65 28.07
C THR K 172 7.87 -13.15 28.11
N LEU K 173 8.12 -11.93 28.58
CA LEU K 173 9.48 -11.50 28.83
C LEU K 173 9.91 -11.65 30.29
N VAL K 174 9.04 -11.32 31.25
CA VAL K 174 9.38 -11.49 32.66
C VAL K 174 9.44 -12.95 33.04
N PHE K 175 8.43 -13.72 32.65
CA PHE K 175 8.42 -15.15 32.96
C PHE K 175 9.11 -15.94 31.87
N SER K 176 10.31 -15.53 31.48
CA SER K 176 11.02 -16.30 30.47
C SER K 176 11.83 -17.42 31.10
N SER K 177 12.01 -17.40 32.41
CA SER K 177 12.73 -18.48 33.07
C SER K 177 11.84 -19.69 33.32
N LEU K 178 10.53 -19.48 33.47
CA LEU K 178 9.64 -20.60 33.74
C LEU K 178 9.13 -21.23 32.45
N LEU K 179 8.86 -20.41 31.44
CA LEU K 179 8.18 -20.91 30.25
C LEU K 179 9.11 -21.70 29.33
N LEU K 180 10.40 -21.42 29.36
CA LEU K 180 11.36 -22.11 28.51
C LEU K 180 11.83 -23.44 29.09
N PHE K 181 11.23 -23.91 30.18
CA PHE K 181 11.67 -25.16 30.77
C PHE K 181 10.51 -26.02 31.21
N GLY K 182 9.32 -25.81 30.66
CA GLY K 182 8.18 -26.66 30.86
C GLY K 182 7.26 -26.23 31.99
N PHE K 183 7.76 -25.46 32.93
CA PHE K 183 7.02 -25.15 34.14
C PHE K 183 5.98 -24.08 33.85
N ALA K 184 4.70 -24.44 34.06
CA ALA K 184 3.56 -23.51 34.02
C ALA K 184 3.43 -22.81 32.66
N GLU K 185 3.15 -23.60 31.63
CA GLU K 185 3.11 -23.17 30.25
C GLU K 185 1.88 -22.28 30.01
N GLN K 186 1.82 -21.63 28.84
CA GLN K 186 0.84 -20.57 28.56
C GLN K 186 -0.59 -21.08 28.38
N LYS K 187 -1.17 -21.58 29.45
CA LYS K 187 -2.56 -22.01 29.46
C LYS K 187 -3.38 -20.99 30.24
N GLN K 188 -4.70 -21.06 30.07
CA GLN K 188 -5.56 -20.11 30.75
C GLN K 188 -6.83 -20.81 31.23
N LEU K 189 -6.67 -21.86 32.04
CA LEU K 189 -7.77 -22.77 32.35
C LEU K 189 -8.94 -22.06 33.04
N LEU K 190 -10.10 -22.18 32.43
CA LEU K 190 -11.31 -21.58 32.95
C LEU K 190 -11.91 -22.43 34.04
N GLU K 191 -13.02 -21.95 34.59
CA GLU K 191 -13.82 -22.68 35.56
C GLU K 191 -15.19 -22.05 35.57
N VAL K 192 -16.21 -22.80 35.17
CA VAL K 192 -17.54 -22.23 35.08
C VAL K 192 -18.58 -23.11 35.75
N GLU K 193 -19.08 -22.68 36.91
CA GLU K 193 -20.05 -23.47 37.63
C GLU K 193 -21.42 -23.32 36.99
N LEU K 194 -22.14 -24.42 36.92
CA LEU K 194 -23.38 -24.41 36.17
C LEU K 194 -24.51 -25.20 36.81
N TYR K 195 -24.28 -25.86 37.93
CA TYR K 195 -25.34 -26.37 38.79
C TYR K 195 -25.02 -26.11 40.26
N ALA K 196 -24.72 -24.86 40.59
CA ALA K 196 -24.59 -24.45 41.99
C ALA K 196 -25.83 -24.85 42.77
N ASP K 197 -25.63 -25.71 43.77
CA ASP K 197 -26.67 -26.40 44.54
C ASP K 197 -27.56 -27.25 43.63
N TYR K 198 -26.95 -28.31 43.09
CA TYR K 198 -27.67 -29.29 42.30
C TYR K 198 -28.33 -30.34 43.19
N ARG K 199 -29.53 -30.77 42.79
CA ARG K 199 -30.26 -31.83 43.48
C ARG K 199 -30.65 -32.89 42.48
N GLU K 200 -31.03 -34.06 42.98
CA GLU K 200 -31.45 -35.18 42.14
C GLU K 200 -32.82 -35.66 42.62
N ASN K 201 -33.87 -35.02 42.12
CA ASN K 201 -35.21 -35.23 42.65
C ASN K 201 -35.92 -36.37 41.92
N SER K 202 -36.98 -36.87 42.58
CA SER K 202 -37.86 -37.98 42.20
C SER K 202 -37.14 -39.32 42.09
N TYR K 203 -35.86 -39.38 42.47
CA TYR K 203 -35.07 -40.60 42.60
C TYR K 203 -34.98 -41.40 41.31
N VAL K 204 -34.98 -40.71 40.18
CA VAL K 204 -34.56 -41.31 38.92
C VAL K 204 -33.08 -41.03 38.75
N PRO K 205 -32.26 -42.05 38.51
CA PRO K 205 -30.80 -41.85 38.58
C PRO K 205 -30.28 -41.10 37.37
N THR K 206 -29.33 -40.21 37.61
CA THR K 206 -28.66 -39.46 36.55
C THR K 206 -27.52 -40.30 36.00
N THR K 207 -27.63 -40.69 34.74
CA THR K 207 -26.59 -41.54 34.17
C THR K 207 -25.36 -40.75 33.78
N GLY K 208 -25.55 -39.61 33.11
CA GLY K 208 -24.41 -38.81 32.70
C GLY K 208 -24.82 -37.44 32.23
N ALA K 209 -24.02 -36.84 31.34
CA ALA K 209 -24.37 -35.53 30.84
C ALA K 209 -23.90 -35.38 29.40
N ILE K 210 -24.55 -34.47 28.69
CA ILE K 210 -24.21 -34.13 27.32
C ILE K 210 -23.82 -32.67 27.33
N ILE K 211 -22.53 -32.38 27.40
CA ILE K 211 -22.12 -30.99 27.49
C ILE K 211 -21.72 -30.53 26.11
N GLU K 212 -21.84 -29.22 25.85
CA GLU K 212 -21.86 -28.73 24.48
C GLU K 212 -21.56 -27.25 24.49
N ILE K 213 -20.53 -26.83 23.76
CA ILE K 213 -20.20 -25.42 23.62
C ILE K 213 -20.58 -24.95 22.23
N HIS K 214 -21.19 -23.78 22.14
CA HIS K 214 -21.76 -23.30 20.89
C HIS K 214 -20.85 -22.29 20.20
N SER K 215 -19.68 -22.73 19.75
CA SER K 215 -18.85 -21.89 18.88
C SER K 215 -18.03 -22.75 17.95
N LYS K 216 -18.19 -22.53 16.65
CA LYS K 216 -17.49 -23.33 15.66
C LYS K 216 -16.01 -23.02 15.59
N ARG K 217 -15.55 -21.97 16.26
CA ARG K 217 -14.17 -21.51 16.16
C ARG K 217 -13.64 -21.40 17.58
N ILE K 218 -13.08 -22.49 18.09
CA ILE K 218 -12.59 -22.55 19.47
C ILE K 218 -11.49 -23.60 19.52
N GLN K 219 -10.44 -23.30 20.28
CA GLN K 219 -9.30 -24.19 20.38
C GLN K 219 -9.12 -24.52 21.84
N LEU K 220 -9.25 -25.80 22.20
CA LEU K 220 -9.18 -26.18 23.60
C LEU K 220 -8.52 -27.52 23.73
N TYR K 221 -7.69 -27.68 24.75
CA TYR K 221 -6.98 -28.92 24.96
C TYR K 221 -7.90 -30.03 25.46
N GLY K 222 -8.44 -29.86 26.66
CA GLY K 222 -9.23 -30.89 27.28
C GLY K 222 -10.22 -30.31 28.26
N ALA K 223 -10.92 -31.16 29.02
CA ALA K 223 -11.96 -30.66 29.89
C ALA K 223 -12.19 -31.65 31.01
N TYR K 224 -12.24 -31.14 32.24
CA TYR K 224 -12.61 -31.95 33.41
C TYR K 224 -13.98 -31.50 33.89
N LEU K 225 -14.65 -32.39 34.62
CA LEU K 225 -15.99 -32.10 35.11
C LEU K 225 -16.02 -32.44 36.59
N ARG K 226 -15.79 -31.46 37.45
CA ARG K 226 -15.88 -31.66 38.89
C ARG K 226 -17.35 -31.79 39.27
N ILE K 227 -17.73 -32.90 39.87
CA ILE K 227 -18.91 -32.93 40.72
C ILE K 227 -18.38 -32.89 42.15
N HIS K 228 -19.04 -32.11 43.00
CA HIS K 228 -18.44 -31.80 44.29
C HIS K 228 -19.55 -31.74 45.33
N ALA K 229 -19.22 -32.13 46.56
CA ALA K 229 -20.21 -32.15 47.62
C ALA K 229 -20.10 -30.88 48.45
N HIS K 230 -20.83 -30.83 49.56
CA HIS K 230 -20.71 -29.76 50.54
C HIS K 230 -20.83 -30.28 51.97
C1 NAG L . -38.56 -15.78 32.92
C2 NAG L . -39.29 -16.77 32.01
C3 NAG L . -39.55 -18.07 32.74
C4 NAG L . -40.37 -17.86 34.01
C5 NAG L . -39.80 -16.73 34.89
C6 NAG L . -38.74 -17.17 35.89
C7 NAG L . -40.62 -15.53 30.37
C8 NAG L . -41.98 -15.01 30.02
N2 NAG L . -40.53 -16.20 31.52
O3 NAG L . -38.30 -18.68 33.07
O4 NAG L . -41.70 -17.48 33.66
O5 NAG L . -39.31 -15.60 34.16
O6 NAG L . -37.64 -17.85 35.32
O7 NAG L . -39.64 -15.34 29.65
C1 NAG L . -42.71 -18.42 34.08
C2 NAG L . -42.97 -18.38 35.60
C3 NAG L . -44.32 -17.72 35.90
C4 NAG L . -45.46 -18.45 35.20
C5 NAG L . -45.08 -18.82 33.77
C6 NAG L . -46.17 -18.48 32.77
C7 NAG L . -42.61 -19.91 37.48
C8 NAG L . -42.59 -21.34 37.92
N2 NAG L . -42.90 -19.70 36.19
O3 NAG L . -44.24 -16.37 35.47
O4 NAG L . -45.78 -19.63 35.92
O5 NAG L . -43.92 -18.08 33.37
O6 NAG L . -47.44 -18.94 33.20
O7 NAG L . -42.37 -18.99 38.25
C1 NAG M . -43.05 12.52 28.43
C2 NAG M . -44.03 11.51 27.86
C3 NAG M . -44.78 10.79 28.98
C4 NAG M . -45.51 11.77 29.88
C5 NAG M . -44.62 12.94 30.34
C6 NAG M . -43.83 12.69 31.61
C7 NAG M . -44.76 12.24 25.64
C8 NAG M . -45.83 12.94 24.86
N2 NAG M . -44.97 12.15 26.95
O3 NAG M . -43.83 10.04 29.74
O4 NAG M . -46.60 12.33 29.16
O5 NAG M . -43.73 13.43 29.33
O6 NAG M . -43.03 11.53 31.57
O7 NAG M . -43.75 11.80 25.12
C1 NAG M . -47.91 12.04 29.71
C2 NAG M . -48.20 12.80 31.01
C3 NAG M . -49.23 13.90 30.77
C4 NAG M . -50.53 13.32 30.21
C5 NAG M . -50.25 12.27 29.14
C6 NAG M . -51.10 12.46 27.91
C7 NAG M . -48.49 12.20 33.38
C8 NAG M . -49.00 11.18 34.34
N2 NAG M . -48.63 11.91 32.08
O3 NAG M . -48.68 14.84 29.87
O4 NAG M . -51.28 12.72 31.26
O5 NAG M . -48.88 12.37 28.71
O6 NAG M . -52.48 12.63 28.23
O7 NAG M . -47.98 13.26 33.76
C1 NAG N . -37.06 35.93 12.41
C2 NAG N . -38.32 35.11 12.11
C3 NAG N . -39.30 35.22 13.25
C4 NAG N . -39.69 36.66 13.54
C5 NAG N . -38.47 37.59 13.66
C6 NAG N . -37.88 37.70 15.06
C7 NAG N . -38.63 35.00 9.68
C8 NAG N . -39.35 35.57 8.51
N2 NAG N . -38.92 35.55 10.86
O3 NAG N . -38.72 34.63 14.42
O4 NAG N . -40.48 37.17 12.47
O5 NAG N . -37.42 37.31 12.72
O6 NAG N . -37.53 36.44 15.64
O7 NAG N . -37.82 34.08 9.57
C1 NAG N . -41.82 37.54 12.83
C2 NAG N . -41.88 38.84 13.64
C3 NAG N . -42.46 39.97 12.79
C4 NAG N . -43.85 39.63 12.26
C5 NAG N . -43.92 38.19 11.77
C6 NAG N . -44.59 38.06 10.42
C7 NAG N . -42.47 39.45 15.94
C8 NAG N . -43.35 39.14 17.12
N2 NAG N . -42.65 38.68 14.87
O3 NAG N . -41.56 40.22 11.71
O4 NAG N . -44.81 39.81 13.29
O5 NAG N . -42.58 37.67 11.61
O6 NAG N . -45.82 38.77 10.38
O7 NAG N . -41.65 40.35 15.97
C1 NAG O . -22.48 47.03 -10.05
C2 NAG O . -23.93 46.59 -10.24
C3 NAG O . -24.87 47.47 -9.44
C4 NAG O . -24.73 48.94 -9.83
C5 NAG O . -23.27 49.41 -9.84
C6 NAG O . -22.74 49.92 -8.52
C7 NAG O . -24.17 45.53 -12.44
C8 NAG O . -24.58 45.72 -13.86
N2 NAG O . -24.29 46.60 -11.64
O3 NAG O . -24.58 47.31 -8.05
O4 NAG O . -25.25 49.13 -11.14
O5 NAG O . -22.34 48.44 -10.37
O6 NAG O . -22.87 49.01 -7.44
O7 NAG O . -23.72 44.46 -12.01
C1 NAG O . -26.39 50.00 -11.21
C2 NAG O . -26.02 51.49 -11.01
C3 NAG O . -26.12 52.26 -12.33
C4 NAG O . -27.51 52.15 -12.94
C5 NAG O . -28.06 50.73 -12.83
C6 NAG O . -28.67 50.23 -14.11
C7 NAG O . -26.46 53.18 -9.29
C8 NAG O . -27.43 53.70 -8.28
N2 NAG O . -26.84 52.11 -9.99
O3 NAG O . -25.14 51.72 -13.22
O4 NAG O . -28.39 53.04 -12.26
O5 NAG O . -26.99 49.82 -12.51
O6 NAG O . -29.57 51.19 -14.66
O7 NAG O . -25.36 53.71 -9.46
C1 NAG P . -3.94 42.30 -31.83
C2 NAG P . -5.44 42.27 -32.11
C3 NAG P . -6.04 43.66 -31.91
C4 NAG P . -5.37 44.69 -32.81
C5 NAG P . -3.84 44.65 -32.73
C6 NAG P . -3.23 45.50 -31.64
C7 NAG P . -5.92 40.49 -33.71
C8 NAG P . -6.18 40.16 -35.14
N2 NAG P . -5.71 41.78 -33.44
O3 NAG P . -5.89 44.03 -30.54
O4 NAG P . -5.73 44.44 -34.16
O5 NAG P . -3.30 43.32 -32.65
O6 NAG P . -3.72 45.24 -30.34
O7 NAG P . -5.91 39.63 -32.83
C1 NAG P . -6.48 45.50 -34.79
C2 NAG P . -5.62 46.73 -35.12
C3 NAG P . -5.39 46.83 -36.63
C4 NAG P . -6.70 46.90 -37.40
C5 NAG P . -7.72 45.90 -36.85
C6 NAG P . -8.41 45.11 -37.93
C7 NAG P . -5.51 49.04 -34.33
C8 NAG P . -6.29 50.22 -33.81
N2 NAG P . -6.23 47.95 -34.61
O3 NAG P . -4.63 45.70 -37.03
O4 NAG P . -7.24 48.21 -37.31
O5 NAG P . -7.05 44.96 -36.01
O6 NAG P . -8.89 45.95 -38.97
O7 NAG P . -4.29 49.08 -34.48
C1 NAG Q . 12.70 23.25 -46.00
C2 NAG Q . 11.31 23.56 -46.53
C3 NAG Q . 11.22 25.00 -47.01
C4 NAG Q . 12.25 25.28 -48.10
C5 NAG Q . 13.67 24.82 -47.72
C6 NAG Q . 14.49 25.83 -46.95
C7 NAG Q . 10.28 21.49 -47.37
C8 NAG Q . 9.99 20.66 -48.57
N2 NAG Q . 10.94 22.64 -47.59
O3 NAG Q . 11.43 25.86 -45.90
O4 NAG Q . 11.89 24.58 -49.29
O5 NAG Q . 13.70 23.56 -47.02
O6 NAG Q . 13.88 26.32 -45.77
O7 NAG Q . 9.96 21.15 -46.23
C1 NAG Q . 11.58 25.44 -50.42
C2 NAG Q . 12.84 26.08 -51.03
C3 NAG Q . 13.17 25.45 -52.38
C4 NAG Q . 12.00 25.56 -53.35
C5 NAG Q . 10.67 25.27 -52.65
C6 NAG Q . 9.79 24.33 -53.45
C7 NAG Q . 13.73 28.36 -51.20
C8 NAG Q . 13.40 29.81 -51.35
N2 NAG Q . 12.69 27.52 -51.17
O3 NAG Q . 13.49 24.08 -52.15
O4 NAG Q . 11.96 26.88 -53.89
O5 NAG Q . 10.92 24.63 -51.40
O6 NAG Q . 9.68 24.74 -54.82
O7 NAG Q . 14.89 27.96 -51.12
C1 NAG R . 22.13 -4.12 -48.06
C2 NAG R . 20.97 -3.67 -48.93
C3 NAG R . 21.41 -2.64 -49.95
C4 NAG R . 22.53 -3.18 -50.84
C5 NAG R . 23.67 -3.82 -50.05
C6 NAG R . 24.77 -2.88 -49.59
C7 NAG R . 19.31 -5.47 -49.06
C8 NAG R . 18.79 -6.62 -49.88
N2 NAG R . 20.34 -4.80 -49.59
O3 NAG R . 21.87 -1.47 -49.26
O4 NAG R . 22.00 -4.17 -51.71
O5 NAG R . 23.23 -4.60 -48.91
O6 NAG R . 24.31 -1.77 -48.85
O7 NAG R . 18.84 -5.18 -47.97
C1 NAG R . 22.06 -3.85 -53.11
C2 NAG R . 23.49 -3.96 -53.68
C3 NAG R . 23.63 -5.18 -54.57
C4 NAG R . 22.62 -5.15 -55.72
C5 NAG R . 21.25 -4.70 -55.23
C6 NAG R . 20.14 -5.58 -55.75
C7 NAG R . 25.14 -2.35 -54.56
C8 NAG R . 25.35 -1.09 -55.33
N2 NAG R . 23.87 -2.74 -54.39
O3 NAG R . 23.45 -6.34 -53.77
O4 NAG R . 23.08 -4.25 -56.73
O5 NAG R . 21.20 -4.78 -53.80
O6 NAG R . 20.23 -5.79 -57.16
O7 NAG R . 26.08 -3.01 -54.10
C1 NAG S . 21.37 -31.04 -37.39
C2 NAG S . 20.48 -30.68 -38.56
C3 NAG S . 21.31 -30.37 -39.80
C4 NAG S . 22.20 -31.56 -40.18
C5 NAG S . 22.99 -32.11 -38.99
C6 NAG S . 24.34 -31.44 -38.74
C7 NAG S . 18.30 -31.77 -38.30
C8 NAG S . 17.45 -32.95 -38.68
N2 NAG S . 19.53 -31.75 -38.83
O3 NAG S . 22.11 -29.23 -39.55
O4 NAG S . 21.39 -32.63 -40.66
O5 NAG S . 22.26 -32.13 -37.75
O6 NAG S . 24.26 -30.03 -38.60
O7 NAG S . 17.91 -30.90 -37.52
C1 NAG S . 21.62 -32.98 -42.04
C2 NAG S . 22.95 -33.74 -42.24
C3 NAG S . 22.69 -35.21 -42.54
C4 NAG S . 21.80 -35.39 -43.77
C5 NAG S . 20.66 -34.38 -43.78
C6 NAG S . 19.33 -35.02 -44.11
C7 NAG S . 25.09 -33.27 -43.34
C8 NAG S . 25.77 -32.58 -44.49
N2 NAG S . 23.76 -33.13 -43.29
O3 NAG S . 22.07 -35.79 -41.40
O4 NAG S . 22.59 -35.20 -44.95
O5 NAG S . 20.53 -33.81 -42.47
O6 NAG S . 19.41 -35.84 -45.27
O7 NAG S . 25.72 -33.90 -42.50
C1 NAG T . 10.66 -49.03 -17.33
C2 NAG T . 10.00 -48.97 -18.71
C3 NAG T . 10.94 -49.50 -19.78
C4 NAG T . 11.37 -50.94 -19.48
C5 NAG T . 11.87 -51.13 -18.04
C6 NAG T . 13.35 -50.86 -17.83
C7 NAG T . 7.57 -49.13 -18.45
C8 NAG T . 6.38 -50.04 -18.49
N2 NAG T . 8.74 -49.70 -18.72
O3 NAG T . 12.08 -48.66 -19.84
O4 NAG T . 10.26 -51.80 -19.66
O5 NAG T . 11.12 -50.39 -17.06
O6 NAG T . 13.77 -49.58 -18.27
O7 NAG T . 7.48 -47.94 -18.16
C1 NAG T . 10.41 -52.78 -20.71
C2 NAG T . 11.39 -53.91 -20.34
C3 NAG T . 10.65 -55.22 -20.08
C4 NAG T . 9.81 -55.63 -21.29
C5 NAG T . 9.10 -54.43 -21.91
C6 NAG T . 7.64 -54.72 -22.21
C7 NAG T . 13.61 -54.63 -21.10
C8 NAG T . 14.53 -54.74 -22.28
N2 NAG T . 12.41 -54.09 -21.36
O3 NAG T . 9.80 -55.02 -18.95
O4 NAG T . 10.66 -56.22 -22.27
O5 NAG T . 9.11 -53.33 -20.98
O6 NAG T . 7.48 -55.94 -22.91
O7 NAG T . 13.94 -55.00 -19.97
C1 NAG U . -6.61 -52.37 5.73
C2 NAG U . -7.14 -52.71 4.34
C3 NAG U . -6.40 -53.91 3.77
C4 NAG U . -6.52 -55.12 4.68
C5 NAG U . -6.19 -54.81 6.14
C6 NAG U . -4.72 -54.94 6.51
C7 NAG U . -9.47 -52.00 4.18
C8 NAG U . -10.91 -52.43 4.26
N2 NAG U . -8.57 -52.96 4.39
O3 NAG U . -5.03 -53.57 3.60
O4 NAG U . -7.85 -55.61 4.65
O5 NAG U . -6.67 -53.53 6.59
O6 NAG U . -3.85 -54.16 5.70
O7 NAG U . -9.16 -50.84 3.94
C1 NAG U . -8.01 -56.94 4.12
C2 NAG U . -7.51 -58.03 5.09
C3 NAG U . -8.68 -58.80 5.69
C4 NAG U . -9.55 -59.43 4.61
C5 NAG U . -9.78 -58.47 3.44
C6 NAG U . -11.22 -58.40 3.01
C7 NAG U . -5.66 -59.64 5.10
C8 NAG U . -4.79 -60.53 4.28
N2 NAG U . -6.58 -58.93 4.44
O3 NAG U . -9.45 -57.89 6.47
O4 NAG U . -8.93 -60.60 4.12
O5 NAG U . -9.42 -57.14 3.84
O6 NAG U . -11.77 -59.70 2.82
O7 NAG U . -5.54 -59.56 6.32
C1 NAG V . -24.94 -39.97 24.47
C2 NAG V . -25.51 -40.71 23.25
C3 NAG V . -25.21 -42.20 23.35
C4 NAG V . -25.79 -42.79 24.63
C5 NAG V . -25.44 -41.99 25.88
C6 NAG V . -24.13 -42.38 26.55
C7 NAG V . -27.43 -39.47 22.38
C8 NAG V . -28.92 -39.38 22.34
N2 NAG V . -26.93 -40.47 23.12
O3 NAG V . -23.80 -42.39 23.32
O4 NAG V . -27.21 -42.82 24.53
O5 NAG V . -25.46 -40.57 25.69
O6 NAG V . -23.00 -42.34 25.68
O7 NAG V . -26.71 -38.69 21.77
C1 NAG V . -27.80 -44.13 24.55
C2 NAG V . -27.76 -44.79 25.94
C3 NAG V . -29.15 -44.82 26.56
C4 NAG V . -30.15 -45.57 25.67
C5 NAG V . -29.96 -45.20 24.20
C6 NAG V . -31.26 -44.90 23.50
C7 NAG V . -26.61 -46.71 26.95
C8 NAG V . -26.07 -48.08 26.72
N2 NAG V . -27.19 -46.12 25.90
O3 NAG V . -29.59 -43.48 26.76
O4 NAG V . -29.95 -46.97 25.82
O5 NAG V . -29.16 -44.00 24.11
O6 NAG V . -32.23 -45.91 23.74
O7 NAG V . -26.51 -46.14 28.04
#